data_8T7A
#
_entry.id   8T7A
#
_cell.length_a   1.00
_cell.length_b   1.00
_cell.length_c   1.00
_cell.angle_alpha   90.00
_cell.angle_beta   90.00
_cell.angle_gamma   90.00
#
_symmetry.space_group_name_H-M   'P 1'
#
loop_
_entity.id
_entity.type
_entity.pdbx_description
1 polymer 'Fusion glycoprotein F2'
2 polymer 'Fusion glycoprotein F1'
3 polymer '2.4K Fab Heavy Chain'
4 polymer '2.4K Fab Light Chain'
5 non-polymer 2-acetamido-2-deoxy-beta-D-glucopyranose
#
loop_
_entity_poly.entity_id
_entity_poly.type
_entity_poly.pdbx_seq_one_letter_code
_entity_poly.pdbx_strand_id
1 'polypeptide(L)'
;QNITEEFYQSTCSAVSKGYLSALRTGWYTSVITIELSNIKEIKCNGTDAKVKLIKQELDKYKNAVTELQLLMQSTPAANN
RARR
;
A,B,C
2 'polypeptide(L)'
;FLGFLLGVGSAIASGVAVSKVLHLEGEVNKIKSALLSTNKAVVSLSNGVSVLTSKVLDLKNYIDKQLLPIVNKQSCSIPN
IETVIEFQQKNNRLLEITREFSVNAGVTTPVSTYMLTNSELLSLINDMPITNDQKKLMSNNVQIVRQQSYSIMSIIKEEV
LAYVVQLPLYGVIDTPCWKLHTSPLCTTNTKEGSNICLTRTDRGWYCDNAGSVSFFPQAETCKVQSNRVFCDTMNSLTLP
SEVNLCNVDIFNPKYDCKIMTSKTDVSSSVITSLGAIVSCYGKTKCTASNKNRGIIKTFSNGCDYVSNKGVDTVSVGNTL
YYVNKQEGKSLYVKGEPIINFYDPLVFPSDEFDASISQVNEKINQSLAFIRKSDELLGSGYIPEAPRDGQAYVRKDGEWV
LLSTFLGRSLEVLFQGPGHHHHHHHHSAWSHPQFEK
;
a,b,c
3 'polypeptide(L)'
;QVQLVQSGGEVKKPGASVKVSCKASGYTFTYYGISWVRQAPGQGLEWMGWISAYNGNTNYEQKFQGRVTMTTDTSTGTAY
MELRSLTSDDTAVYYCARDRIVVVTAANYYGLDVWGQGTTVTVSS
;
D,F,H
4 'polypeptide(L)'
;DIQLTQSPDSLAVSLGERATINCKSSQSVLYRPNNKNFLAWYQQKPGQPPKLLIYWASTRQSGVPDRFSGSGSGTDFTLT
ISSLQAEDVAVYYCQQYHTTPLTFGGGTKVDIK
;
E,G,I
#
loop_
_chem_comp.id
_chem_comp.type
_chem_comp.name
_chem_comp.formula
NAG D-saccharide, beta linking 2-acetamido-2-deoxy-beta-D-glucopyranose 'C8 H15 N O6'
#
# COMPACT_ATOMS: atom_id res chain seq x y z
N ASN A 2 -1.96 -36.07 -5.82
CA ASN A 2 -1.35 -34.95 -6.53
C ASN A 2 -1.61 -33.65 -5.79
N ILE A 3 -2.52 -32.83 -6.33
CA ILE A 3 -2.85 -31.53 -5.77
C ILE A 3 -4.00 -31.70 -4.79
N THR A 4 -3.80 -31.24 -3.56
CA THR A 4 -4.85 -31.29 -2.54
C THR A 4 -5.05 -29.90 -1.96
N GLU A 5 -6.20 -29.69 -1.35
CA GLU A 5 -6.54 -28.41 -0.75
C GLU A 5 -7.22 -28.64 0.59
N GLU A 6 -6.91 -27.77 1.55
CA GLU A 6 -7.51 -27.83 2.88
C GLU A 6 -8.00 -26.45 3.25
N PHE A 7 -9.29 -26.34 3.58
CA PHE A 7 -9.90 -25.09 4.01
C PHE A 7 -10.05 -25.09 5.52
N TYR A 8 -9.65 -24.00 6.16
CA TYR A 8 -9.77 -23.81 7.60
C TYR A 8 -10.78 -22.71 7.86
N GLN A 9 -11.90 -23.10 8.51
CA GLN A 9 -12.97 -22.17 8.85
C GLN A 9 -12.62 -21.25 10.00
N SER A 10 -11.78 -21.69 10.94
CA SER A 10 -11.39 -20.84 12.06
C SER A 10 -10.70 -19.58 11.59
N THR A 11 -9.80 -19.70 10.61
CA THR A 11 -9.08 -18.55 10.10
C THR A 11 -9.51 -18.12 8.71
N CYS A 12 -10.50 -18.80 8.14
CA CYS A 12 -11.03 -18.42 6.82
C CYS A 12 -9.86 -18.41 5.83
N SER A 13 -9.09 -19.51 5.80
CA SER A 13 -7.94 -19.59 4.91
C SER A 13 -7.80 -20.98 4.31
N ALA A 14 -7.33 -21.03 3.06
CA ALA A 14 -7.13 -22.28 2.35
C ALA A 14 -5.66 -22.48 2.04
N VAL A 15 -5.20 -23.73 2.12
CA VAL A 15 -3.84 -24.11 1.79
C VAL A 15 -3.90 -25.19 0.71
N SER A 16 -3.23 -24.94 -0.41
CA SER A 16 -3.16 -25.91 -1.50
C SER A 16 -1.75 -26.49 -1.58
N LYS A 17 -1.65 -27.80 -1.41
CA LYS A 17 -0.40 -28.54 -1.39
C LYS A 17 -0.34 -29.51 -2.56
N GLY A 18 0.84 -30.09 -2.74
CA GLY A 18 1.09 -31.04 -3.81
C GLY A 18 1.90 -30.49 -4.97
N TYR A 19 2.46 -29.30 -4.85
CA TYR A 19 3.22 -28.69 -5.92
C TYR A 19 4.71 -28.98 -5.76
N LEU A 20 5.42 -28.89 -6.87
CA LEU A 20 6.86 -29.14 -6.91
C LEU A 20 7.60 -27.85 -7.28
N SER A 21 8.77 -27.66 -6.67
CA SER A 21 9.45 -26.38 -6.72
C SER A 21 10.31 -26.24 -7.97
N ALA A 22 10.41 -25.01 -8.47
CA ALA A 22 11.45 -24.61 -9.42
C ALA A 22 11.84 -23.16 -9.08
N LEU A 23 12.79 -23.02 -8.17
CA LEU A 23 13.20 -21.70 -7.70
C LEU A 23 14.40 -21.22 -8.47
N ARG A 24 14.30 -20.03 -9.05
CA ARG A 24 15.41 -19.43 -9.77
C ARG A 24 16.34 -18.84 -8.73
N THR A 25 17.49 -19.49 -8.52
CA THR A 25 18.49 -19.08 -7.55
C THR A 25 19.64 -18.29 -8.15
N GLY A 26 19.96 -18.48 -9.42
CA GLY A 26 21.08 -17.75 -9.99
C GLY A 26 20.91 -17.37 -11.44
N TRP A 27 21.94 -16.79 -12.04
CA TRP A 27 21.89 -16.38 -13.43
C TRP A 27 23.06 -17.00 -14.18
N TYR A 28 22.82 -17.37 -15.45
CA TYR A 28 23.87 -17.84 -16.34
C TYR A 28 23.95 -16.89 -17.53
N THR A 29 25.14 -16.37 -17.80
CA THR A 29 25.28 -15.35 -18.84
C THR A 29 25.98 -15.94 -20.07
N SER A 30 25.47 -15.64 -21.25
CA SER A 30 26.05 -16.07 -22.51
C SER A 30 26.08 -14.92 -23.49
N VAL A 31 26.94 -15.03 -24.48
CA VAL A 31 27.18 -14.00 -25.48
C VAL A 31 26.72 -14.54 -26.82
N ILE A 32 25.83 -13.80 -27.48
CA ILE A 32 25.33 -14.16 -28.80
C ILE A 32 25.83 -13.11 -29.77
N THR A 33 26.50 -13.56 -30.83
CA THR A 33 27.17 -12.68 -31.78
C THR A 33 26.63 -12.91 -33.18
N ILE A 34 26.64 -11.84 -33.96
CA ILE A 34 26.23 -11.86 -35.36
C ILE A 34 27.35 -11.25 -36.18
N GLU A 35 27.76 -11.94 -37.24
CA GLU A 35 28.84 -11.44 -38.09
C GLU A 35 28.26 -10.46 -39.11
N LEU A 36 28.59 -9.18 -38.95
CA LEU A 36 28.08 -8.15 -39.85
C LEU A 36 29.06 -7.85 -40.96
N SER A 37 28.58 -7.13 -41.98
CA SER A 37 29.38 -6.72 -43.12
C SER A 37 29.58 -5.22 -43.09
N ASN A 38 30.78 -4.78 -43.47
CA ASN A 38 31.15 -3.37 -43.43
C ASN A 38 30.96 -2.69 -44.78
N ILE A 39 30.50 -3.43 -45.80
CA ILE A 39 30.36 -2.89 -47.15
C ILE A 39 29.22 -1.88 -47.22
N LYS A 40 29.45 -0.81 -47.97
CA LYS A 40 28.45 0.21 -48.15
C LYS A 40 27.56 -0.14 -49.36
N GLU A 41 26.71 0.81 -49.78
CA GLU A 41 25.88 0.60 -50.95
C GLU A 41 26.72 0.55 -52.23
N ILE A 42 26.30 -0.30 -53.17
CA ILE A 42 27.03 -0.44 -54.42
C ILE A 42 26.94 0.84 -55.23
N LYS A 43 28.08 1.26 -55.81
CA LYS A 43 28.12 2.49 -56.59
C LYS A 43 27.41 2.36 -57.92
N CYS A 44 27.05 1.15 -58.35
CA CYS A 44 26.43 0.96 -59.65
C CYS A 44 25.07 1.65 -59.70
N ASN A 45 24.71 2.15 -60.89
CA ASN A 45 23.41 2.73 -61.15
C ASN A 45 22.79 2.08 -62.38
N GLY A 46 21.47 1.97 -62.37
CA GLY A 46 20.77 1.35 -63.48
C GLY A 46 19.28 1.46 -63.30
N THR A 47 18.56 1.04 -64.34
CA THR A 47 17.11 1.09 -64.36
C THR A 47 16.46 -0.22 -63.95
N ASP A 48 17.25 -1.23 -63.60
CA ASP A 48 16.68 -2.52 -63.23
C ASP A 48 15.95 -2.41 -61.89
N ALA A 49 14.82 -3.13 -61.79
CA ALA A 49 14.03 -3.07 -60.58
C ALA A 49 14.59 -3.96 -59.48
N LYS A 50 15.24 -5.06 -59.87
CA LYS A 50 15.78 -5.99 -58.88
C LYS A 50 16.94 -5.37 -58.13
N VAL A 51 17.81 -4.65 -58.85
CA VAL A 51 18.92 -3.99 -58.18
C VAL A 51 18.40 -2.88 -57.27
N LYS A 52 17.30 -2.23 -57.64
CA LYS A 52 16.70 -1.23 -56.75
C LYS A 52 16.13 -1.87 -55.48
N LEU A 53 15.53 -3.06 -55.60
CA LEU A 53 15.04 -3.77 -54.41
C LEU A 53 16.20 -4.15 -53.49
N ILE A 54 17.30 -4.64 -54.09
CA ILE A 54 18.50 -4.97 -53.33
C ILE A 54 19.07 -3.73 -52.66
N LYS A 55 19.08 -2.60 -53.36
CA LYS A 55 19.55 -1.36 -52.75
C LYS A 55 18.67 -0.96 -51.57
N GLN A 56 17.35 -1.10 -51.71
CA GLN A 56 16.45 -0.78 -50.60
C GLN A 56 16.69 -1.70 -49.41
N GLU A 57 16.88 -3.00 -49.65
CA GLU A 57 17.16 -3.93 -48.55
C GLU A 57 18.49 -3.61 -47.88
N LEU A 58 19.50 -3.25 -48.68
CA LEU A 58 20.80 -2.88 -48.13
C LEU A 58 20.70 -1.59 -47.32
N ASP A 59 19.86 -0.64 -47.76
CA ASP A 59 19.63 0.56 -46.97
C ASP A 59 18.98 0.23 -45.64
N LYS A 60 18.02 -0.70 -45.65
CA LYS A 60 17.42 -1.13 -44.39
C LYS A 60 18.45 -1.76 -43.47
N TYR A 61 19.32 -2.59 -44.03
CA TYR A 61 20.38 -3.23 -43.23
C TYR A 61 21.32 -2.19 -42.63
N LYS A 62 21.74 -1.21 -43.43
CA LYS A 62 22.63 -0.16 -42.94
C LYS A 62 21.96 0.69 -41.88
N ASN A 63 20.68 1.00 -42.06
CA ASN A 63 19.94 1.76 -41.06
C ASN A 63 19.85 0.98 -39.75
N ALA A 64 19.64 -0.33 -39.84
CA ALA A 64 19.61 -1.16 -38.64
C ALA A 64 20.96 -1.14 -37.94
N VAL A 65 22.05 -1.26 -38.70
CA VAL A 65 23.37 -1.21 -38.10
C VAL A 65 23.61 0.14 -37.43
N THR A 66 23.19 1.23 -38.08
CA THR A 66 23.41 2.56 -37.52
C THR A 66 22.61 2.74 -36.24
N GLU A 67 21.37 2.23 -36.21
CA GLU A 67 20.56 2.31 -35.02
C GLU A 67 21.18 1.51 -33.87
N LEU A 68 21.72 0.33 -34.17
CA LEU A 68 22.41 -0.46 -33.16
C LEU A 68 23.64 0.27 -32.63
N GLN A 69 24.38 0.92 -33.52
CA GLN A 69 25.54 1.70 -33.10
C GLN A 69 25.14 2.86 -32.20
N LEU A 70 24.05 3.56 -32.53
CA LEU A 70 23.53 4.62 -31.67
C LEU A 70 23.11 4.06 -30.31
N LEU A 71 22.50 2.87 -30.30
CA LEU A 71 22.12 2.25 -29.03
C LEU A 71 23.33 1.99 -28.17
N MET A 72 24.36 1.38 -28.75
CA MET A 72 25.58 1.08 -28.01
C MET A 72 26.25 2.36 -27.49
N GLN A 73 26.30 3.40 -28.31
CA GLN A 73 26.95 4.66 -27.90
C GLN A 73 26.04 5.40 -26.95
N PHE B 1 -0.01 -8.77 0.56
CA PHE B 1 0.12 -7.59 1.40
C PHE B 1 1.51 -7.27 1.95
N LEU B 2 2.37 -8.28 1.99
CA LEU B 2 3.70 -8.16 2.59
C LEU B 2 4.77 -7.83 1.56
N GLY B 3 4.38 -7.47 0.33
CA GLY B 3 5.36 -7.18 -0.70
C GLY B 3 6.27 -6.02 -0.39
N PHE B 4 5.87 -5.16 0.55
CA PHE B 4 6.73 -4.07 0.99
C PHE B 4 7.90 -4.54 1.86
N LEU B 5 7.85 -5.76 2.38
CA LEU B 5 8.96 -6.29 3.19
C LEU B 5 10.13 -6.74 2.35
N LEU B 6 9.96 -6.89 1.04
CA LEU B 6 11.00 -7.43 0.18
C LEU B 6 12.14 -6.43 0.00
N GLY B 7 13.33 -6.96 -0.23
CA GLY B 7 14.48 -6.13 -0.56
C GLY B 7 14.49 -5.74 -2.02
N VAL B 8 15.47 -4.90 -2.37
CA VAL B 8 15.60 -4.38 -3.73
C VAL B 8 16.87 -4.95 -4.34
N GLY B 9 16.73 -5.54 -5.53
CA GLY B 9 17.86 -6.11 -6.23
C GLY B 9 18.05 -5.49 -7.59
N SER B 10 18.92 -6.07 -8.42
CA SER B 10 19.09 -5.62 -9.81
C SER B 10 19.15 -6.85 -10.70
N ALA B 11 18.12 -7.06 -11.52
CA ALA B 11 18.02 -8.34 -12.23
C ALA B 11 19.13 -8.52 -13.26
N ILE B 12 19.46 -7.46 -13.99
CA ILE B 12 20.43 -7.54 -15.08
C ILE B 12 21.84 -7.22 -14.58
N ALA B 13 22.00 -7.02 -13.27
CA ALA B 13 23.29 -6.59 -12.73
C ALA B 13 24.41 -7.51 -13.19
N SER B 14 24.14 -8.82 -13.23
CA SER B 14 25.17 -9.75 -13.67
C SER B 14 25.44 -9.58 -15.16
N GLY B 15 24.35 -9.58 -15.93
CA GLY B 15 24.46 -9.56 -17.39
C GLY B 15 25.16 -8.31 -17.89
N VAL B 16 24.73 -7.16 -17.37
CA VAL B 16 25.38 -5.90 -17.74
C VAL B 16 26.87 -5.97 -17.41
N ALA B 17 27.21 -6.60 -16.29
CA ALA B 17 28.62 -6.74 -15.94
C ALA B 17 29.40 -7.40 -17.07
N VAL B 18 28.90 -8.53 -17.58
CA VAL B 18 29.54 -9.19 -18.71
C VAL B 18 29.56 -8.26 -19.92
N SER B 19 28.46 -7.53 -20.13
CA SER B 19 28.40 -6.55 -21.20
C SER B 19 29.56 -5.57 -21.10
N LYS B 20 29.83 -5.08 -19.88
CA LYS B 20 30.92 -4.15 -19.66
C LYS B 20 32.25 -4.76 -20.08
N VAL B 21 32.48 -6.03 -19.72
CA VAL B 21 33.74 -6.69 -20.08
C VAL B 21 33.91 -6.71 -21.57
N LEU B 22 32.80 -6.75 -22.28
CA LEU B 22 32.79 -6.76 -23.73
C LEU B 22 33.28 -5.47 -24.37
N HIS B 23 33.30 -4.37 -23.62
CA HIS B 23 33.79 -3.10 -24.14
C HIS B 23 35.30 -2.97 -24.00
N LEU B 24 35.92 -3.82 -23.19
CA LEU B 24 37.36 -3.78 -23.04
C LEU B 24 38.06 -4.22 -24.32
N GLU B 25 39.21 -3.60 -24.59
CA GLU B 25 39.92 -3.89 -25.81
C GLU B 25 40.40 -5.33 -25.82
N GLY B 26 40.16 -6.00 -26.94
CA GLY B 26 40.65 -7.33 -27.18
C GLY B 26 39.61 -8.40 -27.02
N GLU B 27 38.53 -8.10 -26.30
CA GLU B 27 37.52 -9.10 -25.97
C GLU B 27 36.71 -9.49 -27.19
N VAL B 28 36.27 -8.49 -27.97
CA VAL B 28 35.57 -8.78 -29.21
C VAL B 28 36.46 -9.55 -30.17
N ASN B 29 37.75 -9.21 -30.20
CA ASN B 29 38.69 -9.93 -31.06
C ASN B 29 38.87 -11.36 -30.59
N LYS B 30 38.93 -11.56 -29.27
CA LYS B 30 39.00 -12.91 -28.72
C LYS B 30 37.78 -13.73 -29.10
N ILE B 31 36.57 -13.19 -28.91
CA ILE B 31 35.35 -13.92 -29.25
C ILE B 31 35.30 -14.20 -30.76
N LYS B 32 35.75 -13.25 -31.58
CA LYS B 32 35.77 -13.44 -33.03
C LYS B 32 36.72 -14.55 -33.43
N SER B 33 37.90 -14.58 -32.83
CA SER B 33 38.87 -15.64 -33.12
C SER B 33 38.37 -16.99 -32.66
N ALA B 34 37.66 -17.02 -31.52
CA ALA B 34 37.17 -18.29 -31.01
C ALA B 34 36.10 -18.91 -31.93
N LEU B 35 35.25 -18.07 -32.50
CA LEU B 35 34.20 -18.48 -33.45
C LEU B 35 34.63 -18.34 -34.92
N LEU B 36 35.93 -18.39 -35.19
CA LEU B 36 36.41 -18.24 -36.57
C LEU B 36 35.95 -19.40 -37.47
N SER B 37 36.01 -20.63 -36.96
CA SER B 37 35.66 -21.85 -37.68
C SER B 37 34.47 -22.60 -37.10
N THR B 38 33.93 -22.15 -35.96
CA THR B 38 32.82 -22.82 -35.28
C THR B 38 31.74 -21.83 -34.87
N ASN B 39 30.50 -22.29 -34.82
CA ASN B 39 29.40 -21.45 -34.40
C ASN B 39 29.12 -21.52 -32.90
N LYS B 40 29.93 -22.27 -32.15
CA LYS B 40 29.75 -22.43 -30.72
C LYS B 40 31.12 -22.64 -30.09
N ALA B 41 31.40 -21.89 -29.03
CA ALA B 41 32.69 -22.01 -28.36
C ALA B 41 32.54 -21.52 -26.92
N VAL B 42 33.59 -21.76 -26.15
CA VAL B 42 33.70 -21.31 -24.76
C VAL B 42 34.88 -20.36 -24.67
N VAL B 43 34.65 -19.16 -24.15
CA VAL B 43 35.65 -18.09 -24.14
C VAL B 43 35.84 -17.62 -22.71
N SER B 44 37.10 -17.45 -22.32
CA SER B 44 37.46 -16.90 -21.02
C SER B 44 37.89 -15.45 -21.19
N LEU B 45 37.19 -14.54 -20.50
CA LEU B 45 37.36 -13.12 -20.73
C LEU B 45 38.56 -12.66 -19.89
N SER B 46 38.76 -11.34 -19.82
CA SER B 46 39.93 -10.81 -19.13
C SER B 46 39.85 -11.11 -17.64
N ASN B 47 38.65 -10.99 -17.07
CA ASN B 47 38.47 -11.25 -15.64
C ASN B 47 38.48 -12.75 -15.32
N GLY B 48 38.57 -13.61 -16.33
CA GLY B 48 38.66 -15.04 -16.13
C GLY B 48 37.36 -15.79 -16.18
N VAL B 49 36.22 -15.09 -16.29
CA VAL B 49 34.93 -15.77 -16.34
C VAL B 49 34.79 -16.50 -17.68
N SER B 50 34.27 -17.72 -17.62
CA SER B 50 34.09 -18.56 -18.79
C SER B 50 32.65 -18.47 -19.25
N VAL B 51 32.45 -18.07 -20.51
CA VAL B 51 31.12 -17.85 -21.07
C VAL B 51 30.98 -18.60 -22.39
N LEU B 52 29.80 -19.15 -22.63
CA LEU B 52 29.47 -19.74 -23.91
C LEU B 52 29.17 -18.64 -24.93
N THR B 53 29.80 -18.73 -26.09
CA THR B 53 29.59 -17.79 -27.19
C THR B 53 29.08 -18.54 -28.41
N SER B 54 28.07 -17.97 -29.07
CA SER B 54 27.45 -18.59 -30.23
C SER B 54 27.32 -17.57 -31.35
N LYS B 55 27.43 -18.06 -32.58
CA LYS B 55 27.23 -17.25 -33.78
C LYS B 55 25.92 -17.72 -34.42
N VAL B 56 24.87 -16.93 -34.23
CA VAL B 56 23.54 -17.35 -34.70
C VAL B 56 23.31 -16.97 -36.15
N LEU B 57 23.82 -15.82 -36.58
CA LEU B 57 23.63 -15.34 -37.93
C LEU B 57 24.97 -14.86 -38.48
N ASP B 58 25.20 -15.11 -39.77
CA ASP B 58 26.43 -14.70 -40.46
C ASP B 58 26.01 -13.95 -41.72
N LEU B 59 25.75 -12.65 -41.56
CA LEU B 59 25.41 -11.82 -42.70
C LEU B 59 26.63 -11.46 -43.54
N LYS B 60 27.82 -11.46 -42.94
CA LYS B 60 29.03 -11.09 -43.67
C LYS B 60 29.27 -12.04 -44.84
N ASN B 61 29.16 -13.35 -44.59
CA ASN B 61 29.43 -14.33 -45.64
C ASN B 61 28.47 -14.14 -46.81
N TYR B 62 27.16 -14.06 -46.53
CA TYR B 62 26.19 -13.91 -47.60
C TYR B 62 26.39 -12.60 -48.37
N ILE B 63 26.57 -11.49 -47.63
CA ILE B 63 26.66 -10.20 -48.28
C ILE B 63 27.90 -10.11 -49.16
N ASP B 64 29.05 -10.57 -48.65
CA ASP B 64 30.30 -10.38 -49.38
C ASP B 64 30.61 -11.49 -50.38
N LYS B 65 29.96 -12.65 -50.30
CA LYS B 65 30.28 -13.75 -51.19
C LYS B 65 29.13 -14.19 -52.08
N GLN B 66 27.89 -13.84 -51.76
CA GLN B 66 26.74 -14.29 -52.53
C GLN B 66 25.92 -13.16 -53.11
N LEU B 67 26.22 -11.91 -52.79
CA LEU B 67 25.49 -10.76 -53.32
C LEU B 67 26.36 -9.89 -54.20
N LEU B 68 27.49 -9.41 -53.69
CA LEU B 68 28.39 -8.59 -54.51
C LEU B 68 28.96 -9.32 -55.72
N PRO B 69 29.45 -10.55 -55.63
CA PRO B 69 30.00 -11.20 -56.83
C PRO B 69 29.01 -11.37 -57.97
N ILE B 70 27.73 -11.60 -57.68
CA ILE B 70 26.76 -11.94 -58.72
C ILE B 70 26.15 -10.71 -59.36
N VAL B 71 26.47 -9.51 -58.90
CA VAL B 71 26.00 -8.28 -59.51
C VAL B 71 27.11 -7.70 -60.36
N ASN B 72 26.76 -7.24 -61.55
CA ASN B 72 27.74 -6.60 -62.43
C ASN B 72 28.03 -5.18 -61.93
N LYS B 73 29.15 -4.62 -62.39
CA LYS B 73 29.51 -3.26 -62.03
C LYS B 73 29.26 -2.27 -63.16
N GLN B 74 29.06 -2.76 -64.38
CA GLN B 74 28.67 -1.93 -65.51
C GLN B 74 27.23 -2.28 -65.86
N SER B 75 26.32 -1.33 -65.66
CA SER B 75 24.89 -1.52 -65.90
C SER B 75 24.38 -2.74 -65.13
N CYS B 76 24.45 -2.64 -63.80
CA CYS B 76 24.14 -3.78 -62.93
C CYS B 76 22.71 -4.27 -63.15
N SER B 77 22.58 -5.58 -63.29
CA SER B 77 21.28 -6.23 -63.42
C SER B 77 21.41 -7.64 -62.87
N ILE B 78 20.66 -7.94 -61.82
CA ILE B 78 20.78 -9.26 -61.18
C ILE B 78 20.11 -10.31 -62.05
N PRO B 79 20.77 -11.44 -62.31
CA PRO B 79 20.14 -12.45 -63.18
C PRO B 79 18.85 -13.04 -62.64
N ASN B 80 18.73 -13.21 -61.33
CA ASN B 80 17.63 -13.97 -60.75
C ASN B 80 16.92 -13.17 -59.67
N ILE B 81 15.58 -13.23 -59.68
CA ILE B 81 14.79 -12.56 -58.67
C ILE B 81 14.94 -13.24 -57.31
N GLU B 82 15.12 -14.56 -57.30
CA GLU B 82 15.16 -15.31 -56.04
C GLU B 82 16.19 -14.77 -55.08
N THR B 83 17.35 -14.33 -55.60
CA THR B 83 18.38 -13.75 -54.74
C THR B 83 17.81 -12.65 -53.85
N VAL B 84 17.03 -11.74 -54.44
CA VAL B 84 16.43 -10.66 -53.67
C VAL B 84 15.63 -11.24 -52.51
N ILE B 85 14.78 -12.22 -52.80
CA ILE B 85 13.95 -12.83 -51.76
C ILE B 85 14.83 -13.39 -50.67
N GLU B 86 15.90 -14.10 -51.05
CA GLU B 86 16.79 -14.68 -50.05
C GLU B 86 17.35 -13.59 -49.14
N PHE B 87 17.80 -12.49 -49.75
CA PHE B 87 18.33 -11.39 -48.95
C PHE B 87 17.28 -10.89 -47.97
N GLN B 88 16.05 -10.70 -48.45
CA GLN B 88 14.99 -10.21 -47.58
C GLN B 88 14.81 -11.13 -46.39
N GLN B 89 14.87 -12.45 -46.63
CA GLN B 89 14.76 -13.38 -45.52
C GLN B 89 15.93 -13.21 -44.55
N LYS B 90 17.15 -13.23 -45.07
CA LYS B 90 18.32 -13.32 -44.20
C LYS B 90 18.48 -12.05 -43.36
N ASN B 91 18.16 -10.89 -43.95
CA ASN B 91 18.23 -9.64 -43.22
C ASN B 91 17.08 -9.48 -42.24
N ASN B 92 15.93 -10.12 -42.51
CA ASN B 92 14.73 -9.86 -41.73
C ASN B 92 14.99 -10.02 -40.23
N ARG B 93 15.58 -11.15 -39.83
CA ARG B 93 15.82 -11.40 -38.42
C ARG B 93 16.61 -10.25 -37.79
N LEU B 94 17.69 -9.82 -38.45
CA LEU B 94 18.48 -8.72 -37.91
C LEU B 94 17.60 -7.51 -37.68
N LEU B 95 16.81 -7.14 -38.68
CA LEU B 95 15.93 -5.98 -38.53
C LEU B 95 15.05 -6.13 -37.31
N GLU B 96 14.45 -7.32 -37.15
CA GLU B 96 13.57 -7.55 -36.02
C GLU B 96 14.31 -7.34 -34.70
N ILE B 97 15.53 -7.88 -34.61
CA ILE B 97 16.31 -7.71 -33.39
C ILE B 97 16.47 -6.23 -33.10
N THR B 98 16.88 -5.46 -34.11
CA THR B 98 17.07 -4.03 -33.92
C THR B 98 15.79 -3.39 -33.42
N ARG B 99 14.66 -3.74 -34.04
CA ARG B 99 13.38 -3.16 -33.64
C ARG B 99 13.13 -3.39 -32.17
N GLU B 100 13.33 -4.63 -31.70
CA GLU B 100 13.05 -4.92 -30.31
C GLU B 100 13.95 -4.09 -29.40
N PHE B 101 15.23 -3.99 -29.75
CA PHE B 101 16.14 -3.23 -28.91
C PHE B 101 15.72 -1.77 -28.87
N SER B 102 15.35 -1.20 -30.02
CA SER B 102 14.92 0.18 -30.06
C SER B 102 13.68 0.39 -29.20
N VAL B 103 12.81 -0.63 -29.12
CA VAL B 103 11.63 -0.51 -28.29
C VAL B 103 12.01 -0.54 -26.81
N ASN B 104 13.00 -1.36 -26.44
CA ASN B 104 13.25 -1.66 -25.04
C ASN B 104 14.52 -1.01 -24.50
N ALA B 105 15.12 -0.08 -25.24
CA ALA B 105 16.30 0.65 -24.80
C ALA B 105 17.46 -0.30 -24.48
N GLY B 106 17.60 -1.36 -25.26
CA GLY B 106 18.73 -2.25 -25.17
C GLY B 106 18.58 -3.41 -24.19
N VAL B 107 17.52 -3.45 -23.40
CA VAL B 107 17.26 -4.53 -22.46
C VAL B 107 15.85 -5.03 -22.69
N THR B 108 15.73 -6.25 -23.23
CA THR B 108 14.43 -6.82 -23.59
C THR B 108 14.16 -8.05 -22.74
N THR B 109 12.94 -8.13 -22.20
CA THR B 109 12.46 -9.31 -21.49
C THR B 109 10.97 -9.40 -21.73
N PRO B 110 10.43 -10.58 -22.05
CA PRO B 110 11.11 -11.88 -22.20
C PRO B 110 11.90 -11.97 -23.48
N VAL B 111 12.79 -12.97 -23.60
CA VAL B 111 13.61 -13.13 -24.79
C VAL B 111 12.75 -13.75 -25.90
N SER B 112 12.71 -13.09 -27.05
CA SER B 112 11.88 -13.53 -28.15
C SER B 112 12.62 -14.59 -28.97
N THR B 113 11.94 -15.12 -29.98
CA THR B 113 12.56 -16.11 -30.86
C THR B 113 13.52 -15.50 -31.85
N TYR B 114 13.45 -14.18 -32.08
CA TYR B 114 14.44 -13.52 -32.92
C TYR B 114 15.79 -13.47 -32.23
N MET B 115 15.81 -13.10 -30.93
CA MET B 115 17.05 -13.04 -30.19
C MET B 115 17.67 -14.43 -30.03
N LEU B 116 16.85 -15.43 -29.75
CA LEU B 116 17.34 -16.78 -29.47
C LEU B 116 16.25 -17.77 -29.85
N THR B 117 16.46 -18.50 -30.95
CA THR B 117 15.45 -19.44 -31.42
C THR B 117 15.35 -20.63 -30.46
N ASN B 118 14.33 -21.46 -30.70
CA ASN B 118 14.10 -22.61 -29.83
C ASN B 118 15.27 -23.58 -29.85
N SER B 119 15.79 -23.88 -31.05
CA SER B 119 16.92 -24.80 -31.16
C SER B 119 18.16 -24.23 -30.48
N GLU B 120 18.44 -22.95 -30.68
CA GLU B 120 19.61 -22.33 -30.06
C GLU B 120 19.47 -22.31 -28.54
N LEU B 121 18.28 -22.02 -28.03
CA LEU B 121 18.07 -22.04 -26.58
C LEU B 121 18.23 -23.44 -26.03
N LEU B 122 17.73 -24.46 -26.73
CA LEU B 122 17.89 -25.83 -26.26
C LEU B 122 19.36 -26.24 -26.28
N SER B 123 20.11 -25.83 -27.30
CA SER B 123 21.53 -26.13 -27.35
C SER B 123 22.28 -25.44 -26.20
N LEU B 124 21.93 -24.19 -25.91
CA LEU B 124 22.54 -23.50 -24.77
C LEU B 124 22.23 -24.21 -23.47
N ILE B 125 20.99 -24.66 -23.31
CA ILE B 125 20.60 -25.41 -22.12
C ILE B 125 21.43 -26.69 -22.00
N ASN B 126 21.61 -27.40 -23.11
CA ASN B 126 22.41 -28.62 -23.09
C ASN B 126 23.87 -28.34 -22.75
N ASP B 127 24.41 -27.23 -23.22
CA ASP B 127 25.82 -26.90 -22.99
C ASP B 127 26.06 -26.20 -21.67
N MET B 128 25.01 -25.86 -20.91
CA MET B 128 25.20 -25.18 -19.64
C MET B 128 25.79 -26.14 -18.61
N PRO B 129 26.64 -25.63 -17.71
CA PRO B 129 27.26 -26.49 -16.68
C PRO B 129 26.35 -26.71 -15.47
N ILE B 130 25.29 -27.49 -15.69
CA ILE B 130 24.30 -27.79 -14.65
C ILE B 130 24.04 -29.28 -14.65
N THR B 131 23.30 -29.74 -13.64
CA THR B 131 22.97 -31.14 -13.51
C THR B 131 21.97 -31.56 -14.58
N ASN B 132 21.87 -32.88 -14.79
CA ASN B 132 20.94 -33.40 -15.79
C ASN B 132 19.49 -33.17 -15.40
N ASP B 133 19.19 -33.15 -14.10
CA ASP B 133 17.83 -32.87 -13.66
C ASP B 133 17.41 -31.45 -14.05
N GLN B 134 18.30 -30.47 -13.84
CA GLN B 134 17.99 -29.11 -14.25
C GLN B 134 17.89 -28.99 -15.76
N LYS B 135 18.74 -29.70 -16.49
CA LYS B 135 18.66 -29.69 -17.95
C LYS B 135 17.32 -30.24 -18.43
N LYS B 136 16.84 -31.32 -17.81
CA LYS B 136 15.54 -31.86 -18.16
C LYS B 136 14.43 -30.91 -17.77
N LEU B 137 14.53 -30.27 -16.61
CA LEU B 137 13.47 -29.38 -16.14
C LEU B 137 13.32 -28.17 -17.04
N MET B 138 14.45 -27.55 -17.40
CA MET B 138 14.42 -26.33 -18.20
C MET B 138 14.34 -26.62 -19.68
N SER B 139 14.76 -27.80 -20.09
CA SER B 139 14.60 -28.17 -21.49
C SER B 139 13.11 -28.23 -21.69
N ASN B 140 12.38 -28.53 -20.63
CA ASN B 140 10.92 -28.50 -20.69
C ASN B 140 10.54 -27.12 -20.24
N ASN B 141 9.28 -26.71 -20.39
CA ASN B 141 8.96 -25.38 -19.88
C ASN B 141 9.92 -24.34 -20.45
N VAL B 142 10.17 -24.44 -21.76
CA VAL B 142 11.05 -23.47 -22.42
C VAL B 142 10.43 -22.08 -22.40
N GLN B 143 9.10 -22.00 -22.48
CA GLN B 143 8.43 -20.72 -22.39
C GLN B 143 8.66 -20.03 -21.06
N ILE B 144 8.78 -20.78 -19.96
CA ILE B 144 9.08 -20.16 -18.67
C ILE B 144 10.51 -19.64 -18.63
N VAL B 145 11.45 -20.39 -19.21
CA VAL B 145 12.84 -19.93 -19.31
C VAL B 145 12.89 -18.64 -20.13
N ARG B 146 12.11 -18.58 -21.21
CA ARG B 146 12.04 -17.36 -22.00
C ARG B 146 11.48 -16.20 -21.17
N GLN B 147 10.41 -16.47 -20.41
CA GLN B 147 9.78 -15.41 -19.63
C GLN B 147 10.64 -14.96 -18.46
N GLN B 148 11.61 -15.77 -18.02
CA GLN B 148 12.48 -15.42 -16.91
C GLN B 148 13.87 -15.01 -17.37
N SER B 149 14.06 -14.74 -18.66
CA SER B 149 15.37 -14.41 -19.21
C SER B 149 15.42 -12.96 -19.66
N TYR B 150 16.63 -12.45 -19.81
CA TYR B 150 16.89 -11.09 -20.26
C TYR B 150 17.81 -11.12 -21.48
N SER B 151 17.73 -10.07 -22.29
CA SER B 151 18.59 -9.90 -23.45
C SER B 151 19.14 -8.48 -23.42
N ILE B 152 20.45 -8.34 -23.23
CA ILE B 152 21.09 -7.05 -23.04
C ILE B 152 21.96 -6.77 -24.26
N MET B 153 21.68 -5.65 -24.93
CA MET B 153 22.56 -5.17 -25.99
C MET B 153 23.90 -4.76 -25.40
N SER B 154 24.99 -5.27 -25.99
CA SER B 154 26.32 -5.03 -25.43
C SER B 154 27.20 -4.19 -26.33
N ILE B 155 27.47 -4.62 -27.57
CA ILE B 155 28.45 -3.92 -28.40
C ILE B 155 28.18 -4.23 -29.86
N ILE B 156 28.58 -3.31 -30.73
CA ILE B 156 28.60 -3.54 -32.17
C ILE B 156 29.85 -2.89 -32.73
N LYS B 157 30.88 -3.69 -33.01
CA LYS B 157 32.14 -3.16 -33.48
C LYS B 157 32.96 -4.28 -34.12
N GLU B 158 33.92 -3.87 -34.95
CA GLU B 158 34.78 -4.79 -35.71
C GLU B 158 33.94 -5.82 -36.45
N GLU B 159 32.87 -5.34 -37.09
CA GLU B 159 31.98 -6.18 -37.88
C GLU B 159 31.38 -7.32 -37.05
N VAL B 160 31.21 -7.11 -35.76
CA VAL B 160 30.62 -8.09 -34.86
C VAL B 160 29.58 -7.40 -34.00
N LEU B 161 28.35 -7.92 -34.02
CA LEU B 161 27.27 -7.41 -33.18
C LEU B 161 27.04 -8.43 -32.07
N ALA B 162 27.41 -8.07 -30.84
CA ALA B 162 27.33 -9.00 -29.71
C ALA B 162 26.35 -8.45 -28.68
N TYR B 163 25.45 -9.32 -28.21
CA TYR B 163 24.57 -9.01 -27.10
C TYR B 163 24.64 -10.14 -26.09
N VAL B 164 24.06 -9.90 -24.92
CA VAL B 164 24.19 -10.78 -23.77
C VAL B 164 22.82 -11.36 -23.43
N VAL B 165 22.76 -12.67 -23.29
CA VAL B 165 21.54 -13.38 -22.89
C VAL B 165 21.75 -13.90 -21.48
N GLN B 166 20.84 -13.54 -20.58
CA GLN B 166 20.93 -13.86 -19.17
C GLN B 166 19.79 -14.83 -18.83
N LEU B 167 20.12 -16.13 -18.69
CA LEU B 167 19.20 -17.23 -18.47
C LEU B 167 19.09 -17.56 -16.98
N PRO B 168 17.93 -18.06 -16.55
CA PRO B 168 17.77 -18.43 -15.14
C PRO B 168 18.56 -19.68 -14.77
N LEU B 169 18.85 -19.80 -13.48
CA LEU B 169 19.50 -20.98 -12.91
C LEU B 169 18.65 -21.44 -11.73
N TYR B 170 18.05 -22.62 -11.88
CA TYR B 170 17.17 -23.19 -10.85
C TYR B 170 18.00 -24.15 -10.00
N GLY B 171 18.54 -23.63 -8.89
CA GLY B 171 19.30 -24.46 -7.98
C GLY B 171 18.48 -25.26 -7.01
N VAL B 172 17.21 -24.91 -6.83
CA VAL B 172 16.31 -25.60 -5.92
C VAL B 172 15.13 -26.11 -6.74
N ILE B 173 15.02 -27.43 -6.87
CA ILE B 173 13.94 -28.06 -7.62
C ILE B 173 13.39 -29.23 -6.82
N ASP B 174 12.13 -29.57 -7.11
CA ASP B 174 11.43 -30.74 -6.58
C ASP B 174 11.21 -30.69 -5.07
N THR B 175 11.42 -29.54 -4.44
CA THR B 175 11.10 -29.47 -3.02
C THR B 175 9.62 -29.14 -2.83
N PRO B 176 9.03 -29.52 -1.70
CA PRO B 176 7.61 -29.27 -1.49
C PRO B 176 7.27 -27.78 -1.52
N CYS B 177 6.11 -27.49 -2.10
CA CYS B 177 5.65 -26.12 -2.19
C CYS B 177 4.15 -26.09 -1.97
N TRP B 178 3.65 -24.98 -1.45
CA TRP B 178 2.22 -24.84 -1.22
C TRP B 178 1.83 -23.38 -1.32
N LYS B 179 0.52 -23.15 -1.47
CA LYS B 179 -0.02 -21.80 -1.61
C LYS B 179 -1.05 -21.53 -0.53
N LEU B 180 -1.04 -20.32 0.02
CA LEU B 180 -1.95 -19.89 1.06
C LEU B 180 -2.84 -18.78 0.52
N HIS B 181 -4.16 -19.01 0.55
CA HIS B 181 -5.16 -18.02 0.20
C HIS B 181 -5.88 -17.59 1.47
N THR B 182 -6.06 -16.31 1.63
CA THR B 182 -6.68 -15.80 2.79
C THR B 182 -7.79 -14.88 2.41
N SER B 183 -8.87 -14.92 3.13
CA SER B 183 -9.95 -13.99 2.93
C SER B 183 -10.26 -13.39 4.28
N PRO B 184 -11.20 -12.45 4.34
CA PRO B 184 -11.52 -11.75 5.59
C PRO B 184 -12.55 -12.32 6.50
N LEU B 185 -12.25 -12.38 7.78
CA LEU B 185 -13.14 -12.92 8.76
C LEU B 185 -13.66 -11.86 9.64
N CYS B 186 -14.95 -11.54 9.51
CA CYS B 186 -15.57 -10.51 10.33
C CYS B 186 -16.76 -11.04 11.09
N THR B 187 -17.09 -10.40 12.20
CA THR B 187 -18.29 -10.77 12.93
C THR B 187 -19.50 -10.36 12.10
N THR B 188 -20.48 -11.25 11.96
CA THR B 188 -21.64 -10.94 11.13
C THR B 188 -22.79 -10.37 11.93
N ASN B 189 -22.52 -9.35 12.73
CA ASN B 189 -23.56 -8.70 13.51
C ASN B 189 -24.51 -7.92 12.60
N THR B 190 -25.69 -7.62 13.13
CA THR B 190 -26.72 -6.96 12.35
C THR B 190 -26.37 -5.51 12.04
N LYS B 191 -25.91 -4.77 13.05
CA LYS B 191 -25.65 -3.35 12.88
C LYS B 191 -24.48 -3.13 11.91
N GLU B 192 -24.58 -2.09 11.09
CA GLU B 192 -23.61 -1.87 10.02
C GLU B 192 -22.23 -1.55 10.57
N GLY B 193 -22.14 -0.71 11.60
CA GLY B 193 -20.86 -0.26 12.09
C GLY B 193 -20.36 -0.95 13.34
N SER B 194 -20.97 -2.08 13.69
CA SER B 194 -20.61 -2.82 14.89
C SER B 194 -19.76 -4.05 14.60
N ASN B 195 -19.23 -4.17 13.38
CA ASN B 195 -18.55 -5.38 12.93
C ASN B 195 -17.05 -5.18 12.96
N ILE B 196 -16.34 -6.07 13.65
CA ILE B 196 -14.89 -6.11 13.66
C ILE B 196 -14.42 -7.26 12.79
N CYS B 197 -13.25 -7.12 12.18
CA CYS B 197 -12.79 -8.15 11.25
C CYS B 197 -11.30 -8.37 11.30
N LEU B 198 -10.84 -9.45 10.67
CA LEU B 198 -9.42 -9.72 10.62
C LEU B 198 -9.08 -10.63 9.45
N THR B 199 -7.95 -10.39 8.77
CA THR B 199 -7.55 -11.15 7.65
C THR B 199 -6.14 -11.55 7.88
N ARG B 200 -5.71 -12.65 7.36
CA ARG B 200 -4.31 -13.01 7.41
C ARG B 200 -3.58 -12.40 6.22
N THR B 201 -2.44 -11.76 6.51
CA THR B 201 -1.67 -11.06 5.49
C THR B 201 -0.59 -11.91 4.85
N ASP B 202 -0.44 -13.16 5.28
CA ASP B 202 0.65 -14.01 4.81
C ASP B 202 0.25 -14.86 3.61
N ARG B 203 -0.61 -14.37 2.77
CA ARG B 203 -1.00 -15.04 1.57
C ARG B 203 0.13 -15.14 0.60
N GLY B 204 0.16 -16.18 -0.18
CA GLY B 204 1.20 -16.29 -1.19
C GLY B 204 1.79 -17.68 -1.23
N TRP B 205 2.96 -17.80 -1.83
CA TRP B 205 3.58 -19.10 -2.04
C TRP B 205 4.65 -19.36 -0.97
N TYR B 206 4.74 -20.61 -0.54
CA TYR B 206 5.77 -21.05 0.39
C TYR B 206 6.46 -22.27 -0.18
N CYS B 207 7.79 -22.29 -0.17
CA CYS B 207 8.54 -23.46 -0.67
C CYS B 207 9.68 -23.85 0.23
N ASP B 208 9.80 -25.13 0.54
CA ASP B 208 10.92 -25.62 1.34
C ASP B 208 12.23 -25.38 0.61
N ASN B 209 13.23 -24.88 1.34
CA ASN B 209 14.50 -24.53 0.72
C ASN B 209 15.59 -24.53 1.80
N ALA B 210 16.47 -25.52 1.74
CA ALA B 210 17.68 -25.58 2.58
C ALA B 210 17.35 -25.45 4.06
N GLY B 211 16.31 -26.17 4.50
CA GLY B 211 15.93 -26.16 5.89
C GLY B 211 15.10 -24.98 6.33
N SER B 212 14.80 -24.05 5.43
CA SER B 212 13.95 -22.92 5.73
C SER B 212 12.80 -22.87 4.73
N VAL B 213 12.03 -21.80 4.74
CA VAL B 213 10.94 -21.60 3.80
C VAL B 213 11.15 -20.30 3.06
N SER B 214 11.13 -20.37 1.73
CA SER B 214 11.09 -19.18 0.89
C SER B 214 9.63 -18.77 0.71
N PHE B 215 9.32 -17.53 1.07
CA PHE B 215 7.97 -17.01 1.01
C PHE B 215 7.90 -15.94 -0.08
N PHE B 216 6.98 -16.13 -1.02
CA PHE B 216 6.75 -15.21 -2.12
C PHE B 216 5.40 -14.55 -1.91
N PRO B 217 5.36 -13.27 -1.52
CA PRO B 217 4.06 -12.64 -1.22
C PRO B 217 3.24 -12.34 -2.46
N GLN B 218 3.88 -11.91 -3.54
CA GLN B 218 3.20 -11.64 -4.80
C GLN B 218 3.11 -12.95 -5.58
N ALA B 219 2.03 -13.69 -5.31
CA ALA B 219 1.80 -14.97 -5.98
C ALA B 219 1.56 -14.83 -7.48
N GLU B 220 1.31 -13.60 -7.96
CA GLU B 220 1.17 -13.38 -9.40
C GLU B 220 2.50 -13.52 -10.12
N THR B 221 3.61 -13.17 -9.46
CA THR B 221 4.92 -13.31 -10.08
C THR B 221 5.27 -14.77 -10.35
N CYS B 222 4.95 -15.66 -9.41
CA CYS B 222 5.23 -17.07 -9.58
C CYS B 222 4.37 -17.65 -10.70
N LYS B 223 4.98 -18.51 -11.52
CA LYS B 223 4.31 -19.10 -12.67
C LYS B 223 4.09 -20.59 -12.43
N VAL B 224 2.85 -21.03 -12.54
CA VAL B 224 2.48 -22.42 -12.24
C VAL B 224 2.17 -23.13 -13.55
N GLN B 225 2.91 -24.20 -13.82
CA GLN B 225 2.66 -25.09 -14.95
C GLN B 225 2.47 -26.49 -14.39
N SER B 226 1.24 -27.00 -14.51
CA SER B 226 0.84 -28.28 -13.91
C SER B 226 1.06 -28.18 -12.41
N ASN B 227 1.86 -29.05 -11.80
CA ASN B 227 2.17 -28.97 -10.39
C ASN B 227 3.55 -28.37 -10.13
N ARG B 228 4.17 -27.78 -11.14
CA ARG B 228 5.47 -27.14 -11.01
C ARG B 228 5.29 -25.64 -10.84
N VAL B 229 6.00 -25.06 -9.88
CA VAL B 229 5.92 -23.64 -9.59
C VAL B 229 7.30 -23.03 -9.81
N PHE B 230 7.40 -22.11 -10.76
CA PHE B 230 8.63 -21.38 -11.04
C PHE B 230 8.55 -20.04 -10.33
N CYS B 231 9.47 -19.81 -9.40
CA CYS B 231 9.47 -18.60 -8.59
C CYS B 231 10.85 -17.97 -8.56
N ASP B 232 10.88 -16.65 -8.50
CA ASP B 232 12.13 -15.89 -8.42
C ASP B 232 12.47 -15.65 -6.96
N THR B 233 13.63 -16.12 -6.52
CA THR B 233 14.04 -15.96 -5.13
C THR B 233 14.31 -14.51 -4.76
N MET B 234 14.46 -13.62 -5.74
CA MET B 234 14.67 -12.20 -5.43
C MET B 234 13.47 -11.61 -4.71
N ASN B 235 12.26 -11.98 -5.12
CA ASN B 235 11.04 -11.49 -4.49
C ASN B 235 10.53 -12.50 -3.45
N SER B 236 11.40 -12.79 -2.46
CA SER B 236 11.09 -13.79 -1.46
C SER B 236 11.72 -13.40 -0.14
N LEU B 237 11.21 -14.01 0.93
CA LEU B 237 11.75 -13.85 2.28
C LEU B 237 12.08 -15.22 2.85
N THR B 238 13.16 -15.29 3.61
CA THR B 238 13.55 -16.54 4.27
C THR B 238 12.92 -16.57 5.66
N LEU B 239 12.17 -17.63 5.93
CA LEU B 239 11.44 -17.78 7.17
C LEU B 239 11.74 -19.15 7.77
N PRO B 240 11.58 -19.30 9.08
CA PRO B 240 11.71 -20.63 9.68
C PRO B 240 10.57 -21.54 9.26
N SER B 241 10.81 -22.85 9.39
CA SER B 241 9.80 -23.82 9.01
C SER B 241 8.54 -23.70 9.87
N GLU B 242 8.69 -23.19 11.10
CA GLU B 242 7.57 -23.11 12.03
C GLU B 242 6.42 -22.27 11.50
N VAL B 243 6.63 -21.49 10.43
CA VAL B 243 5.55 -20.73 9.83
C VAL B 243 4.43 -21.65 9.37
N ASN B 244 4.77 -22.87 8.94
CA ASN B 244 3.74 -23.82 8.54
C ASN B 244 2.77 -24.12 9.68
N LEU B 245 3.25 -24.03 10.92
CA LEU B 245 2.37 -24.28 12.07
C LEU B 245 1.18 -23.32 12.08
N CYS B 246 1.35 -22.13 11.52
CA CYS B 246 0.25 -21.17 11.48
C CYS B 246 -0.95 -21.71 10.71
N ASN B 247 -0.74 -22.67 9.81
CA ASN B 247 -1.86 -23.27 9.09
C ASN B 247 -2.68 -24.19 9.99
N VAL B 248 -2.02 -24.86 10.95
CA VAL B 248 -2.72 -25.81 11.80
C VAL B 248 -3.12 -25.22 13.14
N ASP B 249 -2.47 -24.14 13.59
CA ASP B 249 -2.81 -23.51 14.86
C ASP B 249 -2.37 -22.05 14.78
N ILE B 250 -3.34 -21.16 14.56
CA ILE B 250 -3.03 -19.75 14.42
C ILE B 250 -2.50 -19.16 15.72
N PHE B 251 -2.80 -19.78 16.86
CA PHE B 251 -2.34 -19.32 18.16
C PHE B 251 -1.19 -20.16 18.71
N ASN B 252 -0.43 -20.81 17.83
CA ASN B 252 0.68 -21.64 18.28
C ASN B 252 1.77 -20.77 18.91
N PRO B 253 2.47 -21.29 19.93
CA PRO B 253 3.50 -20.50 20.61
C PRO B 253 4.84 -20.47 19.89
N LYS B 254 5.02 -21.24 18.82
CA LYS B 254 6.31 -21.28 18.13
C LYS B 254 6.48 -20.10 17.21
N TYR B 255 5.46 -19.78 16.41
CA TYR B 255 5.53 -18.73 15.41
C TYR B 255 4.42 -17.72 15.64
N ASP B 256 4.71 -16.46 15.35
CA ASP B 256 3.76 -15.37 15.46
C ASP B 256 3.17 -15.10 14.08
N CYS B 257 1.91 -15.50 13.88
CA CYS B 257 1.28 -15.39 12.58
C CYS B 257 0.84 -13.96 12.31
N LYS B 258 1.12 -13.48 11.10
CA LYS B 258 0.83 -12.10 10.74
C LYS B 258 -0.62 -11.95 10.30
N ILE B 259 -1.31 -10.96 10.85
CA ILE B 259 -2.70 -10.66 10.54
C ILE B 259 -2.86 -9.15 10.39
N MET B 260 -4.01 -8.74 9.89
CA MET B 260 -4.41 -7.35 9.87
C MET B 260 -5.87 -7.26 10.32
N THR B 261 -6.19 -6.14 10.96
CA THR B 261 -7.49 -5.90 11.55
C THR B 261 -8.15 -4.71 10.86
N SER B 262 -9.48 -4.75 10.80
CA SER B 262 -10.23 -3.65 10.20
C SER B 262 -11.64 -3.66 10.76
N LYS B 263 -12.39 -2.60 10.44
CA LYS B 263 -13.80 -2.51 10.79
C LYS B 263 -14.71 -2.50 9.57
N THR B 264 -14.14 -2.68 8.37
CA THR B 264 -14.91 -2.69 7.13
C THR B 264 -15.15 -4.14 6.72
N ASP B 265 -16.43 -4.51 6.58
CA ASP B 265 -16.82 -5.87 6.23
C ASP B 265 -17.49 -5.84 4.86
N VAL B 266 -16.77 -6.23 3.83
CA VAL B 266 -17.26 -6.23 2.49
C VAL B 266 -17.24 -7.66 2.01
N SER B 267 -18.17 -8.03 1.16
CA SER B 267 -18.27 -9.38 0.64
C SER B 267 -17.34 -9.56 -0.54
N SER B 268 -16.59 -10.65 -0.59
CA SER B 268 -15.73 -10.97 -1.69
C SER B 268 -15.49 -12.46 -1.80
N SER B 269 -14.89 -12.86 -2.89
CA SER B 269 -14.55 -14.24 -3.13
C SER B 269 -13.09 -14.36 -3.53
N VAL B 270 -12.39 -15.36 -2.98
CA VAL B 270 -11.02 -15.70 -3.34
C VAL B 270 -11.06 -17.04 -4.05
N ILE B 271 -10.73 -17.07 -5.34
CA ILE B 271 -10.75 -18.28 -6.13
C ILE B 271 -9.42 -19.01 -5.90
N THR B 272 -9.50 -20.15 -5.22
CA THR B 272 -8.32 -20.92 -4.87
C THR B 272 -8.04 -21.94 -5.97
N SER B 273 -7.10 -22.86 -5.71
CA SER B 273 -6.72 -23.84 -6.73
C SER B 273 -7.81 -24.88 -6.93
N LEU B 274 -8.42 -25.36 -5.84
CA LEU B 274 -9.40 -26.45 -5.91
C LEU B 274 -10.77 -26.01 -5.43
N GLY B 275 -11.04 -24.71 -5.37
CA GLY B 275 -12.33 -24.24 -4.90
C GLY B 275 -12.44 -22.74 -4.85
N ALA B 276 -13.23 -22.26 -3.89
CA ALA B 276 -13.48 -20.84 -3.74
C ALA B 276 -13.89 -20.55 -2.30
N ILE B 277 -13.25 -19.54 -1.71
CA ILE B 277 -13.63 -19.02 -0.40
C ILE B 277 -14.56 -17.82 -0.61
N VAL B 278 -15.66 -17.80 0.11
CA VAL B 278 -16.67 -16.75 -0.02
C VAL B 278 -16.85 -16.08 1.33
N SER B 279 -16.58 -14.79 1.39
CA SER B 279 -16.84 -13.97 2.55
C SER B 279 -18.14 -13.20 2.23
N CYS B 280 -19.29 -13.52 2.83
CA CYS B 280 -20.57 -12.87 2.58
C CYS B 280 -20.96 -12.07 3.81
N TYR B 281 -21.06 -10.76 3.70
CA TYR B 281 -21.36 -9.94 4.80
C TYR B 281 -22.45 -8.97 4.38
N GLY B 282 -23.17 -8.34 5.31
CA GLY B 282 -24.20 -7.36 5.02
C GLY B 282 -25.39 -7.97 4.31
N LYS B 283 -26.00 -7.18 3.42
CA LYS B 283 -27.16 -7.62 2.66
C LYS B 283 -26.78 -8.22 1.31
N THR B 284 -25.49 -8.40 1.05
CA THR B 284 -25.05 -9.01 -0.20
C THR B 284 -25.52 -10.46 -0.29
N LYS B 285 -25.98 -10.85 -1.47
CA LYS B 285 -26.44 -12.20 -1.73
C LYS B 285 -25.36 -12.98 -2.46
N CYS B 286 -24.88 -14.06 -1.83
CA CYS B 286 -23.81 -14.88 -2.38
C CYS B 286 -24.35 -16.28 -2.66
N THR B 287 -24.07 -16.79 -3.86
CA THR B 287 -24.54 -18.10 -4.28
C THR B 287 -23.43 -18.84 -5.00
N ALA B 288 -23.59 -20.16 -5.09
CA ALA B 288 -22.72 -21.03 -5.87
C ALA B 288 -23.58 -21.81 -6.85
N SER B 289 -23.19 -21.80 -8.12
CA SER B 289 -24.03 -22.32 -9.20
C SER B 289 -23.26 -23.31 -10.05
N ASN B 290 -24.00 -24.28 -10.58
CA ASN B 290 -23.50 -25.27 -11.51
C ASN B 290 -24.12 -25.03 -12.88
N LYS B 291 -23.33 -25.32 -13.93
CA LYS B 291 -23.79 -25.02 -15.29
C LYS B 291 -25.02 -25.82 -15.70
N ASN B 292 -25.29 -26.94 -15.04
CA ASN B 292 -26.43 -27.79 -15.37
C ASN B 292 -27.63 -27.53 -14.48
N ARG B 293 -27.45 -27.54 -13.17
CA ARG B 293 -28.54 -27.40 -12.22
C ARG B 293 -28.76 -25.97 -11.75
N GLY B 294 -28.03 -25.00 -12.32
CA GLY B 294 -28.21 -23.63 -11.89
C GLY B 294 -27.66 -23.42 -10.50
N ILE B 295 -28.33 -22.57 -9.72
CA ILE B 295 -27.91 -22.28 -8.35
C ILE B 295 -28.04 -23.54 -7.52
N ILE B 296 -26.94 -23.96 -6.90
CA ILE B 296 -26.93 -25.16 -6.07
C ILE B 296 -26.63 -24.86 -4.61
N LYS B 297 -26.16 -23.66 -4.27
CA LYS B 297 -25.91 -23.32 -2.88
C LYS B 297 -26.13 -21.83 -2.68
N THR B 298 -26.61 -21.47 -1.49
CA THR B 298 -26.76 -20.08 -1.09
C THR B 298 -26.00 -19.88 0.23
N PHE B 299 -25.04 -18.96 0.22
CA PHE B 299 -24.19 -18.74 1.38
C PHE B 299 -24.88 -17.81 2.37
N SER B 300 -24.74 -18.15 3.66
CA SER B 300 -25.18 -17.27 4.73
C SER B 300 -24.04 -16.33 5.11
N ASN B 301 -24.32 -15.39 6.01
CA ASN B 301 -23.31 -14.45 6.44
C ASN B 301 -22.16 -15.17 7.14
N GLY B 302 -20.94 -14.82 6.77
CA GLY B 302 -19.74 -15.41 7.29
C GLY B 302 -18.81 -15.84 6.17
N CYS B 303 -17.82 -16.66 6.48
CA CYS B 303 -16.84 -17.18 5.52
C CYS B 303 -17.07 -18.65 5.30
N ASP B 304 -17.26 -19.06 4.08
CA ASP B 304 -17.52 -20.44 3.69
C ASP B 304 -16.61 -20.80 2.53
N TYR B 305 -16.68 -22.07 2.12
CA TYR B 305 -15.80 -22.58 1.07
C TYR B 305 -16.55 -23.63 0.27
N VAL B 306 -16.37 -23.60 -1.05
CA VAL B 306 -16.99 -24.59 -1.93
C VAL B 306 -15.92 -25.10 -2.89
N SER B 307 -15.85 -26.42 -3.03
CA SER B 307 -14.92 -27.03 -3.97
C SER B 307 -15.46 -26.93 -5.39
N ASN B 308 -14.65 -27.35 -6.35
CA ASN B 308 -15.00 -27.27 -7.76
C ASN B 308 -15.54 -28.59 -8.31
N LYS B 309 -15.86 -29.54 -7.44
CA LYS B 309 -16.37 -30.83 -7.91
C LYS B 309 -17.70 -30.68 -8.62
N GLY B 310 -18.62 -29.90 -8.05
CA GLY B 310 -19.91 -29.69 -8.66
C GLY B 310 -20.20 -28.23 -8.94
N VAL B 311 -19.42 -27.35 -8.33
CA VAL B 311 -19.61 -25.91 -8.48
C VAL B 311 -18.79 -25.44 -9.67
N ASP B 312 -19.43 -24.69 -10.57
CA ASP B 312 -18.77 -24.09 -11.72
C ASP B 312 -18.56 -22.60 -11.59
N THR B 313 -19.51 -21.88 -11.00
CA THR B 313 -19.38 -20.44 -10.79
C THR B 313 -19.82 -20.08 -9.39
N VAL B 314 -19.35 -18.92 -8.92
CA VAL B 314 -19.77 -18.36 -7.64
C VAL B 314 -20.10 -16.89 -7.85
N SER B 315 -21.27 -16.47 -7.40
CA SER B 315 -21.72 -15.09 -7.54
C SER B 315 -21.69 -14.42 -6.17
N VAL B 316 -20.93 -13.35 -6.06
CA VAL B 316 -20.89 -12.51 -4.86
C VAL B 316 -21.37 -11.12 -5.28
N GLY B 317 -22.56 -10.74 -4.82
CA GLY B 317 -23.11 -9.46 -5.21
C GLY B 317 -23.30 -9.39 -6.71
N ASN B 318 -22.71 -8.37 -7.32
CA ASN B 318 -22.76 -8.18 -8.77
C ASN B 318 -21.60 -8.83 -9.49
N THR B 319 -20.73 -9.53 -8.79
CA THR B 319 -19.56 -10.17 -9.38
C THR B 319 -19.81 -11.66 -9.55
N LEU B 320 -19.34 -12.21 -10.67
CA LEU B 320 -19.43 -13.64 -10.95
C LEU B 320 -18.03 -14.16 -11.25
N TYR B 321 -17.60 -15.17 -10.50
CA TYR B 321 -16.29 -15.78 -10.66
C TYR B 321 -16.44 -17.19 -11.21
N TYR B 322 -15.53 -17.57 -12.11
CA TYR B 322 -15.41 -18.95 -12.55
C TYR B 322 -14.32 -19.62 -11.72
N VAL B 323 -14.61 -20.79 -11.21
CA VAL B 323 -13.66 -21.52 -10.38
C VAL B 323 -12.75 -22.35 -11.28
N ASN B 324 -11.56 -22.66 -10.78
CA ASN B 324 -10.63 -23.50 -11.52
C ASN B 324 -11.10 -24.95 -11.47
N LYS B 325 -11.14 -25.60 -12.64
CA LYS B 325 -11.60 -26.97 -12.74
C LYS B 325 -10.46 -27.98 -12.70
N GLN B 326 -9.34 -27.63 -12.08
CA GLN B 326 -8.23 -28.55 -11.95
C GLN B 326 -8.58 -29.68 -11.00
N GLU B 327 -8.25 -30.90 -11.39
CA GLU B 327 -8.60 -32.07 -10.59
C GLU B 327 -7.80 -32.11 -9.29
N GLY B 328 -8.49 -32.44 -8.21
CA GLY B 328 -7.84 -32.53 -6.91
C GLY B 328 -8.85 -32.90 -5.84
N LYS B 329 -8.34 -33.02 -4.62
CA LYS B 329 -9.16 -33.39 -3.48
C LYS B 329 -9.18 -32.26 -2.47
N SER B 330 -10.37 -31.88 -2.02
CA SER B 330 -10.57 -30.79 -1.09
C SER B 330 -11.05 -31.30 0.26
N LEU B 331 -10.58 -30.68 1.33
CA LEU B 331 -10.97 -31.03 2.68
C LEU B 331 -11.46 -29.78 3.41
N TYR B 332 -12.46 -29.96 4.27
CA TYR B 332 -13.07 -28.88 5.03
C TYR B 332 -12.82 -29.16 6.51
N VAL B 333 -12.12 -28.25 7.19
CA VAL B 333 -11.79 -28.40 8.60
C VAL B 333 -12.70 -27.44 9.36
N LYS B 334 -13.75 -27.99 9.96
CA LYS B 334 -14.69 -27.16 10.71
C LYS B 334 -14.05 -26.68 12.00
N GLY B 335 -14.37 -25.44 12.37
CA GLY B 335 -13.84 -24.86 13.59
C GLY B 335 -14.48 -23.53 13.87
N GLU B 336 -14.45 -23.15 15.14
CA GLU B 336 -14.99 -21.86 15.54
C GLU B 336 -14.11 -20.74 15.01
N PRO B 337 -14.66 -19.77 14.30
CA PRO B 337 -13.84 -18.64 13.82
C PRO B 337 -13.22 -17.89 14.98
N ILE B 338 -11.95 -17.51 14.81
CA ILE B 338 -11.23 -16.86 15.89
C ILE B 338 -11.68 -15.41 16.08
N ILE B 339 -12.34 -14.82 15.09
CA ILE B 339 -12.82 -13.45 15.23
C ILE B 339 -13.87 -13.35 16.34
N ASN B 340 -14.56 -14.45 16.62
CA ASN B 340 -15.53 -14.46 17.72
C ASN B 340 -14.85 -14.38 19.08
N PHE B 341 -13.55 -14.66 19.16
CA PHE B 341 -12.86 -14.63 20.44
C PHE B 341 -12.68 -13.19 20.93
N TYR B 342 -12.42 -12.26 20.01
CA TYR B 342 -12.05 -10.91 20.38
C TYR B 342 -13.25 -10.10 20.84
N ASP B 343 -13.02 -9.26 21.84
CA ASP B 343 -14.05 -8.32 22.30
C ASP B 343 -14.08 -7.12 21.38
N PRO B 344 -15.22 -6.81 20.75
CA PRO B 344 -15.27 -5.67 19.83
C PRO B 344 -14.94 -4.34 20.47
N LEU B 345 -15.22 -4.19 21.77
CA LEU B 345 -14.98 -2.91 22.44
C LEU B 345 -13.49 -2.59 22.52
N VAL B 346 -12.66 -3.59 22.80
CA VAL B 346 -11.23 -3.40 22.95
C VAL B 346 -10.45 -3.89 21.74
N PHE B 347 -11.13 -4.24 20.66
CA PHE B 347 -10.45 -4.76 19.48
C PHE B 347 -9.69 -3.65 18.78
N PRO B 348 -8.38 -3.80 18.55
CA PRO B 348 -7.61 -2.76 17.84
C PRO B 348 -7.81 -2.86 16.34
N SER B 349 -8.42 -1.84 15.75
CA SER B 349 -8.69 -1.80 14.33
C SER B 349 -7.63 -0.96 13.61
N ASP B 350 -7.70 -0.98 12.28
CA ASP B 350 -6.79 -0.22 11.42
C ASP B 350 -5.33 -0.57 11.69
N GLU B 351 -5.05 -1.85 11.88
CA GLU B 351 -3.69 -2.37 12.00
C GLU B 351 -3.38 -3.20 10.76
N PHE B 352 -2.31 -2.84 10.05
CA PHE B 352 -1.93 -3.52 8.82
C PHE B 352 -0.76 -4.47 9.02
N ASP B 353 0.36 -3.96 9.53
CA ASP B 353 1.55 -4.77 9.75
C ASP B 353 1.59 -5.23 11.22
N ALA B 354 0.67 -6.13 11.54
CA ALA B 354 0.54 -6.63 12.90
C ALA B 354 0.62 -8.16 12.92
N SER B 355 0.38 -8.75 14.08
CA SER B 355 0.38 -10.19 14.26
C SER B 355 -0.48 -10.52 15.47
N ILE B 356 -0.59 -11.81 15.77
CA ILE B 356 -1.40 -12.25 16.90
C ILE B 356 -0.83 -11.69 18.20
N SER B 357 0.48 -11.82 18.39
CA SER B 357 1.11 -11.33 19.61
C SER B 357 1.05 -9.80 19.69
N GLN B 358 1.24 -9.12 18.56
CA GLN B 358 1.17 -7.66 18.56
C GLN B 358 -0.24 -7.19 18.89
N VAL B 359 -1.26 -7.85 18.35
CA VAL B 359 -2.63 -7.50 18.67
C VAL B 359 -2.93 -7.77 20.15
N ASN B 360 -2.39 -8.87 20.69
CA ASN B 360 -2.57 -9.15 22.11
C ASN B 360 -1.91 -8.06 22.97
N GLU B 361 -0.72 -7.61 22.58
CA GLU B 361 -0.05 -6.53 23.30
C GLU B 361 -0.85 -5.25 23.21
N LYS B 362 -1.42 -4.95 22.04
CA LYS B 362 -2.22 -3.74 21.88
C LYS B 362 -3.46 -3.79 22.77
N ILE B 363 -4.12 -4.95 22.85
CA ILE B 363 -5.27 -5.09 23.74
C ILE B 363 -4.84 -4.95 25.19
N ASN B 364 -3.71 -5.55 25.56
CA ASN B 364 -3.23 -5.48 26.94
C ASN B 364 -2.77 -4.07 27.30
N GLN B 365 -2.38 -3.26 26.31
CA GLN B 365 -2.03 -1.87 26.55
C GLN B 365 -3.25 -0.96 26.63
N SER B 366 -4.41 -1.41 26.13
CA SER B 366 -5.67 -0.72 26.39
C SER B 366 -6.20 -1.05 27.77
N LEU B 367 -5.79 -2.18 28.35
CA LEU B 367 -6.09 -2.53 29.72
C LEU B 367 -4.97 -2.12 30.67
N ALA B 368 -4.08 -1.24 30.20
CA ALA B 368 -3.13 -0.58 31.09
C ALA B 368 -3.85 0.41 31.97
N PHE B 369 -4.63 1.30 31.36
CA PHE B 369 -5.64 2.06 32.08
C PHE B 369 -6.74 1.11 32.53
N ILE B 370 -7.71 1.62 33.28
CA ILE B 370 -8.77 0.79 33.85
C ILE B 370 -8.17 -0.31 34.72
N ASN C 2 -24.71 16.14 -21.63
CA ASN C 2 -23.82 14.99 -21.75
C ASN C 2 -22.99 14.79 -20.49
N ILE C 3 -21.72 15.15 -20.55
CA ILE C 3 -20.79 14.98 -19.44
C ILE C 3 -20.80 16.26 -18.60
N THR C 4 -21.07 16.11 -17.31
CA THR C 4 -21.06 17.22 -16.37
C THR C 4 -20.13 16.90 -15.22
N GLU C 5 -19.69 17.95 -14.53
CA GLU C 5 -18.80 17.81 -13.39
C GLU C 5 -19.24 18.74 -12.28
N GLU C 6 -19.11 18.28 -11.04
CA GLU C 6 -19.44 19.07 -9.87
C GLU C 6 -18.29 18.99 -8.87
N PHE C 7 -17.76 20.13 -8.48
CA PHE C 7 -16.69 20.20 -7.50
C PHE C 7 -17.27 20.62 -6.15
N TYR C 8 -16.87 19.90 -5.09
CA TYR C 8 -17.28 20.18 -3.73
C TYR C 8 -16.08 20.65 -2.95
N GLN C 9 -16.14 21.92 -2.50
CA GLN C 9 -15.07 22.54 -1.73
C GLN C 9 -15.00 22.03 -0.30
N SER C 10 -16.14 21.64 0.30
CA SER C 10 -16.13 21.14 1.66
C SER C 10 -15.26 19.90 1.80
N THR C 11 -15.36 18.98 0.84
CA THR C 11 -14.58 17.76 0.88
C THR C 11 -13.45 17.71 -0.14
N CYS C 12 -13.25 18.79 -0.91
CA CYS C 12 -12.18 18.85 -1.91
C CYS C 12 -12.27 17.68 -2.89
N SER C 13 -13.49 17.43 -3.39
CA SER C 13 -13.70 16.28 -4.25
C SER C 13 -14.59 16.65 -5.44
N ALA C 14 -14.31 16.02 -6.58
CA ALA C 14 -15.08 16.26 -7.81
C ALA C 14 -15.78 14.98 -8.24
N VAL C 15 -17.00 15.13 -8.76
CA VAL C 15 -17.78 14.02 -9.29
C VAL C 15 -18.13 14.35 -10.74
N SER C 16 -17.76 13.46 -11.65
CA SER C 16 -18.09 13.62 -13.07
C SER C 16 -19.15 12.60 -13.46
N LYS C 17 -20.30 13.10 -13.92
CA LYS C 17 -21.46 12.31 -14.29
C LYS C 17 -21.74 12.46 -15.78
N GLY C 18 -22.67 11.64 -16.26
CA GLY C 18 -23.05 11.63 -17.65
C GLY C 18 -22.52 10.48 -18.47
N TYR C 19 -21.89 9.49 -17.85
CA TYR C 19 -21.31 8.36 -18.54
C TYR C 19 -22.28 7.19 -18.61
N LEU C 20 -22.08 6.32 -19.59
CA LEU C 20 -22.91 5.16 -19.80
C LEU C 20 -22.10 3.89 -19.57
N SER C 21 -22.74 2.88 -19.00
CA SER C 21 -22.04 1.72 -18.48
C SER C 21 -21.78 0.67 -19.57
N ALA C 22 -20.66 -0.03 -19.46
CA ALA C 22 -20.44 -1.30 -20.15
C ALA C 22 -19.63 -2.19 -19.20
N LEU C 23 -20.35 -2.94 -18.37
CA LEU C 23 -19.71 -3.78 -17.37
C LEU C 23 -19.56 -5.20 -17.89
N ARG C 24 -18.33 -5.71 -17.86
CA ARG C 24 -18.08 -7.08 -18.26
C ARG C 24 -18.48 -7.98 -17.10
N THR C 25 -19.61 -8.67 -17.27
CA THR C 25 -20.16 -9.57 -16.26
C THR C 25 -19.82 -11.03 -16.49
N GLY C 26 -19.57 -11.47 -17.73
CA GLY C 26 -19.28 -12.87 -17.95
C GLY C 26 -18.28 -13.13 -19.05
N TRP C 27 -18.05 -14.40 -19.36
CA TRP C 27 -17.11 -14.79 -20.41
C TRP C 27 -17.82 -15.67 -21.42
N TYR C 28 -17.46 -15.53 -22.69
CA TYR C 28 -17.93 -16.42 -23.75
C TYR C 28 -16.71 -17.11 -24.36
N THR C 29 -16.73 -18.43 -24.43
CA THR C 29 -15.58 -19.18 -24.89
C THR C 29 -15.83 -19.76 -26.28
N SER C 30 -14.85 -19.64 -27.16
CA SER C 30 -14.93 -20.20 -28.50
C SER C 30 -13.62 -20.88 -28.84
N VAL C 31 -13.69 -21.78 -29.82
CA VAL C 31 -12.56 -22.60 -30.23
C VAL C 31 -12.20 -22.21 -31.65
N ILE C 32 -10.95 -21.85 -31.85
CA ILE C 32 -10.43 -21.49 -33.17
C ILE C 32 -9.42 -22.55 -33.58
N THR C 33 -9.64 -23.14 -34.76
CA THR C 33 -8.86 -24.26 -35.22
C THR C 33 -8.18 -23.94 -36.54
N ILE C 34 -7.02 -24.56 -36.76
CA ILE C 34 -6.25 -24.43 -37.97
C ILE C 34 -5.94 -25.83 -38.49
N GLU C 35 -6.22 -26.08 -39.76
CA GLU C 35 -5.96 -27.40 -40.32
C GLU C 35 -4.50 -27.49 -40.75
N LEU C 36 -3.71 -28.29 -40.05
CA LEU C 36 -2.29 -28.44 -40.34
C LEU C 36 -2.05 -29.64 -41.25
N SER C 37 -0.83 -29.69 -41.79
CA SER C 37 -0.41 -30.79 -42.64
C SER C 37 0.67 -31.61 -41.93
N ASN C 38 0.61 -32.92 -42.13
CA ASN C 38 1.53 -33.85 -41.47
C ASN C 38 2.72 -34.20 -42.34
N ILE C 39 2.79 -33.65 -43.55
CA ILE C 39 3.86 -34.00 -44.50
C ILE C 39 5.20 -33.44 -44.06
N LYS C 40 6.24 -34.23 -44.24
CA LYS C 40 7.59 -33.80 -43.88
C LYS C 40 8.23 -33.09 -45.08
N GLU C 41 9.53 -32.82 -44.98
CA GLU C 41 10.26 -32.20 -46.09
C GLU C 41 10.36 -33.14 -47.28
N ILE C 42 10.31 -32.57 -48.47
CA ILE C 42 10.39 -33.38 -49.69
C ILE C 42 11.78 -34.00 -49.81
N LYS C 43 11.82 -35.28 -50.19
CA LYS C 43 13.09 -35.99 -50.31
C LYS C 43 13.90 -35.54 -51.53
N CYS C 44 13.30 -34.78 -52.44
CA CYS C 44 13.99 -34.36 -53.65
C CYS C 44 15.17 -33.46 -53.32
N ASN C 45 16.23 -33.58 -54.14
CA ASN C 45 17.41 -32.72 -54.03
C ASN C 45 17.71 -32.11 -55.40
N GLY C 46 18.22 -30.89 -55.38
CA GLY C 46 18.54 -30.21 -56.63
C GLY C 46 19.22 -28.89 -56.35
N THR C 47 19.67 -28.26 -57.42
CA THR C 47 20.40 -27.00 -57.35
C THR C 47 19.50 -25.78 -57.56
N ASP C 48 18.19 -25.99 -57.76
CA ASP C 48 17.29 -24.87 -57.99
C ASP C 48 17.14 -24.03 -56.72
N ALA C 49 17.07 -22.71 -56.90
CA ALA C 49 16.96 -21.80 -55.76
C ALA C 49 15.54 -21.73 -55.23
N LYS C 50 14.55 -21.92 -56.11
CA LYS C 50 13.16 -21.82 -55.68
C LYS C 50 12.78 -22.99 -54.78
N VAL C 51 13.25 -24.19 -55.13
CA VAL C 51 12.98 -25.33 -54.28
C VAL C 51 13.69 -25.19 -52.94
N LYS C 52 14.85 -24.55 -52.92
CA LYS C 52 15.53 -24.29 -51.65
C LYS C 52 14.75 -23.30 -50.79
N LEU C 53 14.16 -22.26 -51.42
CA LEU C 53 13.32 -21.32 -50.66
C LEU C 53 12.10 -22.02 -50.09
N ILE C 54 11.47 -22.90 -50.88
CA ILE C 54 10.32 -23.69 -50.41
C ILE C 54 10.74 -24.61 -49.27
N LYS C 55 11.92 -25.23 -49.39
CA LYS C 55 12.41 -26.05 -48.29
C LYS C 55 12.62 -25.24 -47.02
N GLN C 56 13.18 -24.04 -47.16
CA GLN C 56 13.37 -23.18 -45.99
C GLN C 56 12.03 -22.79 -45.35
N GLU C 57 11.05 -22.44 -46.17
CA GLU C 57 9.73 -22.10 -45.64
C GLU C 57 9.07 -23.31 -44.95
N LEU C 58 9.23 -24.49 -45.54
CA LEU C 58 8.69 -25.71 -44.94
C LEU C 58 9.38 -26.02 -43.62
N ASP C 59 10.70 -25.77 -43.55
CA ASP C 59 11.41 -25.94 -42.29
C ASP C 59 10.88 -24.98 -41.23
N LYS C 60 10.60 -23.74 -41.61
CA LYS C 60 10.02 -22.79 -40.67
C LYS C 60 8.65 -23.28 -40.19
N TYR C 61 7.83 -23.80 -41.10
CA TYR C 61 6.52 -24.32 -40.73
C TYR C 61 6.63 -25.50 -39.77
N LYS C 62 7.55 -26.43 -40.05
CA LYS C 62 7.76 -27.58 -39.17
C LYS C 62 8.26 -27.16 -37.80
N ASN C 63 9.17 -26.18 -37.77
CA ASN C 63 9.68 -25.68 -36.50
C ASN C 63 8.56 -25.03 -35.69
N ALA C 64 7.67 -24.30 -36.36
CA ALA C 64 6.53 -23.71 -35.67
C ALA C 64 5.62 -24.79 -35.10
N VAL C 65 5.35 -25.84 -35.89
CA VAL C 65 4.52 -26.94 -35.39
C VAL C 65 5.18 -27.60 -34.18
N THR C 66 6.51 -27.81 -34.25
CA THR C 66 7.20 -28.47 -33.15
C THR C 66 7.16 -27.62 -31.90
N GLU C 67 7.32 -26.30 -32.06
CA GLU C 67 7.24 -25.39 -30.91
C GLU C 67 5.85 -25.41 -30.29
N LEU C 68 4.81 -25.43 -31.12
CA LEU C 68 3.45 -25.53 -30.62
C LEU C 68 3.22 -26.83 -29.87
N GLN C 69 3.77 -27.92 -30.39
CA GLN C 69 3.67 -29.21 -29.72
C GLN C 69 4.36 -29.19 -28.36
N LEU C 70 5.55 -28.59 -28.29
CA LEU C 70 6.25 -28.43 -27.02
C LEU C 70 5.44 -27.57 -26.04
N LEU C 71 4.78 -26.53 -26.55
CA LEU C 71 3.93 -25.70 -25.71
C LEU C 71 2.79 -26.51 -25.10
N MET C 72 2.09 -27.27 -25.95
CA MET C 72 0.99 -28.09 -25.49
C MET C 72 1.45 -29.13 -24.47
N GLN C 73 2.60 -29.77 -24.72
CA GLN C 73 3.10 -30.81 -23.81
C GLN C 73 3.69 -30.15 -22.58
N PHE D 1 -7.07 3.85 -3.52
CA PHE D 1 -6.57 3.38 -2.23
C PHE D 1 -7.19 2.10 -1.65
N LEU D 2 -8.40 1.78 -2.13
CA LEU D 2 -9.17 0.66 -1.59
C LEU D 2 -8.96 -0.61 -2.41
N GLY D 3 -7.98 -0.63 -3.31
CA GLY D 3 -7.76 -1.80 -4.15
C GLY D 3 -7.42 -3.05 -3.38
N PHE D 4 -6.96 -2.91 -2.13
CA PHE D 4 -6.71 -4.06 -1.27
C PHE D 4 -7.96 -4.73 -0.77
N LEU D 5 -9.13 -4.09 -0.87
CA LEU D 5 -10.39 -4.69 -0.44
C LEU D 5 -10.93 -5.69 -1.45
N LEU D 6 -10.40 -5.70 -2.66
CA LEU D 6 -10.94 -6.55 -3.73
C LEU D 6 -10.60 -8.02 -3.48
N GLY D 7 -11.47 -8.89 -3.98
CA GLY D 7 -11.22 -10.32 -3.95
C GLY D 7 -10.29 -10.76 -5.06
N VAL D 8 -9.93 -12.04 -5.03
CA VAL D 8 -9.02 -12.63 -6.00
C VAL D 8 -9.78 -13.62 -6.86
N GLY D 9 -9.67 -13.45 -8.17
CA GLY D 9 -10.34 -14.32 -9.12
C GLY D 9 -9.36 -15.00 -10.06
N SER D 10 -9.86 -15.67 -11.09
CA SER D 10 -9.01 -16.26 -12.12
C SER D 10 -9.60 -15.95 -13.48
N ALA D 11 -8.94 -15.09 -14.26
CA ALA D 11 -9.59 -14.57 -15.47
C ALA D 11 -9.80 -15.66 -16.51
N ILE D 12 -8.81 -16.53 -16.70
CA ILE D 12 -8.86 -17.55 -17.74
C ILE D 12 -9.48 -18.84 -17.22
N ALA D 13 -9.95 -18.84 -15.97
CA ALA D 13 -10.43 -20.08 -15.36
C ALA D 13 -11.48 -20.76 -16.22
N SER D 14 -12.35 -19.97 -16.85
CA SER D 14 -13.37 -20.56 -17.72
C SER D 14 -12.73 -21.13 -18.97
N GLY D 15 -11.90 -20.31 -19.61
CA GLY D 15 -11.30 -20.67 -20.89
C GLY D 15 -10.44 -21.90 -20.80
N VAL D 16 -9.56 -21.94 -19.79
CA VAL D 16 -8.74 -23.11 -19.57
C VAL D 16 -9.61 -24.34 -19.39
N ALA D 17 -10.74 -24.19 -18.69
CA ALA D 17 -11.65 -25.30 -18.51
C ALA D 17 -12.04 -25.92 -19.85
N VAL D 18 -12.47 -25.07 -20.80
CA VAL D 18 -12.79 -25.57 -22.13
C VAL D 18 -11.56 -26.20 -22.77
N SER D 19 -10.39 -25.57 -22.58
CA SER D 19 -9.15 -26.12 -23.08
C SER D 19 -8.96 -27.56 -22.59
N LYS D 20 -9.22 -27.78 -21.29
CA LYS D 20 -9.10 -29.12 -20.72
C LYS D 20 -10.01 -30.11 -21.43
N VAL D 21 -11.26 -29.71 -21.71
CA VAL D 21 -12.20 -30.59 -22.38
C VAL D 21 -11.66 -31.00 -23.74
N LEU D 22 -10.86 -30.13 -24.32
CA LEU D 22 -10.27 -30.36 -25.61
C LEU D 22 -9.20 -31.47 -25.60
N HIS D 23 -8.69 -31.83 -24.44
CA HIS D 23 -7.70 -32.90 -24.35
C HIS D 23 -8.35 -34.27 -24.24
N LEU D 24 -9.64 -34.31 -23.93
CA LEU D 24 -10.34 -35.58 -23.84
C LEU D 24 -10.45 -36.23 -25.20
N GLU D 25 -10.39 -37.56 -25.21
CA GLU D 25 -10.42 -38.29 -26.46
C GLU D 25 -11.76 -38.09 -27.15
N GLY D 26 -11.69 -37.79 -28.45
CA GLY D 26 -12.85 -37.71 -29.30
C GLY D 26 -13.28 -36.29 -29.59
N GLU D 27 -12.86 -35.34 -28.76
CA GLU D 27 -13.30 -33.95 -28.88
C GLU D 27 -12.71 -33.29 -30.11
N VAL D 28 -11.40 -33.46 -30.32
CA VAL D 28 -10.77 -32.93 -31.54
C VAL D 28 -11.38 -33.57 -32.77
N ASN D 29 -11.70 -34.85 -32.70
CA ASN D 29 -12.31 -35.54 -33.83
C ASN D 29 -13.72 -35.00 -34.09
N LYS D 30 -14.46 -34.73 -33.02
CA LYS D 30 -15.78 -34.13 -33.15
C LYS D 30 -15.70 -32.76 -33.81
N ILE D 31 -14.80 -31.89 -33.34
CA ILE D 31 -14.67 -30.55 -33.92
C ILE D 31 -14.22 -30.65 -35.38
N LYS D 32 -13.33 -31.59 -35.68
CA LYS D 32 -12.87 -31.79 -37.06
C LYS D 32 -14.00 -32.23 -37.98
N SER D 33 -14.82 -33.16 -37.50
CA SER D 33 -15.96 -33.62 -38.30
C SER D 33 -16.98 -32.52 -38.48
N ALA D 34 -17.18 -31.68 -37.46
CA ALA D 34 -18.16 -30.60 -37.56
C ALA D 34 -17.75 -29.56 -38.60
N LEU D 35 -16.46 -29.26 -38.70
CA LEU D 35 -15.89 -28.32 -39.68
C LEU D 35 -15.36 -29.02 -40.94
N LEU D 36 -15.87 -30.20 -41.27
CA LEU D 36 -15.40 -30.94 -42.44
C LEU D 36 -15.70 -30.18 -43.74
N SER D 37 -16.91 -29.62 -43.85
CA SER D 37 -17.39 -28.93 -45.05
C SER D 37 -17.66 -27.45 -44.82
N THR D 38 -17.55 -26.94 -43.59
CA THR D 38 -17.85 -25.56 -43.24
C THR D 38 -16.77 -24.96 -42.37
N ASN D 39 -16.58 -23.65 -42.47
CA ASN D 39 -15.58 -22.95 -41.67
C ASN D 39 -16.16 -22.41 -40.37
N LYS D 40 -17.43 -22.69 -40.08
CA LYS D 40 -18.08 -22.21 -38.86
C LYS D 40 -19.14 -23.21 -38.47
N ALA D 41 -19.14 -23.60 -37.20
CA ALA D 41 -20.11 -24.57 -36.72
C ALA D 41 -20.28 -24.40 -35.21
N VAL D 42 -21.28 -25.09 -34.67
CA VAL D 42 -21.56 -25.13 -33.25
C VAL D 42 -21.42 -26.57 -32.79
N VAL D 43 -20.59 -26.79 -31.77
CA VAL D 43 -20.22 -28.13 -31.31
C VAL D 43 -20.56 -28.25 -29.83
N SER D 44 -21.18 -29.37 -29.46
CA SER D 44 -21.47 -29.69 -28.07
C SER D 44 -20.45 -30.72 -27.58
N LEU D 45 -19.72 -30.37 -26.53
CA LEU D 45 -18.60 -31.17 -26.08
C LEU D 45 -19.14 -32.28 -25.18
N SER D 46 -18.24 -33.02 -24.51
CA SER D 46 -18.67 -34.15 -23.70
C SER D 46 -19.50 -33.70 -22.52
N ASN D 47 -19.10 -32.59 -21.90
CA ASN D 47 -19.82 -32.05 -20.76
C ASN D 47 -21.12 -31.37 -21.16
N GLY D 48 -21.41 -31.27 -22.46
CA GLY D 48 -22.65 -30.70 -22.93
C GLY D 48 -22.62 -29.22 -23.27
N VAL D 49 -21.50 -28.53 -22.99
CA VAL D 49 -21.40 -27.11 -23.29
C VAL D 49 -21.34 -26.91 -24.80
N SER D 50 -22.08 -25.92 -25.29
CA SER D 50 -22.16 -25.61 -26.71
C SER D 50 -21.22 -24.44 -27.01
N VAL D 51 -20.28 -24.66 -27.94
CA VAL D 51 -19.26 -23.68 -28.27
C VAL D 51 -19.22 -23.47 -29.78
N LEU D 52 -19.00 -22.22 -30.18
CA LEU D 52 -18.76 -21.90 -31.58
C LEU D 52 -17.33 -22.29 -31.97
N THR D 53 -17.20 -23.03 -33.07
CA THR D 53 -15.90 -23.42 -33.60
C THR D 53 -15.73 -22.86 -35.00
N SER D 54 -14.54 -22.34 -35.28
CA SER D 54 -14.24 -21.72 -36.57
C SER D 54 -12.90 -22.24 -37.09
N LYS D 55 -12.81 -22.35 -38.41
CA LYS D 55 -11.58 -22.73 -39.10
C LYS D 55 -11.07 -21.48 -39.82
N VAL D 56 -10.06 -20.85 -39.25
CA VAL D 56 -9.57 -19.57 -39.78
C VAL D 56 -8.56 -19.78 -40.89
N LEU D 57 -7.71 -20.81 -40.77
CA LEU D 57 -6.67 -21.09 -41.74
C LEU D 57 -6.68 -22.58 -42.07
N ASP D 58 -6.43 -22.90 -43.34
CA ASP D 58 -6.39 -24.28 -43.81
C ASP D 58 -5.07 -24.46 -44.57
N LEU D 59 -4.00 -24.76 -43.82
CA LEU D 59 -2.72 -25.01 -44.44
C LEU D 59 -2.64 -26.40 -45.08
N LYS D 60 -3.44 -27.34 -44.59
CA LYS D 60 -3.41 -28.70 -45.14
C LYS D 60 -3.77 -28.71 -46.61
N ASN D 61 -4.83 -28.01 -46.98
CA ASN D 61 -5.26 -28.01 -48.37
C ASN D 61 -4.18 -27.46 -49.28
N TYR D 62 -3.63 -26.29 -48.94
CA TYR D 62 -2.61 -25.67 -49.78
C TYR D 62 -1.37 -26.55 -49.87
N ILE D 63 -0.89 -27.05 -48.72
CA ILE D 63 0.35 -27.79 -48.70
C ILE D 63 0.22 -29.09 -49.50
N ASP D 64 -0.88 -29.81 -49.31
CA ASP D 64 -1.01 -31.14 -49.92
C ASP D 64 -1.58 -31.11 -51.33
N LYS D 65 -2.22 -30.03 -51.76
CA LYS D 65 -2.85 -30.00 -53.07
C LYS D 65 -2.28 -28.95 -54.02
N GLN D 66 -1.58 -27.94 -53.52
CA GLN D 66 -1.06 -26.87 -54.35
C GLN D 66 0.45 -26.73 -54.31
N LEU D 67 1.14 -27.46 -53.45
CA LEU D 67 2.60 -27.40 -53.37
C LEU D 67 3.25 -28.71 -53.80
N LEU D 68 2.88 -29.83 -53.18
CA LEU D 68 3.47 -31.11 -53.57
C LEU D 68 3.15 -31.53 -55.00
N PRO D 69 1.92 -31.41 -55.51
CA PRO D 69 1.67 -31.84 -56.90
C PRO D 69 2.49 -31.09 -57.94
N ILE D 70 2.77 -29.80 -57.73
CA ILE D 70 3.39 -28.98 -58.77
C ILE D 70 4.91 -29.07 -58.75
N VAL D 71 5.50 -29.79 -57.80
CA VAL D 71 6.94 -30.00 -57.76
C VAL D 71 7.24 -31.40 -58.29
N ASN D 72 8.27 -31.50 -59.12
CA ASN D 72 8.68 -32.79 -59.64
C ASN D 72 9.44 -33.57 -58.56
N LYS D 73 9.56 -34.87 -58.77
CA LYS D 73 10.30 -35.72 -57.84
C LYS D 73 11.66 -36.11 -58.38
N GLN D 74 11.90 -35.95 -59.68
CA GLN D 74 13.21 -36.15 -60.29
C GLN D 74 13.75 -34.79 -60.70
N SER D 75 14.82 -34.36 -60.03
CA SER D 75 15.42 -33.05 -60.27
C SER D 75 14.39 -31.93 -60.12
N CYS D 76 13.88 -31.80 -58.90
CA CYS D 76 12.76 -30.90 -58.63
C CYS D 76 13.12 -29.46 -58.98
N SER D 77 12.22 -28.80 -59.71
CA SER D 77 12.38 -27.39 -60.07
C SER D 77 10.98 -26.81 -60.25
N ILE D 78 10.64 -25.83 -59.40
CA ILE D 78 9.29 -25.26 -59.44
C ILE D 78 9.15 -24.37 -60.67
N PRO D 79 8.08 -24.51 -61.45
CA PRO D 79 7.94 -23.69 -62.66
C PRO D 79 7.85 -22.19 -62.39
N ASN D 80 7.21 -21.78 -61.30
CA ASN D 80 6.88 -20.38 -61.08
C ASN D 80 7.38 -19.89 -59.72
N ILE D 81 7.95 -18.69 -59.72
CA ILE D 81 8.41 -18.08 -58.47
C ILE D 81 7.23 -17.69 -57.58
N GLU D 82 6.11 -17.30 -58.18
CA GLU D 82 4.98 -16.78 -57.42
C GLU D 82 4.51 -17.76 -56.35
N THR D 83 4.54 -19.06 -56.66
CA THR D 83 4.15 -20.08 -55.70
C THR D 83 4.89 -19.89 -54.38
N VAL D 84 6.21 -19.69 -54.44
CA VAL D 84 7.00 -19.48 -53.23
C VAL D 84 6.43 -18.31 -52.44
N ILE D 85 6.17 -17.20 -53.11
CA ILE D 85 5.64 -16.02 -52.42
C ILE D 85 4.33 -16.37 -51.74
N GLU D 86 3.45 -17.07 -52.46
CA GLU D 86 2.16 -17.45 -51.88
C GLU D 86 2.37 -18.24 -50.61
N PHE D 87 3.27 -19.22 -50.66
CA PHE D 87 3.54 -20.02 -49.47
C PHE D 87 3.99 -19.13 -48.32
N GLN D 88 4.92 -18.21 -48.60
CA GLN D 88 5.42 -17.33 -47.56
C GLN D 88 4.27 -16.56 -46.92
N GLN D 89 3.32 -16.09 -47.73
CA GLN D 89 2.18 -15.40 -47.17
C GLN D 89 1.36 -16.34 -46.28
N LYS D 90 1.00 -17.50 -46.82
CA LYS D 90 0.02 -18.35 -46.12
C LYS D 90 0.58 -18.88 -44.82
N ASN D 91 1.87 -19.20 -44.79
CA ASN D 91 2.51 -19.67 -43.57
C ASN D 91 2.75 -18.54 -42.58
N ASN D 92 2.90 -17.30 -43.07
CA ASN D 92 3.31 -16.21 -42.20
C ASN D 92 2.43 -16.10 -40.96
N ARG D 93 1.12 -16.08 -41.14
CA ARG D 93 0.20 -15.94 -40.01
C ARG D 93 0.47 -17.02 -38.97
N LEU D 94 0.58 -18.28 -39.40
CA LEU D 94 0.85 -19.35 -38.45
C LEU D 94 2.10 -19.06 -37.64
N LEU D 95 3.18 -18.67 -38.33
CA LEU D 95 4.42 -18.38 -37.63
C LEU D 95 4.18 -17.30 -36.57
N GLU D 96 3.47 -16.25 -36.95
CA GLU D 96 3.21 -15.16 -36.01
C GLU D 96 2.48 -15.68 -34.79
N ILE D 97 1.45 -16.51 -35.00
CA ILE D 97 0.71 -17.07 -33.88
C ILE D 97 1.66 -17.78 -32.95
N THR D 98 2.50 -18.65 -33.52
CA THR D 98 3.45 -19.40 -32.69
C THR D 98 4.32 -18.44 -31.90
N ARG D 99 4.83 -17.40 -32.56
CA ARG D 99 5.71 -16.45 -31.88
C ARG D 99 5.01 -15.88 -30.66
N GLU D 100 3.76 -15.43 -30.84
CA GLU D 100 3.06 -14.82 -29.72
C GLU D 100 2.91 -15.81 -28.58
N PHE D 101 2.54 -17.05 -28.90
CA PHE D 101 2.37 -18.04 -27.84
C PHE D 101 3.68 -18.29 -27.10
N SER D 102 4.78 -18.40 -27.86
CA SER D 102 6.08 -18.61 -27.24
C SER D 102 6.45 -17.45 -26.33
N VAL D 103 6.02 -16.24 -26.69
CA VAL D 103 6.29 -15.09 -25.83
C VAL D 103 5.47 -15.15 -24.56
N ASN D 104 4.22 -15.61 -24.65
CA ASN D 104 3.27 -15.46 -23.56
C ASN D 104 2.96 -16.77 -22.83
N ALA D 105 3.72 -17.83 -23.09
CA ALA D 105 3.56 -19.12 -22.42
C ALA D 105 2.15 -19.67 -22.62
N GLY D 106 1.60 -19.48 -23.82
CA GLY D 106 0.33 -20.08 -24.18
C GLY D 106 -0.91 -19.29 -23.85
N VAL D 107 -0.78 -18.19 -23.11
CA VAL D 107 -1.92 -17.33 -22.77
C VAL D 107 -1.56 -15.90 -23.14
N THR D 108 -2.22 -15.37 -24.16
CA THR D 108 -1.92 -14.04 -24.70
C THR D 108 -3.11 -13.12 -24.50
N THR D 109 -2.84 -11.92 -23.99
CA THR D 109 -3.84 -10.87 -23.88
C THR D 109 -3.11 -9.54 -24.07
N PRO D 110 -3.66 -8.61 -24.86
CA PRO D 110 -4.91 -8.68 -25.63
C PRO D 110 -4.80 -9.58 -26.85
N VAL D 111 -5.93 -9.96 -27.45
CA VAL D 111 -5.93 -10.83 -28.62
C VAL D 111 -5.55 -10.00 -29.84
N SER D 112 -4.52 -10.44 -30.55
CA SER D 112 -4.02 -9.72 -31.71
C SER D 112 -4.83 -10.07 -32.95
N THR D 113 -4.51 -9.42 -34.07
CA THR D 113 -5.19 -9.68 -35.33
C THR D 113 -4.72 -10.99 -35.97
N TYR D 114 -3.57 -11.52 -35.56
CA TYR D 114 -3.16 -12.83 -36.04
C TYR D 114 -4.03 -13.93 -35.46
N MET D 115 -4.30 -13.86 -34.16
CA MET D 115 -5.15 -14.87 -33.52
C MET D 115 -6.58 -14.80 -34.05
N LEU D 116 -7.11 -13.59 -34.22
CA LEU D 116 -8.51 -13.41 -34.61
C LEU D 116 -8.60 -12.08 -35.36
N THR D 117 -8.80 -12.15 -36.67
CA THR D 117 -8.88 -10.94 -37.47
C THR D 117 -10.16 -10.17 -37.17
N ASN D 118 -10.23 -8.95 -37.71
CA ASN D 118 -11.39 -8.09 -37.46
C ASN D 118 -12.68 -8.72 -37.98
N SER D 119 -12.64 -9.27 -39.20
CA SER D 119 -13.83 -9.90 -39.77
C SER D 119 -14.25 -11.12 -38.97
N GLU D 120 -13.30 -11.95 -38.56
CA GLU D 120 -13.62 -13.14 -37.78
C GLU D 120 -14.20 -12.76 -36.42
N LEU D 121 -13.62 -11.74 -35.78
CA LEU D 121 -14.15 -11.29 -34.50
C LEU D 121 -15.57 -10.74 -34.65
N LEU D 122 -15.82 -9.98 -35.72
CA LEU D 122 -17.16 -9.46 -35.95
C LEU D 122 -18.16 -10.58 -36.21
N SER D 123 -17.74 -11.60 -36.96
CA SER D 123 -18.62 -12.75 -37.20
C SER D 123 -18.91 -13.49 -35.91
N LEU D 124 -17.90 -13.67 -35.06
CA LEU D 124 -18.13 -14.31 -33.77
C LEU D 124 -19.09 -13.50 -32.92
N ILE D 125 -18.94 -12.17 -32.94
CA ILE D 125 -19.86 -11.30 -32.19
C ILE D 125 -21.28 -11.46 -32.72
N ASN D 126 -21.44 -11.52 -34.03
CA ASN D 126 -22.77 -11.70 -34.61
C ASN D 126 -23.37 -13.05 -34.26
N ASP D 127 -22.55 -14.10 -34.18
CA ASP D 127 -23.04 -15.44 -33.89
C ASP D 127 -23.18 -15.72 -32.40
N MET D 128 -22.75 -14.81 -31.54
CA MET D 128 -22.84 -15.04 -30.10
C MET D 128 -24.30 -14.97 -29.64
N PRO D 129 -24.68 -15.78 -28.66
CA PRO D 129 -26.08 -15.78 -28.15
C PRO D 129 -26.34 -14.67 -27.15
N ILE D 130 -26.38 -13.44 -27.66
CA ILE D 130 -26.59 -12.25 -26.83
C ILE D 130 -27.65 -11.38 -27.50
N THR D 131 -28.07 -10.34 -26.78
CA THR D 131 -29.08 -9.43 -27.30
C THR D 131 -28.49 -8.55 -28.40
N ASN D 132 -29.38 -7.94 -29.18
CA ASN D 132 -28.93 -7.07 -30.27
C ASN D 132 -28.25 -5.81 -29.74
N ASP D 133 -28.64 -5.33 -28.57
CA ASP D 133 -27.98 -4.16 -28.00
C ASP D 133 -26.53 -4.46 -27.66
N GLN D 134 -26.26 -5.63 -27.08
CA GLN D 134 -24.88 -6.02 -26.80
C GLN D 134 -24.10 -6.25 -28.08
N LYS D 135 -24.73 -6.83 -29.09
CA LYS D 135 -24.07 -7.02 -30.38
C LYS D 135 -23.68 -5.67 -30.99
N LYS D 136 -24.56 -4.68 -30.92
CA LYS D 136 -24.23 -3.36 -31.42
C LYS D 136 -23.14 -2.71 -30.59
N LEU D 137 -23.20 -2.87 -29.26
CA LEU D 137 -22.21 -2.23 -28.40
C LEU D 137 -20.82 -2.77 -28.64
N MET D 138 -20.70 -4.09 -28.75
CA MET D 138 -19.39 -4.72 -28.92
C MET D 138 -18.96 -4.81 -30.36
N SER D 139 -19.91 -4.78 -31.29
CA SER D 139 -19.52 -4.73 -32.70
C SER D 139 -18.76 -3.45 -32.85
N ASN D 140 -19.09 -2.46 -32.02
CA ASN D 140 -18.35 -1.21 -32.00
C ASN D 140 -17.32 -1.35 -30.90
N ASN D 141 -16.40 -0.40 -30.75
CA ASN D 141 -15.43 -0.60 -29.67
C ASN D 141 -14.80 -2.00 -29.74
N VAL D 142 -14.45 -2.42 -30.96
CA VAL D 142 -13.82 -3.71 -31.15
C VAL D 142 -12.47 -3.76 -30.46
N GLN D 143 -11.75 -2.63 -30.43
CA GLN D 143 -10.47 -2.56 -29.74
C GLN D 143 -10.61 -2.84 -28.25
N ILE D 144 -11.72 -2.42 -27.63
CA ILE D 144 -11.93 -2.72 -26.21
C ILE D 144 -12.20 -4.21 -26.01
N VAL D 145 -12.98 -4.82 -26.90
CA VAL D 145 -13.20 -6.27 -26.84
C VAL D 145 -11.88 -7.01 -26.98
N ARG D 146 -11.01 -6.54 -27.87
CA ARG D 146 -9.69 -7.14 -28.01
C ARG D 146 -8.88 -6.99 -26.72
N GLN D 147 -8.92 -5.80 -26.12
CA GLN D 147 -8.15 -5.55 -24.91
C GLN D 147 -8.68 -6.31 -23.70
N GLN D 148 -9.95 -6.72 -23.73
CA GLN D 148 -10.55 -7.46 -22.62
C GLN D 148 -10.68 -8.95 -22.91
N SER D 149 -10.01 -9.46 -23.94
CA SER D 149 -10.12 -10.86 -24.33
C SER D 149 -8.82 -11.60 -24.07
N TYR D 150 -8.92 -12.93 -24.02
CA TYR D 150 -7.79 -13.81 -23.81
C TYR D 150 -7.72 -14.82 -24.95
N SER D 151 -6.51 -15.34 -25.18
CA SER D 151 -6.28 -16.38 -26.17
C SER D 151 -5.44 -17.48 -25.52
N ILE D 152 -6.03 -18.65 -25.35
CA ILE D 152 -5.40 -19.76 -24.61
C ILE D 152 -5.05 -20.86 -25.60
N MET D 153 -3.77 -21.21 -25.67
CA MET D 153 -3.34 -22.37 -26.43
C MET D 153 -3.90 -23.63 -25.78
N SER D 154 -4.54 -24.49 -26.58
CA SER D 154 -5.20 -25.66 -26.04
C SER D 154 -4.58 -26.98 -26.49
N ILE D 155 -4.50 -27.24 -27.80
CA ILE D 155 -4.06 -28.55 -28.26
C ILE D 155 -3.55 -28.44 -29.69
N ILE D 156 -2.64 -29.35 -30.05
CA ILE D 156 -2.22 -29.51 -31.44
C ILE D 156 -2.06 -31.01 -31.69
N LYS D 157 -3.04 -31.63 -32.35
CA LYS D 157 -3.01 -33.06 -32.58
C LYS D 157 -3.98 -33.42 -33.70
N GLU D 158 -3.74 -34.59 -34.29
CA GLU D 158 -4.53 -35.09 -35.42
C GLU D 158 -4.63 -34.05 -36.52
N GLU D 159 -3.50 -33.40 -36.82
CA GLU D 159 -3.41 -32.39 -37.87
C GLU D 159 -4.36 -31.23 -37.64
N VAL D 160 -4.67 -30.94 -36.37
CA VAL D 160 -5.55 -29.84 -36.00
C VAL D 160 -4.90 -29.06 -34.88
N LEU D 161 -4.73 -27.75 -35.07
CA LEU D 161 -4.19 -26.86 -34.04
C LEU D 161 -5.36 -26.03 -33.52
N ALA D 162 -5.78 -26.29 -32.28
CA ALA D 162 -6.93 -25.63 -31.70
C ALA D 162 -6.50 -24.81 -30.50
N TYR D 163 -6.97 -23.57 -30.44
CA TYR D 163 -6.79 -22.72 -29.27
C TYR D 163 -8.13 -22.12 -28.89
N VAL D 164 -8.18 -21.49 -27.71
CA VAL D 164 -9.42 -21.03 -27.10
C VAL D 164 -9.37 -19.51 -27.01
N VAL D 165 -10.43 -18.86 -27.49
CA VAL D 165 -10.58 -17.42 -27.40
C VAL D 165 -11.70 -17.13 -26.41
N GLN D 166 -11.38 -16.32 -25.41
CA GLN D 166 -12.28 -16.01 -24.30
C GLN D 166 -12.64 -14.53 -24.38
N LEU D 167 -13.88 -14.24 -24.87
CA LEU D 167 -14.40 -12.91 -25.14
C LEU D 167 -15.24 -12.41 -23.97
N PRO D 168 -15.28 -11.09 -23.76
CA PRO D 168 -16.09 -10.55 -22.67
C PRO D 168 -17.59 -10.65 -22.95
N LEU D 169 -18.36 -10.62 -21.88
CA LEU D 169 -19.82 -10.59 -21.94
C LEU D 169 -20.29 -9.44 -21.08
N TYR D 170 -20.88 -8.42 -21.71
CA TYR D 170 -21.35 -7.23 -21.03
C TYR D 170 -22.84 -7.40 -20.74
N GLY D 171 -23.15 -7.89 -19.54
CA GLY D 171 -24.53 -8.06 -19.16
C GLY D 171 -25.20 -6.82 -18.63
N VAL D 172 -24.42 -5.81 -18.25
CA VAL D 172 -24.94 -4.55 -17.72
C VAL D 172 -24.44 -3.44 -18.63
N ILE D 173 -25.36 -2.80 -19.35
CA ILE D 173 -25.02 -1.70 -20.25
C ILE D 173 -26.03 -0.58 -20.04
N ASP D 174 -25.59 0.63 -20.41
CA ASP D 174 -26.40 1.84 -20.44
C ASP D 174 -26.90 2.28 -19.08
N THR D 175 -26.38 1.72 -18.00
CA THR D 175 -26.77 2.22 -16.69
C THR D 175 -25.93 3.43 -16.31
N PRO D 176 -26.43 4.32 -15.45
CA PRO D 176 -25.67 5.51 -15.08
C PRO D 176 -24.34 5.16 -14.41
N CYS D 177 -23.29 5.89 -14.80
CA CYS D 177 -21.97 5.70 -14.17
C CYS D 177 -21.37 7.08 -13.91
N TRP D 178 -20.51 7.20 -12.90
CA TRP D 178 -19.85 8.44 -12.56
C TRP D 178 -18.48 8.15 -11.96
N LYS D 179 -17.64 9.17 -11.93
CA LYS D 179 -16.28 9.06 -11.42
C LYS D 179 -16.06 10.04 -10.28
N LEU D 180 -15.36 9.60 -9.24
CA LEU D 180 -15.05 10.42 -8.08
C LEU D 180 -13.55 10.64 -8.01
N HIS D 181 -13.13 11.91 -8.03
CA HIS D 181 -11.75 12.32 -7.85
C HIS D 181 -11.62 13.00 -6.49
N THR D 182 -10.62 12.60 -5.71
CA THR D 182 -10.40 13.14 -4.38
C THR D 182 -8.98 13.69 -4.25
N SER D 183 -8.80 14.82 -3.63
CA SER D 183 -7.48 15.32 -3.34
C SER D 183 -7.51 15.59 -1.87
N PRO D 184 -6.39 15.98 -1.29
CA PRO D 184 -6.31 16.18 0.15
C PRO D 184 -6.70 17.50 0.72
N LEU D 185 -7.33 17.53 1.88
CA LEU D 185 -7.81 18.74 2.46
C LEU D 185 -7.08 18.92 3.75
N CYS D 186 -6.19 19.91 3.84
CA CYS D 186 -5.37 20.19 4.99
C CYS D 186 -5.57 21.57 5.50
N THR D 187 -5.41 21.80 6.81
CA THR D 187 -5.62 23.13 7.39
C THR D 187 -4.40 24.01 7.22
N THR D 188 -4.53 25.05 6.39
CA THR D 188 -3.37 25.79 5.87
C THR D 188 -2.80 26.75 6.92
N ASN D 189 -2.34 26.20 8.04
CA ASN D 189 -1.69 26.99 9.07
C ASN D 189 -0.26 27.33 8.66
N THR D 190 0.29 28.34 9.33
CA THR D 190 1.62 28.84 8.98
C THR D 190 2.71 27.85 9.37
N LYS D 191 2.65 27.31 10.58
CA LYS D 191 3.71 26.43 11.06
C LYS D 191 3.74 25.13 10.26
N GLU D 192 4.96 24.64 10.02
CA GLU D 192 5.15 23.50 9.12
C GLU D 192 4.51 22.23 9.69
N GLY D 193 4.69 21.98 10.99
CA GLY D 193 4.24 20.73 11.56
C GLY D 193 2.93 20.80 12.33
N SER D 194 2.19 21.88 12.15
CA SER D 194 0.94 22.10 12.87
C SER D 194 -0.29 21.81 12.00
N ASN D 195 -0.11 21.19 10.84
CA ASN D 195 -1.17 21.02 9.86
C ASN D 195 -1.72 19.60 9.90
N ILE D 196 -3.03 19.45 9.94
CA ILE D 196 -3.68 18.15 9.89
C ILE D 196 -4.47 18.04 8.62
N CYS D 197 -4.48 16.88 7.97
CA CYS D 197 -5.23 16.61 6.74
C CYS D 197 -6.20 15.42 6.68
N LEU D 198 -7.09 15.39 5.69
CA LEU D 198 -8.02 14.29 5.43
C LEU D 198 -8.09 14.16 3.93
N THR D 199 -8.25 12.98 3.39
CA THR D 199 -8.44 12.80 1.99
C THR D 199 -9.49 11.75 1.96
N ARG D 200 -10.37 11.78 1.00
CA ARG D 200 -11.32 10.69 0.81
C ARG D 200 -10.67 9.56 0.01
N THR D 201 -10.81 8.33 0.50
CA THR D 201 -10.18 7.17 -0.11
C THR D 201 -11.08 6.46 -1.11
N ASP D 202 -12.31 6.94 -1.32
CA ASP D 202 -13.27 6.26 -2.18
C ASP D 202 -13.23 6.77 -3.62
N ARG D 203 -12.09 7.27 -4.08
CA ARG D 203 -11.95 7.69 -5.46
C ARG D 203 -12.06 6.50 -6.40
N GLY D 204 -12.61 6.74 -7.58
CA GLY D 204 -12.74 5.69 -8.57
C GLY D 204 -14.07 5.76 -9.27
N TRP D 205 -14.45 4.66 -9.91
CA TRP D 205 -15.65 4.62 -10.72
C TRP D 205 -16.80 3.99 -9.95
N TYR D 206 -18.01 4.51 -10.14
CA TYR D 206 -19.22 3.96 -9.56
C TYR D 206 -20.25 3.76 -10.66
N CYS D 207 -20.95 2.63 -10.62
CA CYS D 207 -21.91 2.33 -11.66
C CYS D 207 -23.15 1.64 -11.10
N ASP D 208 -24.32 2.14 -11.48
CA ASP D 208 -25.56 1.51 -11.04
C ASP D 208 -25.67 0.11 -11.64
N ASN D 209 -26.05 -0.86 -10.81
CA ASN D 209 -26.10 -2.25 -11.25
C ASN D 209 -27.05 -3.02 -10.35
N ALA D 210 -28.21 -3.39 -10.89
CA ALA D 210 -29.16 -4.29 -10.23
C ALA D 210 -29.55 -3.79 -8.84
N GLY D 211 -29.82 -2.49 -8.74
CA GLY D 211 -30.23 -1.90 -7.49
C GLY D 211 -29.11 -1.60 -6.51
N SER D 212 -27.86 -1.88 -6.87
CA SER D 212 -26.72 -1.55 -6.05
C SER D 212 -25.73 -0.74 -6.86
N VAL D 213 -24.53 -0.52 -6.33
CA VAL D 213 -23.48 0.21 -7.02
C VAL D 213 -22.24 -0.67 -7.09
N SER D 214 -21.72 -0.85 -8.29
CA SER D 214 -20.43 -1.48 -8.50
C SER D 214 -19.36 -0.39 -8.40
N PHE D 215 -18.41 -0.58 -7.50
CA PHE D 215 -17.35 0.39 -7.25
C PHE D 215 -16.02 -0.20 -7.72
N PHE D 216 -15.36 0.53 -8.61
CA PHE D 216 -14.06 0.14 -9.14
C PHE D 216 -13.01 1.09 -8.60
N PRO D 217 -12.16 0.65 -7.66
CA PRO D 217 -11.20 1.58 -7.06
C PRO D 217 -10.06 1.97 -7.98
N GLN D 218 -9.56 1.01 -8.76
CA GLN D 218 -8.50 1.29 -9.73
C GLN D 218 -9.15 1.79 -11.01
N ALA D 219 -9.34 3.11 -11.07
CA ALA D 219 -9.95 3.74 -12.25
C ALA D 219 -9.08 3.63 -13.49
N GLU D 220 -7.81 3.24 -13.34
CA GLU D 220 -6.96 3.02 -14.51
C GLU D 220 -7.38 1.77 -15.28
N THR D 221 -7.90 0.76 -14.59
CA THR D 221 -8.34 -0.46 -15.26
C THR D 221 -9.52 -0.19 -16.18
N CYS D 222 -10.48 0.64 -15.73
CA CYS D 222 -11.62 0.97 -16.55
C CYS D 222 -11.20 1.77 -17.78
N LYS D 223 -11.80 1.47 -18.92
CA LYS D 223 -11.46 2.11 -20.19
C LYS D 223 -12.62 2.98 -20.65
N VAL D 224 -12.36 4.26 -20.89
CA VAL D 224 -13.39 5.22 -21.25
C VAL D 224 -13.24 5.57 -22.71
N GLN D 225 -14.30 5.32 -23.48
CA GLN D 225 -14.39 5.74 -24.88
C GLN D 225 -15.63 6.60 -25.02
N SER D 226 -15.42 7.88 -25.31
CA SER D 226 -16.48 8.89 -25.34
C SER D 226 -17.15 8.92 -23.98
N ASN D 227 -18.46 8.69 -23.88
CA ASN D 227 -19.14 8.62 -22.59
C ASN D 227 -19.42 7.19 -22.15
N ARG D 228 -18.81 6.22 -22.81
CA ARG D 228 -18.97 4.82 -22.45
C ARG D 228 -17.78 4.36 -21.61
N VAL D 229 -18.08 3.65 -20.52
CA VAL D 229 -17.05 3.15 -19.60
C VAL D 229 -17.13 1.64 -19.58
N PHE D 230 -16.04 0.99 -20.01
CA PHE D 230 -15.92 -0.46 -19.99
C PHE D 230 -15.15 -0.84 -18.73
N CYS D 231 -15.79 -1.59 -17.84
CA CYS D 231 -15.18 -1.96 -16.57
C CYS D 231 -15.36 -3.45 -16.31
N ASP D 232 -14.35 -4.03 -15.65
CA ASP D 232 -14.38 -5.45 -15.29
C ASP D 232 -14.96 -5.59 -13.90
N THR D 233 -16.06 -6.36 -13.79
CA THR D 233 -16.71 -6.52 -12.49
C THR D 233 -15.87 -7.32 -11.51
N MET D 234 -14.82 -8.01 -11.97
CA MET D 234 -13.95 -8.75 -11.07
C MET D 234 -13.24 -7.81 -10.10
N ASN D 235 -12.80 -6.66 -10.58
CA ASN D 235 -12.13 -5.66 -9.74
C ASN D 235 -13.13 -4.61 -9.25
N SER D 236 -14.16 -5.07 -8.55
CA SER D 236 -15.22 -4.20 -8.11
C SER D 236 -15.78 -4.69 -6.78
N LEU D 237 -16.48 -3.79 -6.09
CA LEU D 237 -17.17 -4.09 -4.84
C LEU D 237 -18.63 -3.70 -4.99
N THR D 238 -19.52 -4.50 -4.39
CA THR D 238 -20.95 -4.20 -4.40
C THR D 238 -21.27 -3.38 -3.16
N LEU D 239 -21.86 -2.21 -3.36
CA LEU D 239 -22.17 -1.28 -2.29
C LEU D 239 -23.64 -0.86 -2.41
N PRO D 240 -24.24 -0.42 -1.30
CA PRO D 240 -25.59 0.14 -1.39
C PRO D 240 -25.59 1.47 -2.13
N SER D 241 -26.78 1.83 -2.63
CA SER D 241 -26.91 3.09 -3.37
C SER D 241 -26.60 4.30 -2.49
N GLU D 242 -26.80 4.17 -1.17
CA GLU D 242 -26.61 5.29 -0.25
C GLU D 242 -25.20 5.86 -0.29
N VAL D 243 -24.25 5.15 -0.90
CA VAL D 243 -22.89 5.68 -1.02
C VAL D 243 -22.90 6.99 -1.80
N ASN D 244 -23.83 7.13 -2.76
CA ASN D 244 -23.92 8.37 -3.51
C ASN D 244 -24.19 9.56 -2.59
N LEU D 245 -24.87 9.33 -1.46
CA LEU D 245 -25.15 10.40 -0.53
C LEU D 245 -23.87 11.06 -0.03
N CYS D 246 -22.77 10.29 0.02
CA CYS D 246 -21.49 10.85 0.47
C CYS D 246 -21.03 12.01 -0.40
N ASN D 247 -21.50 12.07 -1.65
CA ASN D 247 -21.14 13.20 -2.51
C ASN D 247 -21.87 14.47 -2.10
N VAL D 248 -23.09 14.35 -1.60
CA VAL D 248 -23.88 15.53 -1.24
C VAL D 248 -23.81 15.87 0.24
N ASP D 249 -23.45 14.91 1.11
CA ASP D 249 -23.35 15.17 2.54
C ASP D 249 -22.38 14.14 3.12
N ILE D 250 -21.15 14.57 3.37
CA ILE D 250 -20.13 13.67 3.89
C ILE D 250 -20.47 13.18 5.28
N PHE D 251 -21.31 13.91 6.02
CA PHE D 251 -21.71 13.53 7.37
C PHE D 251 -23.13 12.98 7.42
N ASN D 252 -23.62 12.42 6.31
CA ASN D 252 -24.96 11.88 6.28
C ASN D 252 -25.06 10.65 7.19
N PRO D 253 -26.21 10.43 7.82
CA PRO D 253 -26.37 9.29 8.73
C PRO D 253 -26.65 7.97 8.06
N LYS D 254 -26.88 7.95 6.73
CA LYS D 254 -27.21 6.70 6.06
C LYS D 254 -25.97 5.88 5.76
N TYR D 255 -24.92 6.51 5.25
CA TYR D 255 -23.71 5.82 4.85
C TYR D 255 -22.50 6.42 5.56
N ASP D 256 -21.54 5.56 5.87
CA ASP D 256 -20.29 5.96 6.51
C ASP D 256 -19.23 6.13 5.43
N CYS D 257 -18.88 7.37 5.14
CA CYS D 257 -17.95 7.66 4.05
C CYS D 257 -16.51 7.39 4.49
N LYS D 258 -15.75 6.72 3.63
CA LYS D 258 -14.38 6.33 3.95
C LYS D 258 -13.42 7.48 3.69
N ILE D 259 -12.47 7.70 4.60
CA ILE D 259 -11.48 8.76 4.50
C ILE D 259 -10.18 8.32 5.09
N MET D 260 -9.10 9.03 4.86
CA MET D 260 -7.82 8.77 5.48
C MET D 260 -7.40 10.02 6.14
N THR D 261 -6.49 9.94 7.06
CA THR D 261 -6.06 11.04 7.82
C THR D 261 -4.54 11.10 7.83
N SER D 262 -3.97 12.29 7.80
CA SER D 262 -2.54 12.48 7.87
C SER D 262 -2.08 13.80 8.41
N LYS D 263 -0.78 13.93 8.64
CA LYS D 263 -0.21 15.20 9.06
C LYS D 263 0.74 15.79 8.02
N THR D 264 0.85 15.15 6.85
CA THR D 264 1.72 15.62 5.79
C THR D 264 0.89 16.38 4.77
N ASP D 265 1.24 17.65 4.53
CA ASP D 265 0.51 18.52 3.60
C ASP D 265 1.42 18.86 2.43
N VAL D 266 1.28 18.12 1.34
CA VAL D 266 2.04 18.36 0.12
C VAL D 266 1.08 18.88 -0.95
N SER D 267 1.62 19.74 -1.82
CA SER D 267 0.83 20.31 -2.90
C SER D 267 0.77 19.35 -4.07
N SER D 268 -0.43 19.19 -4.64
CA SER D 268 -0.59 18.28 -5.77
C SER D 268 -1.85 18.64 -6.53
N SER D 269 -1.92 18.18 -7.77
CA SER D 269 -3.07 18.43 -8.64
C SER D 269 -3.66 17.11 -9.11
N VAL D 270 -4.98 17.05 -9.13
CA VAL D 270 -5.73 15.92 -9.67
C VAL D 270 -6.45 16.41 -10.91
N ILE D 271 -6.08 15.87 -12.07
CA ILE D 271 -6.68 16.26 -13.34
C ILE D 271 -7.96 15.44 -13.51
N THR D 272 -9.10 16.11 -13.44
CA THR D 272 -10.39 15.46 -13.54
C THR D 272 -10.84 15.44 -14.99
N SER D 273 -12.10 15.06 -15.22
CA SER D 273 -12.61 14.96 -16.59
C SER D 273 -12.83 16.34 -17.20
N LEU D 274 -13.38 17.27 -16.43
CA LEU D 274 -13.76 18.59 -16.93
C LEU D 274 -12.99 19.71 -16.25
N GLY D 275 -11.88 19.40 -15.59
CA GLY D 275 -11.12 20.43 -14.91
C GLY D 275 -9.92 19.90 -14.16
N ALA D 276 -9.60 20.56 -13.05
CA ALA D 276 -8.43 20.21 -12.25
C ALA D 276 -8.62 20.69 -10.83
N ILE D 277 -8.38 19.79 -9.87
CA ILE D 277 -8.37 20.14 -8.45
C ILE D 277 -6.92 20.41 -8.06
N VAL D 278 -6.70 21.52 -7.35
CA VAL D 278 -5.36 21.92 -6.95
C VAL D 278 -5.33 22.04 -5.42
N SER D 279 -4.42 21.32 -4.79
CA SER D 279 -4.18 21.42 -3.36
C SER D 279 -2.82 22.10 -3.19
N CYS D 280 -2.85 23.38 -2.81
CA CYS D 280 -1.66 24.19 -2.68
C CYS D 280 -1.38 24.42 -1.20
N TYR D 281 -0.23 23.94 -0.73
CA TYR D 281 0.13 24.04 0.67
C TYR D 281 1.59 24.45 0.80
N GLY D 282 1.91 25.04 1.95
CA GLY D 282 3.28 25.47 2.19
C GLY D 282 3.64 26.67 1.33
N LYS D 283 4.91 26.72 0.93
CA LYS D 283 5.44 27.79 0.10
C LYS D 283 5.37 27.48 -1.39
N THR D 284 4.73 26.36 -1.76
CA THR D 284 4.59 26.01 -3.16
C THR D 284 3.73 27.04 -3.89
N LYS D 285 4.13 27.40 -5.10
CA LYS D 285 3.41 28.35 -5.93
C LYS D 285 2.61 27.59 -6.98
N CYS D 286 1.29 27.74 -6.94
CA CYS D 286 0.38 27.05 -7.85
C CYS D 286 -0.34 28.07 -8.72
N THR D 287 -0.35 27.82 -10.03
CA THR D 287 -0.98 28.74 -10.99
C THR D 287 -1.75 27.94 -12.02
N ALA D 288 -2.67 28.63 -12.69
CA ALA D 288 -3.41 28.09 -13.82
C ALA D 288 -3.21 29.03 -15.01
N SER D 289 -2.84 28.45 -16.14
CA SER D 289 -2.39 29.21 -17.30
C SER D 289 -3.17 28.81 -18.55
N ASN D 290 -3.34 29.78 -19.44
CA ASN D 290 -3.96 29.61 -20.74
C ASN D 290 -2.91 29.81 -21.82
N LYS D 291 -3.04 29.06 -22.91
CA LYS D 291 -2.01 29.08 -23.96
C LYS D 291 -1.90 30.45 -24.64
N ASN D 292 -2.93 31.28 -24.55
CA ASN D 292 -2.93 32.59 -25.19
C ASN D 292 -2.54 33.71 -24.22
N ARG D 293 -3.20 33.78 -23.07
CA ARG D 293 -2.99 34.86 -22.12
C ARG D 293 -1.97 34.52 -21.04
N GLY D 294 -1.32 33.37 -21.13
CA GLY D 294 -0.34 33.01 -20.11
C GLY D 294 -1.03 32.67 -18.80
N ILE D 295 -0.39 33.05 -17.70
CA ILE D 295 -0.94 32.79 -16.37
C ILE D 295 -2.22 33.60 -16.20
N ILE D 296 -3.31 32.92 -15.90
CA ILE D 296 -4.61 33.57 -15.70
C ILE D 296 -5.14 33.42 -14.28
N LYS D 297 -4.57 32.54 -13.46
CA LYS D 297 -5.01 32.43 -12.08
C LYS D 297 -3.84 32.01 -11.20
N THR D 298 -3.84 32.50 -9.96
CA THR D 298 -2.85 32.11 -8.96
C THR D 298 -3.61 31.59 -7.74
N PHE D 299 -3.33 30.34 -7.36
CA PHE D 299 -4.04 29.69 -6.27
C PHE D 299 -3.43 30.09 -4.93
N SER D 300 -4.30 30.34 -3.95
CA SER D 300 -3.87 30.53 -2.58
C SER D 300 -3.82 29.19 -1.86
N ASN D 301 -3.35 29.20 -0.62
CA ASN D 301 -3.27 27.97 0.15
C ASN D 301 -4.65 27.39 0.38
N GLY D 302 -4.78 26.09 0.16
CA GLY D 302 -6.03 25.36 0.30
C GLY D 302 -6.30 24.53 -0.92
N CYS D 303 -7.56 24.10 -1.05
CA CYS D 303 -8.01 23.30 -2.17
C CYS D 303 -8.95 24.12 -3.05
N ASP D 304 -8.63 24.16 -4.34
CA ASP D 304 -9.42 24.92 -5.31
C ASP D 304 -9.63 24.07 -6.54
N TYR D 305 -10.42 24.59 -7.49
CA TYR D 305 -10.77 23.84 -8.68
C TYR D 305 -10.90 24.82 -9.84
N VAL D 306 -10.40 24.42 -11.00
CA VAL D 306 -10.50 25.23 -12.22
C VAL D 306 -10.99 24.35 -13.35
N SER D 307 -11.99 24.81 -14.09
CA SER D 307 -12.49 24.07 -15.24
C SER D 307 -11.56 24.28 -16.44
N ASN D 308 -11.85 23.55 -17.52
CA ASN D 308 -11.03 23.59 -18.72
C ASN D 308 -11.57 24.53 -19.78
N LYS D 309 -12.54 25.38 -19.43
CA LYS D 309 -13.11 26.30 -20.41
C LYS D 309 -12.07 27.29 -20.93
N GLY D 310 -11.29 27.87 -20.01
CA GLY D 310 -10.26 28.81 -20.41
C GLY D 310 -8.88 28.39 -19.97
N VAL D 311 -8.80 27.44 -19.06
CA VAL D 311 -7.54 26.96 -18.52
C VAL D 311 -7.04 25.82 -19.39
N ASP D 312 -5.78 25.92 -19.83
CA ASP D 312 -5.14 24.86 -20.60
C ASP D 312 -4.12 24.06 -19.80
N THR D 313 -3.37 24.71 -18.90
CA THR D 313 -2.40 24.01 -18.07
C THR D 313 -2.52 24.50 -16.64
N VAL D 314 -2.03 23.67 -15.71
CA VAL D 314 -1.94 24.03 -14.31
C VAL D 314 -0.56 23.65 -13.80
N SER D 315 0.11 24.59 -13.15
CA SER D 315 1.46 24.37 -12.62
C SER D 315 1.38 24.31 -11.10
N VAL D 316 1.83 23.19 -10.53
CA VAL D 316 1.95 23.02 -9.10
C VAL D 316 3.42 22.76 -8.81
N GLY D 317 4.07 23.73 -8.17
CA GLY D 317 5.49 23.61 -7.91
C GLY D 317 6.28 23.48 -9.20
N ASN D 318 7.06 22.41 -9.30
CA ASN D 318 7.85 22.14 -10.49
C ASN D 318 7.11 21.24 -11.49
N THR D 319 5.86 20.90 -11.23
CA THR D 319 5.09 20.03 -12.09
C THR D 319 4.11 20.85 -12.92
N LEU D 320 3.95 20.48 -14.19
CA LEU D 320 2.98 21.11 -15.08
C LEU D 320 2.07 20.05 -15.66
N TYR D 321 0.76 20.23 -15.47
CA TYR D 321 -0.25 19.30 -15.95
C TYR D 321 -1.05 19.94 -17.08
N TYR D 322 -1.37 19.15 -18.09
CA TYR D 322 -2.32 19.54 -19.12
C TYR D 322 -3.69 19.00 -18.74
N VAL D 323 -4.69 19.87 -18.81
CA VAL D 323 -6.06 19.48 -18.45
C VAL D 323 -6.74 18.88 -19.68
N ASN D 324 -7.73 18.03 -19.43
CA ASN D 324 -8.50 17.44 -20.51
C ASN D 324 -9.43 18.48 -21.12
N LYS D 325 -9.42 18.59 -22.44
CA LYS D 325 -10.24 19.57 -23.14
C LYS D 325 -11.56 19.00 -23.63
N GLN D 326 -12.07 17.96 -22.96
CA GLN D 326 -13.36 17.39 -23.33
C GLN D 326 -14.47 18.35 -22.98
N GLU D 327 -15.42 18.51 -23.90
CA GLU D 327 -16.50 19.47 -23.71
C GLU D 327 -17.45 19.01 -22.62
N GLY D 328 -17.86 19.94 -21.78
CA GLY D 328 -18.78 19.63 -20.70
C GLY D 328 -19.06 20.88 -19.87
N LYS D 329 -19.91 20.70 -18.86
CA LYS D 329 -20.31 21.79 -17.98
C LYS D 329 -19.84 21.49 -16.56
N SER D 330 -19.20 22.47 -15.94
CA SER D 330 -18.65 22.33 -14.60
C SER D 330 -19.40 23.24 -13.63
N LEU D 331 -19.59 22.74 -12.41
CA LEU D 331 -20.26 23.47 -11.35
C LEU D 331 -19.37 23.50 -10.12
N TYR D 332 -19.42 24.61 -9.39
CA TYR D 332 -18.62 24.82 -8.18
C TYR D 332 -19.58 24.98 -7.02
N VAL D 333 -19.48 24.08 -6.03
CA VAL D 333 -20.35 24.11 -4.86
C VAL D 333 -19.52 24.64 -3.71
N LYS D 334 -19.72 25.92 -3.37
CA LYS D 334 -18.96 26.53 -2.29
C LYS D 334 -19.42 25.98 -0.94
N GLY D 335 -18.47 25.79 -0.04
CA GLY D 335 -18.78 25.30 1.28
C GLY D 335 -17.57 25.35 2.17
N GLU D 336 -17.83 25.37 3.47
CA GLU D 336 -16.75 25.39 4.45
C GLU D 336 -16.06 24.02 4.45
N PRO D 337 -14.73 23.97 4.29
CA PRO D 337 -14.03 22.68 4.34
C PRO D 337 -14.24 22.01 5.70
N ILE D 338 -14.34 20.70 5.66
CA ILE D 338 -14.68 19.97 6.84
C ILE D 338 -13.50 19.75 7.71
N ILE D 339 -12.32 19.99 7.20
CA ILE D 339 -11.10 19.87 7.93
C ILE D 339 -11.05 20.88 9.03
N ASN D 340 -11.64 22.01 8.79
CA ASN D 340 -11.67 23.07 9.80
C ASN D 340 -12.50 22.68 11.02
N PHE D 341 -13.35 21.65 10.89
CA PHE D 341 -14.18 21.26 12.02
C PHE D 341 -13.36 20.56 13.10
N TYR D 342 -12.37 19.83 12.74
CA TYR D 342 -11.62 19.04 13.66
C TYR D 342 -10.63 19.76 14.48
N ASP D 343 -10.52 19.35 15.73
CA ASP D 343 -9.53 19.93 16.61
C ASP D 343 -8.18 19.29 16.35
N PRO D 344 -7.14 20.07 15.99
CA PRO D 344 -5.84 19.44 15.70
C PRO D 344 -5.23 18.71 16.87
N LEU D 345 -5.54 19.11 18.10
CA LEU D 345 -4.94 18.48 19.26
C LEU D 345 -5.41 17.04 19.42
N VAL D 346 -6.69 16.77 19.17
CA VAL D 346 -7.27 15.45 19.33
C VAL D 346 -7.50 14.75 18.00
N PHE D 347 -7.07 15.30 16.88
CA PHE D 347 -7.23 14.67 15.60
C PHE D 347 -6.43 13.43 15.54
N PRO D 348 -7.01 12.31 15.10
CA PRO D 348 -6.26 11.07 14.92
C PRO D 348 -5.60 11.03 13.55
N SER D 349 -4.27 11.03 13.53
CA SER D 349 -3.51 11.00 12.29
C SER D 349 -3.04 9.58 11.99
N ASP D 350 -2.46 9.40 10.81
CA ASP D 350 -1.91 8.12 10.35
C ASP D 350 -2.98 7.02 10.37
N GLU D 351 -4.18 7.36 9.94
CA GLU D 351 -5.26 6.40 9.74
C GLU D 351 -5.54 6.26 8.25
N PHE D 352 -5.44 5.04 7.74
CA PHE D 352 -5.62 4.77 6.31
C PHE D 352 -6.98 4.18 6.01
N ASP D 353 -7.32 3.05 6.65
CA ASP D 353 -8.59 2.39 6.42
C ASP D 353 -9.59 2.80 7.50
N ALA D 354 -10.02 4.05 7.42
CA ALA D 354 -10.93 4.64 8.40
C ALA D 354 -12.15 5.21 7.70
N SER D 355 -13.00 5.88 8.49
CA SER D 355 -14.19 6.53 7.97
C SER D 355 -14.57 7.65 8.93
N ILE D 356 -15.62 8.38 8.64
CA ILE D 356 -16.04 9.46 9.49
C ILE D 356 -16.56 8.99 10.82
N SER D 357 -17.27 7.87 10.89
CA SER D 357 -17.69 7.32 12.17
C SER D 357 -16.52 6.73 12.94
N GLN D 358 -15.59 6.07 12.25
CA GLN D 358 -14.42 5.51 12.92
C GLN D 358 -13.54 6.61 13.49
N VAL D 359 -13.40 7.74 12.82
CA VAL D 359 -12.60 8.86 13.30
C VAL D 359 -13.32 9.51 14.44
N ASN D 360 -14.63 9.56 14.41
CA ASN D 360 -15.37 10.09 15.56
C ASN D 360 -15.20 9.19 16.78
N GLU D 361 -15.23 7.87 16.59
CA GLU D 361 -15.00 6.95 17.69
C GLU D 361 -13.59 7.09 18.25
N LYS D 362 -12.60 7.25 17.36
CA LYS D 362 -11.23 7.42 17.83
C LYS D 362 -11.07 8.69 18.63
N ILE D 363 -11.71 9.79 18.20
CA ILE D 363 -11.67 11.02 18.98
C ILE D 363 -12.37 10.84 20.31
N ASN D 364 -13.52 10.17 20.31
CA ASN D 364 -14.25 9.95 21.55
C ASN D 364 -13.54 9.01 22.50
N GLN D 365 -12.66 8.14 21.97
CA GLN D 365 -11.84 7.28 22.81
C GLN D 365 -10.61 7.99 23.35
N SER D 366 -10.22 9.11 22.75
CA SER D 366 -9.21 9.98 23.36
C SER D 366 -9.81 10.83 24.46
N LEU D 367 -11.12 11.05 24.43
CA LEU D 367 -11.84 11.72 25.50
C LEU D 367 -12.44 10.71 26.47
N ALA D 368 -11.97 9.47 26.43
CA ALA D 368 -12.27 8.50 27.48
C ALA D 368 -11.53 8.86 28.76
N PHE D 369 -10.23 9.07 28.65
CA PHE D 369 -9.48 9.77 29.68
C PHE D 369 -9.91 11.24 29.70
N ILE D 370 -9.38 12.01 30.63
CA ILE D 370 -9.78 13.40 30.81
C ILE D 370 -11.28 13.49 31.06
N ASN E 2 33.15 11.22 -10.70
CA ASN E 2 31.90 10.90 -11.38
C ASN E 2 30.83 10.47 -10.38
N ILE E 3 30.55 9.17 -10.34
CA ILE E 3 29.52 8.62 -9.46
C ILE E 3 30.16 8.23 -8.13
N THR E 4 29.61 8.76 -7.04
CA THR E 4 30.09 8.45 -5.71
C THR E 4 28.92 7.96 -4.86
N GLU E 5 29.24 7.25 -3.79
CA GLU E 5 28.23 6.71 -2.89
C GLU E 5 28.69 6.90 -1.45
N GLU E 6 27.74 7.21 -0.57
CA GLU E 6 28.00 7.37 0.85
C GLU E 6 26.99 6.56 1.64
N PHE E 7 27.47 5.67 2.49
CA PHE E 7 26.62 4.86 3.35
C PHE E 7 26.64 5.44 4.76
N TYR E 8 25.45 5.58 5.35
CA TYR E 8 25.28 6.05 6.71
C TYR E 8 24.75 4.91 7.57
N GLN E 9 25.58 4.52 8.55
CA GLN E 9 25.24 3.44 9.48
C GLN E 9 24.20 3.85 10.51
N SER E 10 24.17 5.12 10.91
CA SER E 10 23.20 5.58 11.88
C SER E 10 21.78 5.36 11.39
N THR E 11 21.51 5.66 10.12
CA THR E 11 20.18 5.50 9.56
C THR E 11 20.06 4.34 8.59
N CYS E 12 21.13 3.58 8.39
CA CYS E 12 21.11 2.42 7.48
C CYS E 12 20.67 2.83 6.09
N SER E 13 21.23 3.93 5.59
CA SER E 13 20.81 4.46 4.29
C SER E 13 22.01 4.87 3.45
N ALA E 14 21.89 4.70 2.13
CA ALA E 14 22.94 5.06 1.20
C ALA E 14 22.44 6.15 0.26
N VAL E 15 23.35 7.07 -0.08
CA VAL E 15 23.07 8.14 -1.02
C VAL E 15 24.10 8.06 -2.14
N SER E 16 23.63 7.95 -3.38
CA SER E 16 24.50 7.94 -4.55
C SER E 16 24.37 9.25 -5.32
N LYS E 17 25.48 9.96 -5.44
CA LYS E 17 25.55 11.26 -6.09
C LYS E 17 26.44 11.18 -7.33
N GLY E 18 26.42 12.27 -8.09
CA GLY E 18 27.18 12.37 -9.31
C GLY E 18 26.39 12.24 -10.59
N TYR E 19 25.07 12.22 -10.52
CA TYR E 19 24.22 12.06 -11.68
C TYR E 19 23.78 13.42 -12.23
N LEU E 20 23.43 13.44 -13.51
CA LEU E 20 22.98 14.64 -14.19
C LEU E 20 21.53 14.49 -14.60
N SER E 21 20.80 15.60 -14.53
CA SER E 21 19.35 15.56 -14.63
C SER E 21 18.88 15.59 -16.09
N ALA E 22 17.77 14.91 -16.36
CA ALA E 22 16.97 15.12 -17.57
C ALA E 22 15.50 14.97 -17.18
N LEU E 23 14.89 16.06 -16.75
CA LEU E 23 13.52 16.03 -16.27
C LEU E 23 12.56 16.41 -17.38
N ARG E 24 11.59 15.55 -17.65
CA ARG E 24 10.58 15.84 -18.65
C ARG E 24 9.57 16.78 -18.02
N THR E 25 9.61 18.05 -18.43
CA THR E 25 8.74 19.10 -17.93
C THR E 25 7.53 19.38 -18.81
N GLY E 26 7.62 19.13 -20.12
CA GLY E 26 6.49 19.44 -20.98
C GLY E 26 6.29 18.47 -22.12
N TRP E 27 5.33 18.75 -22.99
CA TRP E 27 5.03 17.90 -24.13
C TRP E 27 5.10 18.73 -25.40
N TYR E 28 5.58 18.12 -26.48
CA TYR E 28 5.55 18.73 -27.81
C TYR E 28 4.73 17.84 -28.73
N THR E 29 3.73 18.41 -29.39
CA THR E 29 2.82 17.62 -30.19
C THR E 29 3.07 17.86 -31.67
N SER E 30 3.10 16.77 -32.45
CA SER E 30 3.26 16.85 -33.89
C SER E 30 2.26 15.92 -34.57
N VAL E 31 2.02 16.19 -35.84
CA VAL E 31 1.04 15.47 -36.64
C VAL E 31 1.79 14.72 -37.73
N ILE E 32 1.57 13.42 -37.81
CA ILE E 32 2.17 12.58 -38.83
C ILE E 32 1.06 12.08 -39.73
N THR E 33 1.20 12.30 -41.03
CA THR E 33 0.16 12.01 -41.99
C THR E 33 0.67 11.04 -43.06
N ILE E 34 -0.25 10.23 -43.57
CA ILE E 34 0.01 9.28 -44.63
C ILE E 34 -1.00 9.51 -45.74
N GLU E 35 -0.53 9.64 -46.97
CA GLU E 35 -1.44 9.88 -48.09
C GLU E 35 -2.00 8.54 -48.58
N LEU E 36 -3.29 8.32 -48.36
CA LEU E 36 -3.92 7.07 -48.74
C LEU E 36 -4.59 7.20 -50.11
N SER E 37 -4.96 6.05 -50.67
CA SER E 37 -5.65 5.98 -51.96
C SER E 37 -7.08 5.50 -51.75
N ASN E 38 -7.99 6.08 -52.51
CA ASN E 38 -9.42 5.79 -52.40
C ASN E 38 -9.87 4.72 -53.38
N ILE E 39 -8.96 4.21 -54.22
CA ILE E 39 -9.32 3.25 -55.27
C ILE E 39 -9.68 1.90 -54.67
N LYS E 40 -10.70 1.29 -55.24
CA LYS E 40 -11.14 -0.03 -54.80
C LYS E 40 -10.37 -1.12 -55.55
N GLU E 41 -10.80 -2.37 -55.40
CA GLU E 41 -10.17 -3.47 -56.12
C GLU E 41 -10.46 -3.38 -57.62
N ILE E 42 -9.48 -3.79 -58.43
CA ILE E 42 -9.63 -3.72 -59.87
C ILE E 42 -10.70 -4.71 -60.33
N LYS E 43 -11.55 -4.27 -61.25
CA LYS E 43 -12.63 -5.12 -61.73
C LYS E 43 -12.14 -6.24 -62.64
N CYS E 44 -10.88 -6.19 -63.07
CA CYS E 44 -10.36 -7.18 -64.00
C CYS E 44 -10.35 -8.57 -63.35
N ASN E 45 -10.56 -9.60 -64.16
CA ASN E 45 -10.48 -10.98 -63.73
C ASN E 45 -9.57 -11.75 -64.68
N GLY E 46 -8.86 -12.73 -64.14
CA GLY E 46 -7.93 -13.52 -64.93
C GLY E 46 -7.36 -14.64 -64.11
N THR E 47 -6.61 -15.50 -64.80
CA THR E 47 -5.98 -16.67 -64.19
C THR E 47 -4.54 -16.42 -63.78
N ASP E 48 -4.02 -15.22 -63.99
CA ASP E 48 -2.63 -14.93 -63.64
C ASP E 48 -2.45 -14.93 -62.13
N ALA E 49 -1.30 -15.46 -61.68
CA ALA E 49 -1.03 -15.56 -60.25
C ALA E 49 -0.55 -14.23 -59.68
N LYS E 50 0.13 -13.43 -60.50
CA LYS E 50 0.67 -12.16 -60.01
C LYS E 50 -0.45 -11.18 -59.73
N VAL E 51 -1.45 -11.14 -60.60
CA VAL E 51 -2.58 -10.26 -60.37
C VAL E 51 -3.37 -10.71 -59.15
N LYS E 52 -3.42 -12.02 -58.88
CA LYS E 52 -4.07 -12.51 -57.68
C LYS E 52 -3.30 -12.08 -56.43
N LEU E 53 -1.96 -12.12 -56.47
CA LEU E 53 -1.16 -11.64 -55.35
C LEU E 53 -1.39 -10.15 -55.09
N ILE E 54 -1.44 -9.35 -56.17
CA ILE E 54 -1.73 -7.93 -56.07
C ILE E 54 -3.12 -7.70 -55.50
N LYS E 55 -4.10 -8.50 -55.93
CA LYS E 55 -5.44 -8.39 -55.36
C LYS E 55 -5.44 -8.70 -53.87
N GLN E 56 -4.71 -9.73 -53.46
CA GLN E 56 -4.62 -10.07 -52.04
C GLN E 56 -3.98 -8.94 -51.24
N GLU E 57 -2.90 -8.34 -51.76
CA GLU E 57 -2.26 -7.23 -51.07
C GLU E 57 -3.18 -6.02 -50.98
N LEU E 58 -3.93 -5.75 -52.07
CA LEU E 58 -4.88 -4.66 -52.06
C LEU E 58 -6.01 -4.90 -51.08
N ASP E 59 -6.45 -6.16 -50.94
CA ASP E 59 -7.44 -6.50 -49.93
C ASP E 59 -6.91 -6.25 -48.54
N LYS E 60 -5.65 -6.60 -48.30
CA LYS E 60 -5.04 -6.32 -47.00
C LYS E 60 -4.99 -4.82 -46.73
N TYR E 61 -4.63 -4.03 -47.74
CA TYR E 61 -4.59 -2.58 -47.60
C TYR E 61 -5.97 -2.01 -47.29
N LYS E 62 -7.01 -2.48 -48.00
CA LYS E 62 -8.37 -2.01 -47.76
C LYS E 62 -8.85 -2.40 -46.38
N ASN E 63 -8.53 -3.62 -45.94
CA ASN E 63 -8.91 -4.05 -44.60
C ASN E 63 -8.24 -3.19 -43.55
N ALA E 64 -6.97 -2.85 -43.76
CA ALA E 64 -6.28 -1.96 -42.82
C ALA E 64 -6.94 -0.58 -42.78
N VAL E 65 -7.31 -0.04 -43.94
CA VAL E 65 -7.99 1.25 -43.97
C VAL E 65 -9.32 1.16 -43.23
N THR E 66 -10.07 0.07 -43.44
CA THR E 66 -11.38 -0.07 -42.80
C THR E 66 -11.23 -0.18 -41.29
N GLU E 67 -10.21 -0.92 -40.84
CA GLU E 67 -9.94 -1.04 -39.41
C GLU E 67 -9.58 0.31 -38.80
N LEU E 68 -8.76 1.10 -39.50
CA LEU E 68 -8.43 2.44 -39.04
C LEU E 68 -9.66 3.33 -38.96
N GLN E 69 -10.55 3.22 -39.95
CA GLN E 69 -11.79 3.98 -39.94
C GLN E 69 -12.68 3.59 -38.76
N LEU E 70 -12.77 2.29 -38.47
CA LEU E 70 -13.51 1.83 -37.29
C LEU E 70 -12.89 2.36 -36.01
N LEU E 71 -11.56 2.40 -35.95
CA LEU E 71 -10.88 2.95 -34.77
C LEU E 71 -11.24 4.41 -34.57
N MET E 72 -11.15 5.20 -35.63
CA MET E 72 -11.49 6.62 -35.55
C MET E 72 -12.94 6.83 -35.15
N GLN E 73 -13.86 6.05 -35.71
CA GLN E 73 -15.29 6.21 -35.40
C GLN E 73 -15.58 5.62 -34.04
N PHE F 1 7.71 3.98 -1.03
CA PHE F 1 6.63 3.97 -0.10
C PHE F 1 5.70 5.16 -0.23
N LEU F 2 6.16 6.31 -0.69
CA LEU F 2 5.41 7.56 -0.71
C LEU F 2 4.68 7.79 -2.02
N GLY F 3 4.60 6.77 -2.88
CA GLY F 3 3.94 6.93 -4.17
C GLY F 3 2.47 7.28 -4.07
N PHE F 4 1.86 7.04 -2.91
CA PHE F 4 0.47 7.45 -2.69
C PHE F 4 0.31 8.95 -2.50
N LEU F 5 1.39 9.68 -2.24
CA LEU F 5 1.31 11.13 -2.09
C LEU F 5 1.21 11.86 -3.41
N LEU F 6 1.48 11.19 -4.52
CA LEU F 6 1.52 11.84 -5.82
C LEU F 6 0.12 12.21 -6.29
N GLY F 7 0.05 13.27 -7.10
CA GLY F 7 -1.19 13.65 -7.74
C GLY F 7 -1.48 12.82 -8.97
N VAL F 8 -2.66 13.06 -9.55
CA VAL F 8 -3.14 12.32 -10.72
C VAL F 8 -3.18 13.27 -11.90
N GLY F 9 -2.54 12.88 -13.00
CA GLY F 9 -2.51 13.67 -14.21
C GLY F 9 -3.10 12.93 -15.39
N SER F 10 -2.95 13.48 -16.59
CA SER F 10 -3.37 12.78 -17.82
C SER F 10 -2.27 12.95 -18.85
N ALA F 11 -1.56 11.86 -19.18
CA ALA F 11 -0.35 12.00 -19.99
C ALA F 11 -0.65 12.46 -21.40
N ILE F 12 -1.71 11.92 -22.01
CA ILE F 12 -2.05 12.23 -23.40
C ILE F 12 -2.99 13.41 -23.50
N ALA F 13 -3.31 14.06 -22.37
CA ALA F 13 -4.32 15.12 -22.38
C ALA F 13 -3.99 16.19 -23.41
N SER F 14 -2.71 16.51 -23.57
CA SER F 14 -2.33 17.51 -24.56
C SER F 14 -2.54 16.96 -25.96
N GLY F 15 -2.00 15.76 -26.19
CA GLY F 15 -2.00 15.17 -27.52
C GLY F 15 -3.40 14.94 -28.04
N VAL F 16 -4.27 14.36 -27.20
CA VAL F 16 -5.66 14.17 -27.58
C VAL F 16 -6.29 15.50 -27.95
N ALA F 17 -5.95 16.55 -27.21
CA ALA F 17 -6.48 17.87 -27.51
C ALA F 17 -6.20 18.24 -28.97
N VAL F 18 -4.95 18.09 -29.41
CA VAL F 18 -4.62 18.36 -30.80
C VAL F 18 -5.40 17.42 -31.71
N SER F 19 -5.52 16.15 -31.30
CA SER F 19 -6.32 15.20 -32.05
C SER F 19 -7.73 15.73 -32.29
N LYS F 20 -8.34 16.29 -31.23
CA LYS F 20 -9.68 16.85 -31.34
C LYS F 20 -9.74 17.95 -32.38
N VAL F 21 -8.73 18.84 -32.39
CA VAL F 21 -8.69 19.93 -33.35
C VAL F 21 -8.69 19.39 -34.77
N LEU F 22 -8.13 18.21 -34.92
CA LEU F 22 -8.03 17.54 -36.20
C LEU F 22 -9.38 17.08 -36.75
N HIS F 23 -10.40 16.98 -35.90
CA HIS F 23 -11.73 16.58 -36.35
C HIS F 23 -12.54 17.76 -36.85
N LEU F 24 -12.11 18.98 -36.54
CA LEU F 24 -12.82 20.15 -37.01
C LEU F 24 -12.69 20.29 -38.52
N GLU F 25 -13.75 20.80 -39.14
CA GLU F 25 -13.77 20.92 -40.58
C GLU F 25 -12.72 21.91 -41.05
N GLY F 26 -11.96 21.49 -42.06
CA GLY F 26 -11.00 22.34 -42.71
C GLY F 26 -9.58 22.06 -42.32
N GLU F 27 -9.39 21.42 -41.16
CA GLU F 27 -8.05 21.20 -40.61
C GLU F 27 -7.28 20.18 -41.42
N VAL F 28 -7.93 19.06 -41.76
CA VAL F 28 -7.28 18.06 -42.61
C VAL F 28 -6.97 18.64 -43.97
N ASN F 29 -7.87 19.49 -44.49
CA ASN F 29 -7.63 20.13 -45.78
C ASN F 29 -6.46 21.11 -45.70
N LYS F 30 -6.36 21.83 -44.59
CA LYS F 30 -5.23 22.72 -44.37
C LYS F 30 -3.92 21.95 -44.33
N ILE F 31 -3.85 20.87 -43.56
CA ILE F 31 -2.63 20.08 -43.47
C ILE F 31 -2.28 19.46 -44.82
N LYS F 32 -3.30 19.02 -45.57
CA LYS F 32 -3.08 18.46 -46.90
C LYS F 32 -2.52 19.48 -47.86
N SER F 33 -3.06 20.70 -47.84
CA SER F 33 -2.55 21.76 -48.70
C SER F 33 -1.14 22.17 -48.30
N ALA F 34 -0.84 22.16 -47.01
CA ALA F 34 0.49 22.56 -46.57
C ALA F 34 1.56 21.56 -47.03
N LEU F 35 1.24 20.26 -47.04
CA LEU F 35 2.13 19.20 -47.50
C LEU F 35 1.88 18.80 -48.95
N LEU F 36 1.33 19.70 -49.78
CA LEU F 36 1.04 19.39 -51.17
C LEU F 36 2.32 19.11 -51.97
N SER F 37 3.36 19.92 -51.76
CA SER F 37 4.63 19.84 -52.47
C SER F 37 5.81 19.49 -51.58
N THR F 38 5.63 19.40 -50.26
CA THR F 38 6.70 19.13 -49.31
C THR F 38 6.30 18.06 -48.30
N ASN F 39 7.27 17.32 -47.81
CA ASN F 39 7.02 16.29 -46.81
C ASN F 39 7.15 16.79 -45.39
N LYS F 40 7.40 18.08 -45.20
CA LYS F 40 7.56 18.67 -43.88
C LYS F 40 7.09 20.11 -43.94
N ALA F 41 6.25 20.50 -42.98
CA ALA F 41 5.73 21.86 -42.96
C ALA F 41 5.30 22.20 -41.54
N VAL F 42 5.00 23.47 -41.34
CA VAL F 42 4.49 24.00 -40.08
C VAL F 42 3.10 24.56 -40.33
N VAL F 43 2.11 24.09 -39.56
CA VAL F 43 0.71 24.43 -39.78
C VAL F 43 0.14 25.04 -38.51
N SER F 44 -0.61 26.12 -38.68
CA SER F 44 -1.32 26.76 -37.58
C SER F 44 -2.80 26.39 -37.66
N LEU F 45 -3.31 25.78 -36.59
CA LEU F 45 -4.64 25.20 -36.62
C LEU F 45 -5.64 26.32 -36.30
N SER F 46 -6.91 25.95 -36.08
CA SER F 46 -7.94 26.96 -35.87
C SER F 46 -7.71 27.70 -34.57
N ASN F 47 -7.29 26.99 -33.53
CA ASN F 47 -7.03 27.60 -32.25
C ASN F 47 -5.73 28.39 -32.23
N GLY F 48 -4.96 28.38 -33.31
CA GLY F 48 -3.74 29.16 -33.42
C GLY F 48 -2.47 28.44 -33.04
N VAL F 49 -2.56 27.20 -32.54
CA VAL F 49 -1.37 26.45 -32.15
C VAL F 49 -0.60 26.05 -33.40
N SER F 50 0.72 26.20 -33.35
CA SER F 50 1.60 25.88 -34.47
C SER F 50 2.21 24.49 -34.24
N VAL F 51 2.00 23.59 -35.21
CA VAL F 51 2.43 22.21 -35.09
C VAL F 51 3.22 21.82 -36.33
N LEU F 52 4.27 21.01 -36.13
CA LEU F 52 5.00 20.43 -37.25
C LEU F 52 4.21 19.25 -37.83
N THR F 53 4.04 19.25 -39.15
CA THR F 53 3.37 18.18 -39.86
C THR F 53 4.32 17.55 -40.85
N SER F 54 4.30 16.22 -40.92
CA SER F 54 5.20 15.46 -41.79
C SER F 54 4.40 14.41 -42.54
N LYS F 55 4.84 14.14 -43.77
CA LYS F 55 4.27 13.09 -44.60
C LYS F 55 5.30 11.98 -44.70
N VAL F 56 5.09 10.90 -43.95
CA VAL F 56 6.09 9.84 -43.86
C VAL F 56 5.93 8.83 -44.99
N LEU F 57 4.69 8.53 -45.38
CA LEU F 57 4.41 7.57 -46.43
C LEU F 57 3.40 8.15 -47.40
N ASP F 58 3.57 7.85 -48.68
CA ASP F 58 2.67 8.31 -49.74
C ASP F 58 2.25 7.08 -50.55
N LEU F 59 1.21 6.41 -50.07
CA LEU F 59 0.68 5.26 -50.79
C LEU F 59 -0.15 5.67 -51.99
N LYS F 60 -0.74 6.87 -51.96
CA LYS F 60 -1.58 7.32 -53.07
C LYS F 60 -0.80 7.38 -54.37
N ASN F 61 0.40 7.98 -54.33
CA ASN F 61 1.20 8.10 -55.54
C ASN F 61 1.51 6.75 -56.15
N TYR F 62 2.03 5.82 -55.34
CA TYR F 62 2.40 4.51 -55.85
C TYR F 62 1.18 3.76 -56.37
N ILE F 63 0.08 3.76 -55.60
CA ILE F 63 -1.09 2.98 -55.99
C ILE F 63 -1.70 3.50 -57.28
N ASP F 64 -1.83 4.82 -57.41
CA ASP F 64 -2.54 5.39 -58.54
C ASP F 64 -1.66 5.64 -59.76
N LYS F 65 -0.34 5.66 -59.61
CA LYS F 65 0.53 5.99 -60.74
C LYS F 65 1.49 4.87 -61.12
N GLN F 66 1.74 3.90 -60.24
CA GLN F 66 2.70 2.84 -60.51
C GLN F 66 2.09 1.45 -60.48
N LEU F 67 0.84 1.30 -60.10
CA LEU F 67 0.18 -0.01 -60.06
C LEU F 67 -0.95 -0.11 -61.06
N LEU F 68 -1.92 0.81 -61.00
CA LEU F 68 -3.02 0.77 -61.96
C LEU F 68 -2.59 0.98 -63.41
N PRO F 69 -1.72 1.93 -63.76
CA PRO F 69 -1.35 2.08 -65.17
C PRO F 69 -0.70 0.86 -65.79
N ILE F 70 0.09 0.09 -65.03
CA ILE F 70 0.88 -0.99 -65.60
C ILE F 70 0.10 -2.29 -65.69
N VAL F 71 -1.13 -2.34 -65.20
CA VAL F 71 -1.97 -3.52 -65.33
C VAL F 71 -2.98 -3.28 -66.46
N ASN F 72 -3.17 -4.30 -67.28
CA ASN F 72 -4.14 -4.21 -68.36
C ASN F 72 -5.55 -4.36 -67.80
N LYS F 73 -6.54 -3.94 -68.58
CA LYS F 73 -7.93 -4.07 -68.18
C LYS F 73 -8.64 -5.22 -68.90
N GLN F 74 -8.07 -5.72 -69.98
CA GLN F 74 -8.57 -6.90 -70.67
C GLN F 74 -7.58 -8.04 -70.43
N SER F 75 -8.02 -9.06 -69.69
CA SER F 75 -7.17 -10.19 -69.33
C SER F 75 -5.89 -9.72 -68.65
N CYS F 76 -6.07 -9.10 -67.48
CA CYS F 76 -4.97 -8.46 -66.78
C CYS F 76 -3.86 -9.45 -66.45
N SER F 77 -2.63 -9.06 -66.75
CA SER F 77 -1.45 -9.87 -66.43
C SER F 77 -0.28 -8.91 -66.25
N ILE F 78 0.28 -8.87 -65.05
CA ILE F 78 1.36 -7.92 -64.76
C ILE F 78 2.64 -8.39 -65.44
N PRO F 79 3.36 -7.53 -66.15
CA PRO F 79 4.58 -7.97 -66.84
C PRO F 79 5.67 -8.47 -65.90
N ASN F 80 5.83 -7.89 -64.71
CA ASN F 80 6.98 -8.16 -63.87
C ASN F 80 6.55 -8.57 -62.47
N ILE F 81 7.21 -9.59 -61.92
CA ILE F 81 6.94 -10.03 -60.56
C ILE F 81 7.42 -9.00 -59.54
N GLU F 82 8.50 -8.27 -59.84
CA GLU F 82 9.10 -7.36 -58.88
C GLU F 82 8.09 -6.34 -58.37
N THR F 83 7.20 -5.88 -59.24
CA THR F 83 6.17 -4.91 -58.82
C THR F 83 5.42 -5.42 -57.60
N VAL F 84 4.99 -6.69 -57.63
CA VAL F 84 4.28 -7.27 -56.50
C VAL F 84 5.11 -7.12 -55.22
N ILE F 85 6.39 -7.49 -55.30
CA ILE F 85 7.26 -7.40 -54.13
C ILE F 85 7.30 -5.96 -53.63
N GLU F 86 7.46 -5.01 -54.55
CA GLU F 86 7.51 -3.61 -54.14
C GLU F 86 6.26 -3.23 -53.38
N PHE F 87 5.10 -3.62 -53.92
CA PHE F 87 3.84 -3.31 -53.24
C PHE F 87 3.84 -3.89 -51.84
N GLN F 88 4.26 -5.16 -51.71
CA GLN F 88 4.26 -5.78 -50.40
C GLN F 88 5.12 -4.99 -49.43
N GLN F 89 6.27 -4.49 -49.90
CA GLN F 89 7.10 -3.67 -49.03
C GLN F 89 6.36 -2.39 -48.64
N LYS F 90 5.84 -1.66 -49.62
CA LYS F 90 5.34 -0.31 -49.36
C LYS F 90 4.10 -0.35 -48.46
N ASN F 91 3.26 -1.35 -48.64
CA ASN F 91 2.08 -1.50 -47.81
C ASN F 91 2.43 -2.02 -46.42
N ASN F 92 3.53 -2.76 -46.29
CA ASN F 92 3.83 -3.45 -45.03
C ASN F 92 3.78 -2.50 -43.84
N ARG F 93 4.49 -1.37 -43.94
CA ARG F 93 4.53 -0.42 -42.84
C ARG F 93 3.13 -0.02 -42.41
N LEU F 94 2.27 0.34 -43.38
CA LEU F 94 0.91 0.73 -43.05
C LEU F 94 0.23 -0.36 -42.25
N LEU F 95 0.32 -1.61 -42.73
CA LEU F 95 -0.32 -2.70 -42.02
C LEU F 95 0.18 -2.77 -40.59
N GLU F 96 1.49 -2.65 -40.40
CA GLU F 96 2.06 -2.72 -39.06
C GLU F 96 1.47 -1.63 -38.17
N ILE F 97 1.38 -0.41 -38.71
CA ILE F 97 0.82 0.68 -37.93
C ILE F 97 -0.59 0.31 -37.47
N THR F 98 -1.41 -0.16 -38.41
CA THR F 98 -2.77 -0.53 -38.07
C THR F 98 -2.77 -1.58 -36.97
N ARG F 99 -1.91 -2.59 -37.09
CA ARG F 99 -1.86 -3.66 -36.10
C ARG F 99 -1.60 -3.07 -34.72
N GLU F 100 -0.62 -2.18 -34.62
CA GLU F 100 -0.29 -1.63 -33.32
C GLU F 100 -1.49 -0.87 -32.74
N PHE F 101 -2.15 -0.07 -33.58
CA PHE F 101 -3.28 0.70 -33.09
C PHE F 101 -4.38 -0.24 -32.61
N SER F 102 -4.66 -1.29 -33.37
CA SER F 102 -5.69 -2.24 -32.98
C SER F 102 -5.34 -2.91 -31.65
N VAL F 103 -4.04 -3.11 -31.40
CA VAL F 103 -3.63 -3.70 -30.13
C VAL F 103 -3.86 -2.71 -28.99
N ASN F 104 -3.61 -1.42 -29.22
CA ASN F 104 -3.51 -0.45 -28.14
C ASN F 104 -4.70 0.51 -28.09
N ALA F 105 -5.76 0.24 -28.85
CA ALA F 105 -6.98 1.05 -28.82
C ALA F 105 -6.68 2.51 -29.20
N GLY F 106 -5.77 2.70 -30.14
CA GLY F 106 -5.50 4.01 -30.70
C GLY F 106 -4.45 4.84 -29.97
N VAL F 107 -3.96 4.38 -28.82
CA VAL F 107 -2.92 5.09 -28.07
C VAL F 107 -1.82 4.10 -27.76
N THR F 108 -0.66 4.27 -28.41
CA THR F 108 0.46 3.34 -28.27
C THR F 108 1.64 4.04 -27.62
N THR F 109 2.25 3.38 -26.64
CA THR F 109 3.47 3.84 -26.02
C THR F 109 4.25 2.59 -25.60
N PRO F 110 5.56 2.54 -25.86
CA PRO F 110 6.41 3.55 -26.51
C PRO F 110 6.19 3.63 -28.01
N VAL F 111 6.66 4.68 -28.66
CA VAL F 111 6.48 4.84 -30.10
C VAL F 111 7.48 3.94 -30.83
N SER F 112 6.96 3.08 -31.71
CA SER F 112 7.78 2.13 -32.42
C SER F 112 8.42 2.78 -33.65
N THR F 113 9.25 2.02 -34.35
CA THR F 113 9.89 2.51 -35.56
C THR F 113 8.94 2.54 -36.75
N TYR F 114 7.81 1.83 -36.68
CA TYR F 114 6.81 1.93 -37.74
C TYR F 114 6.10 3.28 -37.69
N MET F 115 5.72 3.72 -36.48
CA MET F 115 5.06 5.01 -36.35
C MET F 115 6.00 6.16 -36.71
N LEU F 116 7.25 6.09 -36.29
CA LEU F 116 8.21 7.16 -36.50
C LEU F 116 9.60 6.56 -36.54
N THR F 117 10.20 6.53 -37.73
CA THR F 117 11.52 5.94 -37.88
C THR F 117 12.58 6.81 -37.20
N ASN F 118 13.80 6.27 -37.12
CA ASN F 118 14.88 6.97 -36.45
C ASN F 118 15.21 8.28 -37.15
N SER F 119 15.29 8.27 -38.48
CA SER F 119 15.59 9.48 -39.22
C SER F 119 14.49 10.53 -39.05
N GLU F 120 13.23 10.10 -39.12
CA GLU F 120 12.12 11.04 -38.96
C GLU F 120 12.09 11.62 -37.55
N LEU F 121 12.36 10.80 -36.53
CA LEU F 121 12.41 11.30 -35.17
C LEU F 121 13.55 12.29 -34.99
N LEU F 122 14.72 12.00 -35.58
CA LEU F 122 15.84 12.93 -35.47
C LEU F 122 15.52 14.25 -36.18
N SER F 123 14.86 14.18 -37.34
CA SER F 123 14.47 15.40 -38.04
C SER F 123 13.47 16.21 -37.22
N LEU F 124 12.51 15.54 -36.59
CA LEU F 124 11.56 16.24 -35.73
C LEU F 124 12.28 16.90 -34.56
N ILE F 125 13.25 16.20 -33.97
CA ILE F 125 14.03 16.77 -32.87
C ILE F 125 14.78 18.01 -33.34
N ASN F 126 15.37 17.94 -34.54
CA ASN F 126 16.09 19.10 -35.07
C ASN F 126 15.16 20.27 -35.35
N ASP F 127 13.94 20.00 -35.80
CA ASP F 127 12.99 21.06 -36.13
C ASP F 127 12.20 21.56 -34.94
N MET F 128 12.34 20.95 -33.77
CA MET F 128 11.60 21.38 -32.61
C MET F 128 12.13 22.73 -32.10
N PRO F 129 11.25 23.58 -31.57
CA PRO F 129 11.68 24.91 -31.07
C PRO F 129 12.25 24.84 -29.66
N ILE F 130 13.44 24.26 -29.53
CA ILE F 130 14.10 24.09 -28.26
C ILE F 130 15.56 24.53 -28.40
N THR F 131 16.25 24.60 -27.26
CA THR F 131 17.65 25.01 -27.26
C THR F 131 18.52 23.92 -27.86
N ASN F 132 19.75 24.31 -28.23
CA ASN F 132 20.68 23.36 -28.82
C ASN F 132 21.12 22.30 -27.81
N ASP F 133 21.19 22.65 -26.53
CA ASP F 133 21.54 21.67 -25.51
C ASP F 133 20.50 20.57 -25.42
N GLN F 134 19.22 20.93 -25.45
CA GLN F 134 18.15 19.93 -25.43
C GLN F 134 18.17 19.10 -26.72
N LYS F 135 18.44 19.73 -27.85
CA LYS F 135 18.54 18.99 -29.10
C LYS F 135 19.66 17.97 -29.05
N LYS F 136 20.80 18.34 -28.50
CA LYS F 136 21.91 17.40 -28.36
C LYS F 136 21.56 16.29 -27.36
N LEU F 137 20.90 16.65 -26.26
CA LEU F 137 20.57 15.65 -25.24
C LEU F 137 19.61 14.60 -25.77
N MET F 138 18.55 15.06 -26.45
CA MET F 138 17.52 14.14 -26.93
C MET F 138 17.88 13.52 -28.27
N SER F 139 18.76 14.18 -29.02
CA SER F 139 19.22 13.56 -30.25
C SER F 139 19.96 12.33 -29.80
N ASN F 140 20.53 12.38 -28.61
CA ASN F 140 21.17 11.20 -28.03
C ASN F 140 20.09 10.52 -27.22
N ASN F 141 20.32 9.30 -26.75
CA ASN F 141 19.27 8.72 -25.92
C ASN F 141 17.92 8.75 -26.66
N VAL F 142 17.96 8.40 -27.94
CA VAL F 142 16.73 8.36 -28.73
C VAL F 142 15.78 7.30 -28.20
N GLN F 143 16.32 6.19 -27.69
CA GLN F 143 15.49 5.15 -27.11
C GLN F 143 14.70 5.65 -25.90
N ILE F 144 15.27 6.56 -25.11
CA ILE F 144 14.54 7.13 -23.98
C ILE F 144 13.41 8.04 -24.47
N VAL F 145 13.67 8.83 -25.51
CA VAL F 145 12.63 9.65 -26.11
C VAL F 145 11.50 8.79 -26.63
N ARG F 146 11.84 7.65 -27.25
CA ARG F 146 10.82 6.70 -27.70
C ARG F 146 10.03 6.15 -26.54
N GLN F 147 10.72 5.79 -25.44
CA GLN F 147 10.03 5.21 -24.30
C GLN F 147 9.18 6.22 -23.55
N GLN F 148 9.45 7.52 -23.70
CA GLN F 148 8.68 8.56 -23.03
C GLN F 148 7.69 9.25 -23.96
N SER F 149 7.43 8.70 -25.14
CA SER F 149 6.56 9.32 -26.12
C SER F 149 5.27 8.53 -26.29
N TYR F 150 4.27 9.20 -26.85
CA TYR F 150 2.97 8.62 -27.12
C TYR F 150 2.63 8.78 -28.60
N SER F 151 1.76 7.90 -29.10
CA SER F 151 1.27 7.96 -30.46
C SER F 151 -0.24 7.79 -30.42
N ILE F 152 -0.97 8.84 -30.78
CA ILE F 152 -2.42 8.88 -30.66
C ILE F 152 -3.02 8.88 -32.06
N MET F 153 -3.86 7.88 -32.34
CA MET F 153 -4.64 7.86 -33.57
C MET F 153 -5.64 9.00 -33.56
N SER F 154 -5.67 9.79 -34.63
CA SER F 154 -6.52 10.99 -34.66
C SER F 154 -7.63 10.90 -35.69
N ILE F 155 -7.32 10.73 -36.97
CA ILE F 155 -8.35 10.80 -37.99
C ILE F 155 -7.88 10.06 -39.24
N ILE F 156 -8.85 9.58 -40.01
CA ILE F 156 -8.59 9.03 -41.34
C ILE F 156 -9.72 9.47 -42.27
N LYS F 157 -9.47 10.50 -43.08
CA LYS F 157 -10.50 11.04 -43.94
C LYS F 157 -9.86 11.86 -45.06
N GLU F 158 -10.64 12.05 -46.13
CA GLU F 158 -10.18 12.75 -47.33
C GLU F 158 -8.85 12.21 -47.83
N GLU F 159 -8.74 10.88 -47.84
CA GLU F 159 -7.55 10.18 -48.31
C GLU F 159 -6.30 10.58 -47.53
N VAL F 160 -6.48 10.94 -46.27
CA VAL F 160 -5.36 11.32 -45.39
C VAL F 160 -5.54 10.61 -44.06
N LEU F 161 -4.52 9.86 -43.65
CA LEU F 161 -4.51 9.19 -42.35
C LEU F 161 -3.54 9.96 -41.45
N ALA F 162 -4.08 10.65 -40.45
CA ALA F 162 -3.28 11.51 -39.58
C ALA F 162 -3.35 10.99 -38.16
N TYR F 163 -2.19 10.87 -37.52
CA TYR F 163 -2.12 10.56 -36.09
C TYR F 163 -1.18 11.56 -35.42
N VAL F 164 -1.19 11.54 -34.10
CA VAL F 164 -0.51 12.55 -33.28
C VAL F 164 0.61 11.89 -32.50
N VAL F 165 1.81 12.46 -32.59
CA VAL F 165 2.96 12.00 -31.84
C VAL F 165 3.27 13.03 -30.77
N GLN F 166 3.34 12.58 -29.53
CA GLN F 166 3.52 13.44 -28.36
C GLN F 166 4.88 13.11 -27.74
N LEU F 167 5.88 14.00 -27.99
CA LEU F 167 7.27 13.85 -27.59
C LEU F 167 7.55 14.59 -26.29
N PRO F 168 8.50 14.11 -25.50
CA PRO F 168 8.83 14.78 -24.24
C PRO F 168 9.57 16.09 -24.47
N LEU F 169 9.48 16.97 -23.48
CA LEU F 169 10.21 18.24 -23.45
C LEU F 169 10.95 18.32 -22.13
N TYR F 170 12.28 18.29 -22.21
CA TYR F 170 13.15 18.32 -21.03
C TYR F 170 13.57 19.77 -20.79
N GLY F 171 12.82 20.46 -19.94
CA GLY F 171 13.16 21.84 -19.61
C GLY F 171 14.21 21.98 -18.54
N VAL F 172 14.47 20.93 -17.78
CA VAL F 172 15.46 20.93 -16.71
C VAL F 172 16.49 19.86 -17.02
N ILE F 173 17.72 20.28 -17.33
CA ILE F 173 18.80 19.36 -17.64
C ILE F 173 20.06 19.80 -16.90
N ASP F 174 20.96 18.83 -16.69
CA ASP F 174 22.29 19.04 -16.13
C ASP F 174 22.28 19.53 -14.68
N THR F 175 21.14 19.49 -14.00
CA THR F 175 21.15 19.86 -12.60
C THR F 175 21.53 18.66 -11.75
N PRO F 176 22.09 18.88 -10.55
CA PRO F 176 22.52 17.76 -9.71
C PRO F 176 21.36 16.85 -9.34
N CYS F 177 21.60 15.54 -9.40
CA CYS F 177 20.58 14.55 -8.99
C CYS F 177 21.26 13.47 -8.15
N TRP F 178 20.54 12.86 -7.24
CA TRP F 178 21.06 11.79 -6.40
C TRP F 178 19.95 10.81 -6.06
N LYS F 179 20.35 9.63 -5.60
CA LYS F 179 19.41 8.57 -5.26
C LYS F 179 19.60 8.15 -3.81
N LEU F 180 18.49 7.90 -3.12
CA LEU F 180 18.50 7.47 -1.73
C LEU F 180 17.94 6.06 -1.63
N HIS F 181 18.74 5.15 -1.09
CA HIS F 181 18.34 3.78 -0.80
C HIS F 181 18.25 3.61 0.71
N THR F 182 17.21 2.99 1.17
CA THR F 182 16.99 2.83 2.56
C THR F 182 16.71 1.38 2.85
N SER F 183 17.18 0.84 3.94
CA SER F 183 16.84 -0.49 4.37
C SER F 183 16.38 -0.40 5.81
N PRO F 184 15.85 -1.47 6.38
CA PRO F 184 15.31 -1.43 7.74
C PRO F 184 16.32 -1.48 8.86
N LEU F 185 16.18 -0.65 9.87
CA LEU F 185 17.11 -0.60 10.98
C LEU F 185 16.40 -1.07 12.17
N CYS F 186 16.74 -2.26 12.64
CA CYS F 186 16.11 -2.87 13.76
C CYS F 186 17.04 -3.19 14.84
N THR F 187 16.51 -3.33 16.03
CA THR F 187 17.32 -3.61 17.19
C THR F 187 17.69 -5.04 17.04
N THR F 188 18.72 -5.52 17.73
CA THR F 188 19.21 -6.85 17.47
C THR F 188 19.21 -7.71 18.69
N ASN F 189 18.19 -7.55 19.51
CA ASN F 189 18.07 -8.40 20.66
C ASN F 189 17.88 -9.85 20.29
N THR F 190 18.00 -10.72 21.26
CA THR F 190 17.93 -12.17 21.12
C THR F 190 16.48 -12.65 20.96
N LYS F 191 15.58 -12.15 21.79
CA LYS F 191 14.20 -12.63 21.76
C LYS F 191 13.52 -12.25 20.46
N GLU F 192 12.68 -13.15 19.96
CA GLU F 192 12.08 -12.99 18.64
C GLU F 192 11.14 -11.79 18.59
N GLY F 193 10.31 -11.61 19.61
CA GLY F 193 9.29 -10.57 19.57
C GLY F 193 9.62 -9.32 20.34
N SER F 194 10.89 -9.15 20.72
CA SER F 194 11.33 -8.00 21.51
C SER F 194 12.04 -6.95 20.66
N ASN F 195 12.06 -7.05 19.35
CA ASN F 195 12.86 -6.13 18.58
C ASN F 195 12.00 -5.15 17.90
N ILE F 196 12.43 -3.89 17.85
CA ILE F 196 11.68 -2.80 17.25
C ILE F 196 12.46 -2.23 16.10
N CYS F 197 11.83 -1.89 14.99
CA CYS F 197 12.46 -1.30 13.80
C CYS F 197 12.04 0.05 13.25
N LEU F 198 12.81 0.62 12.33
CA LEU F 198 12.49 1.85 11.63
C LEU F 198 13.19 1.92 10.27
N THR F 199 12.48 2.26 9.20
CA THR F 199 13.06 2.45 7.91
C THR F 199 12.75 3.87 7.53
N ARG F 200 13.55 4.53 6.74
CA ARG F 200 13.31 5.84 6.24
C ARG F 200 12.52 5.59 5.00
N THR F 201 11.38 6.25 4.80
CA THR F 201 10.49 5.96 3.72
C THR F 201 10.66 6.85 2.52
N ASP F 202 11.64 7.72 2.55
CA ASP F 202 11.92 8.71 1.53
C ASP F 202 12.90 8.22 0.48
N ARG F 203 12.89 6.95 0.16
CA ARG F 203 13.74 6.39 -0.82
C ARG F 203 13.34 6.87 -2.17
N GLY F 204 14.29 6.97 -3.08
CA GLY F 204 13.95 7.36 -4.43
C GLY F 204 14.91 8.39 -4.96
N TRP F 205 14.51 9.08 -6.02
CA TRP F 205 15.37 10.03 -6.70
C TRP F 205 15.07 11.45 -6.26
N TYR F 206 16.12 12.27 -6.14
CA TYR F 206 16.00 13.68 -5.82
C TYR F 206 16.79 14.47 -6.83
N CYS F 207 16.21 15.58 -7.29
CA CYS F 207 16.86 16.39 -8.30
C CYS F 207 16.66 17.87 -8.07
N ASP F 208 17.75 18.63 -8.12
CA ASP F 208 17.63 20.08 -7.97
C ASP F 208 16.85 20.66 -9.14
N ASN F 209 15.92 21.57 -8.83
CA ASN F 209 15.04 22.12 -9.86
C ASN F 209 14.50 23.46 -9.36
N ALA F 210 14.97 24.55 -9.97
CA ALA F 210 14.43 25.89 -9.75
C ALA F 210 14.40 26.26 -8.27
N GLY F 211 15.50 25.97 -7.57
CA GLY F 211 15.61 26.30 -6.17
C GLY F 211 14.92 25.36 -5.22
N SER F 212 14.27 24.31 -5.73
CA SER F 212 13.65 23.30 -4.88
C SER F 212 14.18 21.93 -5.29
N VAL F 213 13.58 20.87 -4.76
CA VAL F 213 13.97 19.51 -5.10
C VAL F 213 12.73 18.77 -5.61
N SER F 214 12.87 18.17 -6.79
CA SER F 214 11.87 17.25 -7.31
C SER F 214 12.18 15.86 -6.78
N PHE F 215 11.21 15.25 -6.11
CA PHE F 215 11.37 13.94 -5.49
C PHE F 215 10.51 12.93 -6.24
N PHE F 216 11.14 11.87 -6.72
CA PHE F 216 10.47 10.80 -7.43
C PHE F 216 10.50 9.55 -6.55
N PRO F 217 9.37 9.15 -5.96
CA PRO F 217 9.40 8.01 -5.04
C PRO F 217 9.56 6.68 -5.73
N GLN F 218 8.93 6.50 -6.89
CA GLN F 218 9.07 5.27 -7.67
C GLN F 218 10.31 5.41 -8.55
N ALA F 219 11.45 5.00 -7.99
CA ALA F 219 12.71 5.06 -8.71
C ALA F 219 12.76 4.13 -9.91
N GLU F 220 11.81 3.19 -10.01
CA GLU F 220 11.74 2.33 -11.18
C GLU F 220 11.29 3.10 -12.42
N THR F 221 10.44 4.11 -12.24
CA THR F 221 9.99 4.90 -13.39
C THR F 221 11.14 5.68 -14.02
N CYS F 222 12.03 6.24 -13.21
CA CYS F 222 13.16 6.97 -13.74
C CYS F 222 14.11 6.04 -14.47
N LYS F 223 14.64 6.51 -15.59
CA LYS F 223 15.52 5.71 -16.44
C LYS F 223 16.92 6.29 -16.40
N VAL F 224 17.89 5.46 -16.04
CA VAL F 224 19.28 5.91 -15.87
C VAL F 224 20.12 5.37 -17.02
N GLN F 225 20.72 6.28 -17.77
CA GLN F 225 21.69 5.94 -18.82
C GLN F 225 22.99 6.65 -18.48
N SER F 226 24.02 5.86 -18.16
CA SER F 226 25.31 6.37 -17.70
C SER F 226 25.06 7.18 -16.43
N ASN F 227 25.43 8.45 -16.39
CA ASN F 227 25.16 9.32 -15.25
C ASN F 227 23.97 10.25 -15.50
N ARG F 228 23.20 10.01 -16.56
CA ARG F 228 22.03 10.81 -16.88
C ARG F 228 20.78 10.11 -16.39
N VAL F 229 19.90 10.86 -15.73
CA VAL F 229 18.65 10.33 -15.20
C VAL F 229 17.50 11.04 -15.87
N PHE F 230 16.68 10.29 -16.59
CA PHE F 230 15.48 10.80 -17.25
C PHE F 230 14.29 10.50 -16.34
N CYS F 231 13.62 11.54 -15.86
CA CYS F 231 12.52 11.38 -14.93
C CYS F 231 11.32 12.21 -15.37
N ASP F 232 10.13 11.70 -15.10
CA ASP F 232 8.89 12.38 -15.44
C ASP F 232 8.44 13.21 -14.24
N THR F 233 8.30 14.53 -14.44
CA THR F 233 7.92 15.40 -13.33
C THR F 233 6.49 15.18 -12.87
N MET F 234 5.68 14.46 -13.64
CA MET F 234 4.31 14.15 -13.22
C MET F 234 4.31 13.31 -11.96
N ASN F 235 5.21 12.33 -11.87
CA ASN F 235 5.32 11.46 -10.70
C ASN F 235 6.39 11.99 -9.74
N SER F 236 6.20 13.22 -9.30
CA SER F 236 7.19 13.87 -8.45
C SER F 236 6.50 14.80 -7.47
N LEU F 237 7.22 15.16 -6.42
CA LEU F 237 6.78 16.12 -5.41
C LEU F 237 7.80 17.23 -5.30
N THR F 238 7.35 18.46 -5.09
CA THR F 238 8.24 19.59 -4.90
C THR F 238 8.49 19.75 -3.41
N LEU F 239 9.76 19.74 -3.02
CA LEU F 239 10.19 19.80 -1.63
C LEU F 239 11.24 20.90 -1.48
N PRO F 240 11.38 21.45 -0.27
CA PRO F 240 12.47 22.39 -0.03
C PRO F 240 13.82 21.70 -0.08
N SER F 241 14.86 22.51 -0.30
CA SER F 241 16.22 21.96 -0.38
C SER F 241 16.65 21.33 0.94
N GLU F 242 16.08 21.79 2.06
CA GLU F 242 16.47 21.30 3.38
C GLU F 242 16.28 19.80 3.55
N VAL F 243 15.55 19.15 2.64
CA VAL F 243 15.39 17.70 2.71
C VAL F 243 16.75 17.02 2.62
N ASN F 244 17.69 17.60 1.88
CA ASN F 244 19.02 17.01 1.79
C ASN F 244 19.69 16.92 3.16
N LEU F 245 19.34 17.82 4.08
CA LEU F 245 19.90 17.77 5.42
C LEU F 245 19.60 16.45 6.11
N CYS F 246 18.48 15.80 5.75
CA CYS F 246 18.15 14.52 6.35
C CYS F 246 19.21 13.47 6.09
N ASN F 247 20.00 13.63 5.03
CA ASN F 247 21.08 12.68 4.77
C ASN F 247 22.24 12.85 5.74
N VAL F 248 22.50 14.07 6.19
CA VAL F 248 23.62 14.33 7.08
C VAL F 248 23.22 14.38 8.55
N ASP F 249 21.94 14.63 8.86
CA ASP F 249 21.49 14.69 10.25
C ASP F 249 20.00 14.37 10.24
N ILE F 250 19.66 13.13 10.62
CA ILE F 250 18.26 12.70 10.60
C ILE F 250 17.44 13.47 11.64
N PHE F 251 18.08 14.02 12.67
CA PHE F 251 17.40 14.78 13.71
C PHE F 251 17.60 16.28 13.56
N ASN F 252 17.86 16.75 12.34
CA ASN F 252 18.06 18.18 12.12
C ASN F 252 16.77 18.95 12.37
N PRO F 253 16.86 20.18 12.89
CA PRO F 253 15.65 20.95 13.19
C PRO F 253 15.03 21.66 11.99
N LYS F 254 15.69 21.63 10.82
CA LYS F 254 15.16 22.34 9.66
C LYS F 254 14.07 21.54 8.96
N TYR F 255 14.30 20.25 8.76
CA TYR F 255 13.38 19.40 8.03
C TYR F 255 12.99 18.21 8.88
N ASP F 256 11.75 17.76 8.72
CA ASP F 256 11.21 16.59 9.41
C ASP F 256 11.31 15.40 8.49
N CYS F 257 12.25 14.50 8.78
CA CYS F 257 12.50 13.36 7.91
C CYS F 257 11.44 12.27 8.11
N LYS F 258 10.94 11.74 7.00
CA LYS F 258 9.88 10.75 7.05
C LYS F 258 10.43 9.36 7.31
N ILE F 259 9.81 8.58 8.18
CA ILE F 259 10.23 7.26 8.53
C ILE F 259 9.03 6.40 8.79
N MET F 260 9.22 5.11 8.91
CA MET F 260 8.18 4.19 9.27
C MET F 260 8.67 3.39 10.42
N THR F 261 7.79 2.74 11.13
CA THR F 261 8.14 2.02 12.30
C THR F 261 7.45 0.65 12.26
N SER F 262 8.10 -0.39 12.79
CA SER F 262 7.49 -1.71 12.77
C SER F 262 8.13 -2.56 13.87
N LYS F 263 7.61 -3.74 14.12
CA LYS F 263 8.17 -4.67 15.10
C LYS F 263 8.55 -5.93 14.33
N THR F 264 8.52 -5.91 13.01
CA THR F 264 8.90 -7.00 12.16
C THR F 264 10.31 -6.94 11.67
N ASP F 265 11.15 -7.89 12.05
CA ASP F 265 12.57 -7.89 11.71
C ASP F 265 12.94 -8.99 10.76
N VAL F 266 13.10 -8.66 9.50
CA VAL F 266 13.40 -9.62 8.49
C VAL F 266 14.69 -9.22 7.84
N SER F 267 15.43 -10.17 7.36
CA SER F 267 16.70 -9.92 6.70
C SER F 267 16.48 -9.66 5.22
N SER F 268 17.15 -8.63 4.69
CA SER F 268 16.99 -8.30 3.29
C SER F 268 18.18 -7.47 2.83
N SER F 269 18.39 -7.43 1.52
CA SER F 269 19.47 -6.67 0.91
C SER F 269 18.91 -5.66 -0.08
N VAL F 270 19.48 -4.46 -0.06
CA VAL F 270 19.17 -3.42 -1.02
C VAL F 270 20.42 -3.20 -1.88
N ILE F 271 20.32 -3.51 -3.17
CA ILE F 271 21.43 -3.36 -4.09
C ILE F 271 21.46 -1.92 -4.57
N THR F 272 22.48 -1.17 -4.13
CA THR F 272 22.59 0.24 -4.46
C THR F 272 23.42 0.39 -5.74
N SER F 273 23.79 1.63 -6.07
CA SER F 273 24.54 1.88 -7.31
C SER F 273 25.97 1.38 -7.21
N LEU F 274 26.62 1.61 -6.07
CA LEU F 274 28.04 1.28 -5.89
C LEU F 274 28.27 0.24 -4.81
N GLY F 275 27.23 -0.49 -4.42
CA GLY F 275 27.40 -1.49 -3.37
C GLY F 275 26.11 -2.18 -3.00
N ALA F 276 26.01 -2.56 -1.74
CA ALA F 276 24.85 -3.30 -1.24
C ALA F 276 24.71 -3.09 0.26
N ILE F 277 23.50 -2.75 0.69
CA ILE F 277 23.15 -2.67 2.10
C ILE F 277 22.54 -3.99 2.52
N VAL F 278 22.99 -4.54 3.63
CA VAL F 278 22.52 -5.83 4.13
C VAL F 278 21.97 -5.63 5.53
N SER F 279 20.70 -6.02 5.72
CA SER F 279 20.06 -6.02 7.03
C SER F 279 19.90 -7.49 7.43
N CYS F 280 20.82 -7.94 8.27
CA CYS F 280 20.81 -9.31 8.74
C CYS F 280 20.25 -9.29 10.13
N TYR F 281 19.15 -9.97 10.33
CA TYR F 281 18.51 -9.98 11.56
C TYR F 281 18.18 -11.41 11.72
N GLY F 282 18.11 -11.92 12.94
CA GLY F 282 17.67 -13.28 13.19
C GLY F 282 18.65 -14.39 13.11
N LYS F 283 18.19 -15.60 12.86
CA LYS F 283 19.14 -16.67 12.59
C LYS F 283 19.56 -16.73 11.12
N THR F 284 19.14 -15.77 10.31
CA THR F 284 19.53 -15.73 8.91
C THR F 284 21.04 -15.53 8.78
N LYS F 285 21.64 -16.26 7.84
CA LYS F 285 23.07 -16.17 7.59
C LYS F 285 23.30 -15.32 6.34
N CYS F 286 24.00 -14.20 6.49
CA CYS F 286 24.27 -13.26 5.42
C CYS F 286 25.77 -13.22 5.14
N THR F 287 26.13 -13.33 3.87
CA THR F 287 27.53 -13.33 3.47
C THR F 287 27.71 -12.48 2.22
N ALA F 288 28.96 -12.09 1.98
CA ALA F 288 29.37 -11.40 0.76
C ALA F 288 30.50 -12.18 0.13
N SER F 289 30.37 -12.48 -1.16
CA SER F 289 31.26 -13.39 -1.85
C SER F 289 31.82 -12.75 -3.12
N ASN F 290 33.04 -13.16 -3.44
CA ASN F 290 33.74 -12.77 -4.66
C ASN F 290 33.87 -13.99 -5.57
N LYS F 291 33.82 -13.74 -6.88
CA LYS F 291 33.81 -14.85 -7.83
C LYS F 291 35.11 -15.65 -7.83
N ASN F 292 36.19 -15.08 -7.31
CA ASN F 292 37.49 -15.75 -7.28
C ASN F 292 37.78 -16.39 -5.93
N ARG F 293 37.63 -15.64 -4.84
CA ARG F 293 37.98 -16.11 -3.51
C ARG F 293 36.78 -16.69 -2.76
N GLY F 294 35.63 -16.80 -3.40
CA GLY F 294 34.46 -17.33 -2.70
C GLY F 294 33.96 -16.35 -1.66
N ILE F 295 33.49 -16.88 -0.53
CA ILE F 295 32.97 -16.04 0.54
C ILE F 295 34.12 -15.22 1.12
N ILE F 296 33.96 -13.90 1.13
CA ILE F 296 34.98 -13.00 1.66
C ILE F 296 34.51 -12.23 2.87
N LYS F 297 33.22 -12.21 3.18
CA LYS F 297 32.74 -11.52 4.38
C LYS F 297 31.50 -12.24 4.90
N THR F 298 31.36 -12.22 6.23
CA THR F 298 30.17 -12.74 6.89
C THR F 298 29.58 -11.65 7.77
N PHE F 299 28.33 -11.29 7.52
CA PHE F 299 27.69 -10.20 8.23
C PHE F 299 27.14 -10.66 9.57
N SER F 300 27.32 -9.83 10.59
CA SER F 300 26.70 -10.06 11.88
C SER F 300 25.32 -9.40 11.90
N ASN F 301 24.58 -9.60 12.99
CA ASN F 301 23.26 -9.02 13.10
C ASN F 301 23.34 -7.50 13.11
N GLY F 302 22.48 -6.87 12.31
CA GLY F 302 22.42 -5.43 12.17
C GLY F 302 22.43 -5.04 10.71
N CYS F 303 22.72 -3.78 10.46
CA CYS F 303 22.78 -3.22 9.12
C CYS F 303 24.22 -2.90 8.75
N ASP F 304 24.67 -3.42 7.61
CA ASP F 304 26.03 -3.21 7.14
C ASP F 304 25.99 -2.89 5.65
N TYR F 305 27.15 -2.58 5.09
CA TYR F 305 27.24 -2.16 3.70
C TYR F 305 28.56 -2.65 3.13
N VAL F 306 28.52 -3.14 1.89
CA VAL F 306 29.71 -3.60 1.19
C VAL F 306 29.73 -2.98 -0.20
N SER F 307 30.86 -2.43 -0.59
CA SER F 307 31.01 -1.88 -1.93
C SER F 307 31.24 -3.00 -2.94
N ASN F 308 31.28 -2.62 -4.22
CA ASN F 308 31.43 -3.58 -5.31
C ASN F 308 32.87 -3.69 -5.79
N LYS F 309 33.84 -3.13 -5.05
CA LYS F 309 35.23 -3.19 -5.48
C LYS F 309 35.74 -4.62 -5.52
N GLY F 310 35.44 -5.41 -4.49
CA GLY F 310 35.88 -6.79 -4.44
C GLY F 310 34.73 -7.76 -4.31
N VAL F 311 33.56 -7.25 -3.94
CA VAL F 311 32.37 -8.08 -3.74
C VAL F 311 31.64 -8.19 -5.07
N ASP F 312 31.31 -9.43 -5.45
CA ASP F 312 30.52 -9.68 -6.65
C ASP F 312 29.10 -10.10 -6.35
N THR F 313 28.87 -10.88 -5.30
CA THR F 313 27.54 -11.31 -4.92
C THR F 313 27.34 -11.16 -3.42
N VAL F 314 26.09 -11.07 -3.01
CA VAL F 314 25.73 -11.05 -1.60
C VAL F 314 24.57 -12.02 -1.37
N SER F 315 24.73 -12.92 -0.41
CA SER F 315 23.71 -13.92 -0.09
C SER F 315 23.05 -13.56 1.24
N VAL F 316 21.73 -13.37 1.20
CA VAL F 316 20.93 -13.16 2.39
C VAL F 316 19.93 -14.30 2.47
N GLY F 317 20.13 -15.18 3.44
CA GLY F 317 19.26 -16.35 3.56
C GLY F 317 19.36 -17.21 2.32
N ASN F 318 18.20 -17.47 1.70
CA ASN F 318 18.13 -18.26 0.49
C ASN F 318 18.19 -17.40 -0.78
N THR F 319 18.39 -16.09 -0.64
CA THR F 319 18.45 -15.19 -1.78
C THR F 319 19.89 -14.82 -2.09
N LEU F 320 20.21 -14.75 -3.38
CA LEU F 320 21.52 -14.32 -3.84
C LEU F 320 21.36 -13.15 -4.80
N TYR F 321 22.02 -12.04 -4.50
CA TYR F 321 21.97 -10.83 -5.29
C TYR F 321 23.31 -10.59 -5.96
N TYR F 322 23.27 -10.14 -7.21
CA TYR F 322 24.45 -9.65 -7.92
C TYR F 322 24.50 -8.14 -7.76
N VAL F 323 25.66 -7.63 -7.37
CA VAL F 323 25.83 -6.19 -7.18
C VAL F 323 26.21 -5.55 -8.52
N ASN F 324 25.90 -4.26 -8.63
CA ASN F 324 26.25 -3.51 -9.84
C ASN F 324 27.75 -3.24 -9.84
N LYS F 325 28.39 -3.53 -10.97
CA LYS F 325 29.83 -3.35 -11.12
C LYS F 325 30.19 -2.01 -11.75
N GLN F 326 29.34 -1.01 -11.61
CA GLN F 326 29.63 0.32 -12.14
C GLN F 326 30.75 0.96 -11.34
N GLU F 327 31.71 1.56 -12.04
CA GLU F 327 32.87 2.16 -11.39
C GLU F 327 32.48 3.39 -10.58
N GLY F 328 33.04 3.50 -9.39
CA GLY F 328 32.76 4.63 -8.53
C GLY F 328 33.52 4.50 -7.23
N LYS F 329 33.33 5.50 -6.37
CA LYS F 329 33.99 5.55 -5.07
C LYS F 329 32.93 5.51 -3.97
N SER F 330 33.15 4.63 -2.99
CA SER F 330 32.21 4.44 -1.89
C SER F 330 32.84 4.90 -0.58
N LEU F 331 32.02 5.48 0.28
CA LEU F 331 32.45 5.96 1.59
C LEU F 331 31.53 5.38 2.65
N TYR F 332 32.12 5.06 3.81
CA TYR F 332 31.40 4.48 4.94
C TYR F 332 31.47 5.47 6.09
N VAL F 333 30.31 5.94 6.55
CA VAL F 333 30.23 6.90 7.65
C VAL F 333 29.77 6.13 8.88
N LYS F 334 30.71 5.83 9.76
CA LYS F 334 30.38 5.10 10.98
C LYS F 334 29.58 5.97 11.93
N GLY F 335 28.62 5.37 12.61
CA GLY F 335 27.82 6.09 13.57
C GLY F 335 26.91 5.15 14.33
N GLU F 336 26.50 5.59 15.51
CA GLU F 336 25.60 4.80 16.33
C GLU F 336 24.22 4.77 15.67
N PRO F 337 23.64 3.59 15.45
CA PRO F 337 22.29 3.54 14.88
C PRO F 337 21.29 4.24 15.78
N ILE F 338 20.37 4.98 15.15
CA ILE F 338 19.41 5.76 15.91
C ILE F 338 18.33 4.88 16.54
N ILE F 339 18.21 3.65 16.11
CA ILE F 339 17.24 2.71 16.64
C ILE F 339 17.53 2.47 18.07
N ASN F 340 18.78 2.47 18.42
CA ASN F 340 19.18 2.23 19.79
C ASN F 340 18.74 3.34 20.73
N PHE F 341 18.39 4.52 20.19
CA PHE F 341 17.98 5.62 21.04
C PHE F 341 16.61 5.38 21.65
N TYR F 342 15.71 4.76 20.89
CA TYR F 342 14.32 4.64 21.29
C TYR F 342 14.13 3.57 22.36
N ASP F 343 13.24 3.85 23.30
CA ASP F 343 12.87 2.87 24.31
C ASP F 343 11.85 1.89 23.72
N PRO F 344 12.14 0.58 23.70
CA PRO F 344 11.18 -0.36 23.10
C PRO F 344 9.82 -0.38 23.78
N LEU F 345 9.75 -0.06 25.07
CA LEU F 345 8.48 -0.12 25.79
C LEU F 345 7.51 0.95 25.29
N VAL F 346 8.00 2.15 25.00
CA VAL F 346 7.16 3.25 24.56
C VAL F 346 7.30 3.52 23.06
N PHE F 347 7.96 2.64 22.34
CA PHE F 347 8.17 2.85 20.91
C PHE F 347 6.86 2.64 20.15
N PRO F 348 6.41 3.62 19.37
CA PRO F 348 5.16 3.44 18.60
C PRO F 348 5.42 2.65 17.33
N SER F 349 4.82 1.46 17.25
CA SER F 349 4.96 0.58 16.10
C SER F 349 3.77 0.73 15.17
N ASP F 350 3.88 0.07 14.01
CA ASP F 350 2.81 0.05 13.00
C ASP F 350 2.44 1.47 12.55
N GLU F 351 3.45 2.31 12.37
CA GLU F 351 3.27 3.65 11.81
C GLU F 351 3.92 3.69 10.43
N PHE F 352 3.14 4.03 9.42
CA PHE F 352 3.63 4.05 8.05
C PHE F 352 3.92 5.46 7.55
N ASP F 353 2.93 6.36 7.62
CA ASP F 353 3.10 7.73 7.16
C ASP F 353 3.40 8.63 8.36
N ALA F 354 4.62 8.45 8.88
CA ALA F 354 5.07 9.19 10.06
C ALA F 354 6.38 9.90 9.77
N SER F 355 6.96 10.51 10.80
CA SER F 355 8.23 11.20 10.70
C SER F 355 8.87 11.23 12.08
N ILE F 356 10.06 11.84 12.17
CA ILE F 356 10.76 11.91 13.44
C ILE F 356 9.94 12.71 14.45
N SER F 357 9.45 13.87 14.04
CA SER F 357 8.66 14.72 14.94
C SER F 357 7.34 14.05 15.31
N GLN F 358 6.69 13.39 14.34
CA GLN F 358 5.43 12.72 14.63
C GLN F 358 5.64 11.56 15.61
N VAL F 359 6.73 10.81 15.45
CA VAL F 359 7.04 9.73 16.38
C VAL F 359 7.34 10.30 17.77
N ASN F 360 8.04 11.43 17.82
CA ASN F 360 8.31 12.07 19.11
C ASN F 360 7.02 12.51 19.78
N GLU F 361 6.09 13.07 19.01
CA GLU F 361 4.79 13.45 19.55
C GLU F 361 4.01 12.24 20.04
N LYS F 362 4.06 11.14 19.30
CA LYS F 362 3.37 9.93 19.72
C LYS F 362 3.94 9.38 21.02
N ILE F 363 5.27 9.41 21.16
CA ILE F 363 5.89 8.98 22.42
C ILE F 363 5.50 9.91 23.55
N ASN F 364 5.50 11.23 23.29
CA ASN F 364 5.15 12.19 24.32
C ASN F 364 3.67 12.12 24.70
N GLN F 365 2.82 11.61 23.80
CA GLN F 365 1.42 11.40 24.11
C GLN F 365 1.17 10.11 24.85
N SER F 366 2.12 9.17 24.82
CA SER F 366 2.08 8.02 25.71
C SER F 366 2.56 8.38 27.12
N LEU F 367 3.34 9.44 27.24
CA LEU F 367 3.74 9.98 28.54
C LEU F 367 2.81 11.12 28.97
N ALA F 368 1.64 11.23 28.33
CA ALA F 368 0.58 12.09 28.83
C ALA F 368 -0.02 11.50 30.09
N PHE F 369 -0.42 10.24 30.03
CA PHE F 369 -0.65 9.45 31.25
C PHE F 369 0.69 9.21 31.94
N ILE F 370 0.65 8.58 33.11
CA ILE F 370 1.83 8.37 33.92
C ILE F 370 2.49 9.71 34.25
N GLN G 1 -19.31 -31.84 17.33
CA GLN G 1 -20.05 -31.52 18.55
C GLN G 1 -19.10 -31.28 19.71
N VAL G 2 -19.23 -30.11 20.34
CA VAL G 2 -18.37 -29.74 21.46
C VAL G 2 -18.82 -30.50 22.69
N GLN G 3 -17.91 -31.29 23.27
CA GLN G 3 -18.29 -32.14 24.38
C GLN G 3 -17.07 -32.50 25.20
N LEU G 4 -17.33 -32.89 26.45
CA LEU G 4 -16.32 -33.39 27.37
C LEU G 4 -16.79 -34.74 27.90
N VAL G 5 -15.88 -35.72 27.90
CA VAL G 5 -16.18 -37.08 28.33
C VAL G 5 -15.26 -37.43 29.49
N GLN G 6 -15.84 -37.87 30.60
CA GLN G 6 -15.07 -38.18 31.80
C GLN G 6 -15.02 -39.68 32.04
N SER G 7 -14.04 -40.09 32.85
CA SER G 7 -13.88 -41.49 33.17
C SER G 7 -14.97 -41.95 34.13
N GLY G 8 -15.07 -43.27 34.29
CA GLY G 8 -16.10 -43.85 35.13
C GLY G 8 -15.86 -43.61 36.60
N GLY G 9 -16.89 -43.91 37.39
CA GLY G 9 -16.80 -43.71 38.82
C GLY G 9 -15.81 -44.66 39.47
N GLU G 10 -15.30 -44.23 40.62
CA GLU G 10 -14.28 -44.99 41.34
C GLU G 10 -14.66 -45.11 42.81
N VAL G 11 -14.19 -46.21 43.42
CA VAL G 11 -14.34 -46.45 44.85
C VAL G 11 -12.94 -46.52 45.45
N LYS G 12 -12.69 -45.71 46.47
CA LYS G 12 -11.37 -45.59 47.07
C LYS G 12 -11.47 -45.69 48.58
N LYS G 13 -10.37 -46.07 49.20
CA LYS G 13 -10.24 -46.12 50.65
C LYS G 13 -9.61 -44.83 51.16
N PRO G 14 -9.86 -44.45 52.41
CA PRO G 14 -9.25 -43.23 52.95
C PRO G 14 -7.74 -43.29 52.91
N GLY G 15 -7.13 -42.15 52.61
CA GLY G 15 -5.69 -42.06 52.46
C GLY G 15 -5.15 -42.38 51.09
N ALA G 16 -5.99 -42.75 50.15
CA ALA G 16 -5.56 -43.09 48.80
C ALA G 16 -5.62 -41.85 47.91
N SER G 17 -5.39 -42.05 46.61
CA SER G 17 -5.42 -40.97 45.63
C SER G 17 -6.29 -41.40 44.45
N VAL G 18 -6.95 -40.42 43.83
CA VAL G 18 -7.87 -40.67 42.72
C VAL G 18 -7.48 -39.80 41.54
N LYS G 19 -7.51 -40.39 40.34
CA LYS G 19 -7.22 -39.72 39.08
C LYS G 19 -8.48 -39.69 38.22
N VAL G 20 -8.89 -38.50 37.80
CA VAL G 20 -10.09 -38.31 36.98
C VAL G 20 -9.66 -37.71 35.65
N SER G 21 -10.12 -38.32 34.55
CA SER G 21 -9.78 -37.91 33.21
C SER G 21 -10.96 -37.17 32.57
N CYS G 22 -10.64 -36.26 31.65
CA CYS G 22 -11.66 -35.49 30.93
C CYS G 22 -11.13 -35.20 29.54
N LYS G 23 -11.66 -35.91 28.54
CA LYS G 23 -11.26 -35.73 27.16
C LYS G 23 -12.20 -34.77 26.45
N ALA G 24 -11.62 -33.86 25.66
CA ALA G 24 -12.37 -32.84 24.96
C ALA G 24 -12.53 -33.22 23.49
N SER G 25 -13.69 -32.91 22.92
CA SER G 25 -13.96 -33.18 21.52
C SER G 25 -14.78 -32.04 20.93
N GLY G 26 -14.65 -31.85 19.62
CA GLY G 26 -15.43 -30.86 18.91
C GLY G 26 -14.90 -29.45 18.94
N TYR G 27 -13.76 -29.23 19.59
CA TYR G 27 -13.17 -27.89 19.63
C TYR G 27 -11.67 -28.02 19.88
N THR G 28 -10.96 -26.93 19.61
CA THR G 28 -9.51 -26.90 19.83
C THR G 28 -9.23 -26.90 21.32
N PHE G 29 -8.59 -27.97 21.80
CA PHE G 29 -8.43 -28.16 23.23
C PHE G 29 -7.50 -27.11 23.85
N THR G 30 -6.48 -26.69 23.11
CA THR G 30 -5.46 -25.80 23.66
C THR G 30 -5.87 -24.34 23.70
N TYR G 31 -7.04 -23.99 23.15
CA TYR G 31 -7.48 -22.60 23.14
C TYR G 31 -8.22 -22.19 24.41
N TYR G 32 -8.59 -23.14 25.26
CA TYR G 32 -9.40 -22.86 26.43
C TYR G 32 -8.79 -23.52 27.65
N GLY G 33 -9.18 -23.02 28.83
CA GLY G 33 -8.84 -23.66 30.08
C GLY G 33 -9.88 -24.69 30.48
N ILE G 34 -9.59 -25.38 31.58
CA ILE G 34 -10.48 -26.40 32.12
C ILE G 34 -10.60 -26.18 33.62
N SER G 35 -11.82 -26.04 34.11
CA SER G 35 -12.10 -25.92 35.53
C SER G 35 -12.68 -27.23 36.06
N TRP G 36 -12.38 -27.53 37.32
CA TRP G 36 -12.88 -28.73 37.97
C TRP G 36 -13.80 -28.33 39.10
N VAL G 37 -15.02 -28.88 39.10
CA VAL G 37 -16.04 -28.52 40.07
C VAL G 37 -16.50 -29.78 40.79
N ARG G 38 -16.56 -29.71 42.12
CA ARG G 38 -16.98 -30.83 42.95
C ARG G 38 -18.36 -30.57 43.53
N GLN G 39 -19.20 -31.60 43.53
CA GLN G 39 -20.54 -31.49 44.09
C GLN G 39 -20.78 -32.67 45.02
N ALA G 40 -20.93 -32.37 46.30
CA ALA G 40 -21.26 -33.38 47.30
C ALA G 40 -22.73 -33.74 47.21
N PRO G 41 -23.11 -34.94 47.67
CA PRO G 41 -24.53 -35.33 47.65
C PRO G 41 -25.39 -34.37 48.47
N GLY G 42 -26.41 -33.83 47.83
CA GLY G 42 -27.28 -32.87 48.49
C GLY G 42 -26.61 -31.56 48.85
N GLN G 43 -25.68 -31.09 48.01
CA GLN G 43 -24.96 -29.84 48.26
C GLN G 43 -24.68 -29.15 46.94
N GLY G 44 -24.35 -27.87 47.03
CA GLY G 44 -24.09 -27.06 45.85
C GLY G 44 -22.73 -27.34 45.24
N LEU G 45 -22.50 -26.69 44.10
CA LEU G 45 -21.24 -26.85 43.39
C LEU G 45 -20.10 -26.19 44.17
N GLU G 46 -18.93 -26.85 44.15
CA GLU G 46 -17.73 -26.32 44.79
C GLU G 46 -16.62 -26.28 43.75
N TRP G 47 -16.01 -25.11 43.57
CA TRP G 47 -14.93 -24.95 42.61
C TRP G 47 -13.61 -25.42 43.22
N MET G 48 -12.85 -26.21 42.47
CA MET G 48 -11.60 -26.78 42.96
C MET G 48 -10.36 -26.15 42.32
N GLY G 49 -10.37 -25.94 41.02
CA GLY G 49 -9.22 -25.34 40.37
C GLY G 49 -9.44 -25.19 38.88
N TRP G 50 -8.47 -24.52 38.25
CA TRP G 50 -8.51 -24.24 36.82
C TRP G 50 -7.11 -24.39 36.23
N ILE G 51 -7.00 -25.14 35.16
CA ILE G 51 -5.72 -25.36 34.48
C ILE G 51 -5.84 -24.89 33.04
N SER G 52 -4.87 -24.10 32.60
CA SER G 52 -4.83 -23.63 31.22
C SER G 52 -4.25 -24.72 30.32
N ALA G 53 -4.97 -25.05 29.25
CA ALA G 53 -4.50 -26.05 28.30
C ALA G 53 -3.52 -25.48 27.29
N TYR G 54 -3.25 -24.18 27.34
CA TYR G 54 -2.32 -23.56 26.40
C TYR G 54 -0.87 -23.66 26.89
N ASN G 55 -0.63 -23.27 28.14
CA ASN G 55 0.72 -23.29 28.69
C ASN G 55 0.83 -24.06 30.01
N GLY G 56 -0.25 -24.65 30.50
CA GLY G 56 -0.19 -25.42 31.73
C GLY G 56 -0.30 -24.63 33.00
N ASN G 57 -0.64 -23.33 32.93
CA ASN G 57 -0.80 -22.54 34.13
C ASN G 57 -1.96 -23.08 34.97
N THR G 58 -1.74 -23.16 36.28
CA THR G 58 -2.72 -23.73 37.20
C THR G 58 -3.06 -22.72 38.30
N ASN G 59 -4.32 -22.72 38.70
CA ASN G 59 -4.82 -21.89 39.79
C ASN G 59 -5.73 -22.78 40.63
N TYR G 60 -5.31 -23.07 41.85
CA TYR G 60 -6.02 -23.98 42.73
C TYR G 60 -6.80 -23.22 43.80
N GLU G 61 -7.82 -23.88 44.32
CA GLU G 61 -8.55 -23.34 45.46
C GLU G 61 -7.66 -23.32 46.70
N GLN G 62 -7.88 -22.32 47.56
CA GLN G 62 -7.08 -22.19 48.76
C GLN G 62 -7.22 -23.41 49.66
N LYS G 63 -8.43 -23.96 49.75
CA LYS G 63 -8.66 -25.14 50.58
C LYS G 63 -7.93 -26.37 50.03
N PHE G 64 -7.77 -26.45 48.71
CA PHE G 64 -7.14 -27.60 48.07
C PHE G 64 -5.68 -27.36 47.71
N GLN G 65 -5.09 -26.28 48.19
CA GLN G 65 -3.69 -25.98 47.84
C GLN G 65 -2.77 -27.07 48.38
N GLY G 66 -1.89 -27.57 47.53
CA GLY G 66 -0.94 -28.60 47.91
C GLY G 66 -1.50 -30.00 47.94
N ARG G 67 -2.79 -30.16 47.64
CA ARG G 67 -3.44 -31.46 47.76
C ARG G 67 -3.95 -31.97 46.42
N VAL G 68 -4.21 -31.10 45.45
CA VAL G 68 -4.75 -31.48 44.15
C VAL G 68 -3.78 -31.06 43.07
N THR G 69 -3.64 -31.91 42.04
CA THR G 69 -2.74 -31.64 40.92
C THR G 69 -3.48 -31.80 39.61
N MET G 70 -3.41 -30.80 38.74
CA MET G 70 -4.04 -30.85 37.43
C MET G 70 -2.97 -30.83 36.34
N THR G 71 -3.15 -31.70 35.35
CA THR G 71 -2.22 -31.83 34.24
C THR G 71 -2.99 -31.83 32.92
N THR G 72 -2.31 -31.43 31.86
CA THR G 72 -2.89 -31.33 30.53
C THR G 72 -2.04 -32.13 29.56
N ASP G 73 -2.70 -32.98 28.76
CA ASP G 73 -2.02 -33.76 27.72
C ASP G 73 -2.57 -33.27 26.38
N THR G 74 -1.79 -32.44 25.69
CA THR G 74 -2.22 -31.88 24.43
C THR G 74 -2.22 -32.89 23.29
N SER G 75 -1.44 -33.97 23.41
CA SER G 75 -1.43 -34.99 22.37
C SER G 75 -2.78 -35.68 22.27
N THR G 76 -3.33 -36.10 23.41
CA THR G 76 -4.66 -36.70 23.44
C THR G 76 -5.74 -35.69 23.79
N GLY G 77 -5.37 -34.44 24.09
CA GLY G 77 -6.35 -33.42 24.43
C GLY G 77 -7.14 -33.76 25.67
N THR G 78 -6.46 -34.20 26.72
CA THR G 78 -7.12 -34.70 27.92
C THR G 78 -6.62 -33.96 29.16
N ALA G 79 -7.55 -33.47 29.97
CA ALA G 79 -7.17 -32.79 31.20
C ALA G 79 -7.35 -33.79 32.32
N TYR G 80 -6.79 -33.50 33.49
CA TYR G 80 -6.84 -34.49 34.56
C TYR G 80 -7.15 -33.90 35.93
N MET G 81 -7.53 -34.76 36.86
CA MET G 81 -7.84 -34.31 38.20
C MET G 81 -7.31 -35.32 39.21
N GLU G 82 -6.19 -35.00 39.84
CA GLU G 82 -5.58 -35.92 40.79
C GLU G 82 -5.73 -35.41 42.21
N LEU G 83 -6.24 -36.24 43.11
CA LEU G 83 -6.47 -35.82 44.48
C LEU G 83 -5.85 -36.83 45.43
N ARG G 84 -5.20 -36.34 46.48
CA ARG G 84 -4.50 -37.18 47.44
C ARG G 84 -5.11 -37.01 48.83
N SER G 85 -4.82 -37.99 49.69
CA SER G 85 -5.29 -38.00 51.07
C SER G 85 -6.82 -37.91 51.14
N LEU G 86 -7.47 -38.83 50.45
CA LEU G 86 -8.92 -38.85 50.40
C LEU G 86 -9.50 -39.19 51.78
N THR G 87 -10.63 -38.55 52.10
CA THR G 87 -11.34 -38.79 53.35
C THR G 87 -12.81 -39.04 53.04
N SER G 88 -13.60 -39.21 54.10
CA SER G 88 -15.04 -39.42 53.94
C SER G 88 -15.77 -38.18 53.42
N ASP G 89 -15.07 -37.06 53.32
CA ASP G 89 -15.67 -35.86 52.75
C ASP G 89 -15.50 -35.81 51.24
N ASP G 90 -14.46 -36.46 50.73
CA ASP G 90 -14.18 -36.39 49.29
C ASP G 90 -15.29 -36.97 48.41
N THR G 91 -15.92 -38.05 48.87
CA THR G 91 -17.00 -38.67 48.09
C THR G 91 -17.92 -37.63 47.46
N ALA G 92 -17.92 -37.55 46.13
CA ALA G 92 -18.74 -36.55 45.45
C ALA G 92 -18.66 -36.78 43.94
N VAL G 93 -19.37 -35.94 43.20
CA VAL G 93 -19.35 -35.99 41.73
C VAL G 93 -18.47 -34.86 41.23
N TYR G 94 -17.50 -35.19 40.38
CA TYR G 94 -16.57 -34.22 39.82
C TYR G 94 -16.91 -33.97 38.36
N TYR G 95 -16.99 -32.69 38.00
CA TYR G 95 -17.26 -32.25 36.64
C TYR G 95 -16.09 -31.44 36.12
N CYS G 96 -15.79 -31.63 34.84
CA CYS G 96 -14.85 -30.77 34.13
C CYS G 96 -15.64 -29.83 33.23
N ALA G 97 -15.30 -28.55 33.27
CA ALA G 97 -16.00 -27.53 32.51
C ALA G 97 -15.02 -26.72 31.69
N ARG G 98 -15.39 -26.43 30.45
CA ARG G 98 -14.57 -25.56 29.62
C ARG G 98 -14.63 -24.14 30.18
N ASP G 99 -13.47 -23.48 30.23
CA ASP G 99 -13.41 -22.12 30.73
C ASP G 99 -13.08 -21.13 29.61
N ARG G 100 -12.84 -19.88 29.98
CA ARG G 100 -12.56 -18.85 28.98
C ARG G 100 -11.35 -19.16 28.10
N ILE G 101 -11.30 -18.58 26.90
CA ILE G 101 -10.19 -18.84 25.99
C ILE G 101 -8.82 -18.43 26.53
N VAL G 102 -7.84 -19.31 26.37
CA VAL G 102 -6.47 -19.01 26.81
C VAL G 102 -5.51 -18.65 25.68
N VAL G 103 -5.97 -17.92 24.67
CA VAL G 103 -5.11 -17.49 23.58
C VAL G 103 -5.33 -16.04 23.19
N VAL G 104 -6.45 -15.44 23.59
CA VAL G 104 -6.75 -14.04 23.30
C VAL G 104 -6.92 -13.30 24.62
N THR G 105 -6.21 -12.20 24.79
CA THR G 105 -6.32 -11.41 26.00
C THR G 105 -7.65 -10.66 26.02
N ALA G 106 -8.31 -10.66 27.19
CA ALA G 106 -9.61 -10.03 27.38
C ALA G 106 -10.62 -10.55 26.36
N ALA G 107 -10.61 -11.85 26.13
CA ALA G 107 -11.55 -12.46 25.21
C ALA G 107 -12.92 -12.60 25.87
N ASN G 108 -13.90 -12.96 25.05
CA ASN G 108 -15.24 -13.21 25.57
C ASN G 108 -15.22 -14.42 26.50
N TYR G 109 -15.79 -14.28 27.70
CA TYR G 109 -15.75 -15.36 28.70
C TYR G 109 -16.85 -16.38 28.54
N TYR G 110 -18.10 -15.95 28.63
CA TYR G 110 -19.28 -16.81 28.49
C TYR G 110 -19.42 -17.80 29.64
N GLY G 111 -18.55 -17.72 30.66
CA GLY G 111 -18.66 -18.65 31.77
C GLY G 111 -18.27 -20.08 31.38
N LEU G 112 -18.74 -21.02 32.19
CA LEU G 112 -18.51 -22.44 31.95
C LEU G 112 -19.61 -22.97 31.04
N ASP G 113 -19.40 -22.83 29.73
CA ASP G 113 -20.44 -23.14 28.76
C ASP G 113 -20.52 -24.62 28.40
N VAL G 114 -19.44 -25.37 28.58
CA VAL G 114 -19.40 -26.79 28.25
C VAL G 114 -19.02 -27.55 29.50
N TRP G 115 -19.78 -28.60 29.82
CA TRP G 115 -19.58 -29.38 31.04
C TRP G 115 -19.44 -30.85 30.70
N GLY G 116 -18.67 -31.55 31.54
CA GLY G 116 -18.54 -32.98 31.40
C GLY G 116 -19.70 -33.73 32.04
N GLN G 117 -19.83 -35.01 31.67
CA GLN G 117 -20.94 -35.81 32.17
C GLN G 117 -20.85 -36.08 33.66
N GLY G 118 -19.65 -36.05 34.22
CA GLY G 118 -19.48 -36.23 35.65
C GLY G 118 -18.95 -37.59 36.05
N THR G 119 -18.02 -37.62 37.01
CA THR G 119 -17.45 -38.85 37.52
C THR G 119 -17.70 -38.92 39.02
N THR G 120 -18.30 -40.01 39.47
CA THR G 120 -18.62 -40.18 40.88
C THR G 120 -17.48 -40.91 41.58
N VAL G 121 -17.02 -40.34 42.70
CA VAL G 121 -15.96 -40.93 43.50
C VAL G 121 -16.51 -41.18 44.90
N THR G 122 -16.46 -42.43 45.35
CA THR G 122 -16.97 -42.81 46.65
C THR G 122 -15.80 -43.27 47.52
N VAL G 123 -15.66 -42.65 48.69
CA VAL G 123 -14.60 -42.99 49.64
C VAL G 123 -15.27 -43.67 50.83
N SER G 124 -15.07 -44.98 50.94
CA SER G 124 -15.66 -45.75 52.03
C SER G 124 -14.87 -47.04 52.19
N SER G 125 -15.07 -47.68 53.34
CA SER G 125 -14.40 -48.95 53.64
C SER G 125 -15.23 -50.13 53.16
N ASP H 1 -12.87 -12.98 48.81
CA ASP H 1 -13.76 -13.75 47.94
C ASP H 1 -15.13 -13.08 47.84
N ILE H 2 -15.88 -13.45 46.82
CA ILE H 2 -17.21 -12.90 46.57
C ILE H 2 -18.22 -14.02 46.83
N GLN H 3 -18.91 -13.95 47.96
CA GLN H 3 -19.93 -14.93 48.29
C GLN H 3 -21.25 -14.54 47.64
N LEU H 4 -21.96 -15.54 47.13
CA LEU H 4 -23.25 -15.34 46.47
C LEU H 4 -24.35 -15.99 47.28
N THR H 5 -25.46 -15.28 47.45
CA THR H 5 -26.62 -15.76 48.18
C THR H 5 -27.84 -15.74 47.27
N GLN H 6 -28.66 -16.79 47.36
CA GLN H 6 -29.83 -16.94 46.52
C GLN H 6 -31.09 -16.90 47.38
N SER H 7 -32.18 -16.42 46.78
CA SER H 7 -33.45 -16.33 47.47
C SER H 7 -34.59 -16.57 46.48
N PRO H 8 -35.57 -17.41 46.83
CA PRO H 8 -35.64 -18.24 48.05
C PRO H 8 -34.83 -19.52 47.92
N ASP H 9 -34.59 -20.23 49.03
CA ASP H 9 -33.89 -21.50 48.94
C ASP H 9 -34.72 -22.52 48.18
N SER H 10 -36.04 -22.54 48.39
CA SER H 10 -36.95 -23.41 47.67
C SER H 10 -38.07 -22.57 47.07
N LEU H 11 -38.50 -22.94 45.87
CA LEU H 11 -39.52 -22.21 45.14
C LEU H 11 -40.58 -23.18 44.64
N ALA H 12 -41.85 -22.81 44.82
CA ALA H 12 -42.99 -23.59 44.34
C ALA H 12 -43.85 -22.69 43.47
N VAL H 13 -43.92 -23.01 42.19
CA VAL H 13 -44.65 -22.20 41.21
C VAL H 13 -45.56 -23.12 40.40
N SER H 14 -46.80 -22.68 40.18
CA SER H 14 -47.73 -23.45 39.37
C SER H 14 -47.35 -23.36 37.89
N LEU H 15 -47.92 -24.27 37.11
CA LEU H 15 -47.60 -24.33 35.68
C LEU H 15 -48.05 -23.05 34.98
N GLY H 16 -47.21 -22.57 34.08
CA GLY H 16 -47.52 -21.37 33.31
C GLY H 16 -47.47 -20.08 34.09
N GLU H 17 -46.78 -20.11 35.23
CA GLU H 17 -46.63 -18.92 36.05
C GLU H 17 -45.18 -18.47 36.07
N ARG H 18 -44.94 -17.26 36.55
CA ARG H 18 -43.58 -16.73 36.61
C ARG H 18 -42.77 -17.36 37.72
N ALA H 19 -41.45 -17.43 37.52
CA ALA H 19 -40.59 -18.00 38.55
C ALA H 19 -39.42 -17.05 38.76
N THR H 20 -39.34 -16.46 39.95
CA THR H 20 -38.30 -15.46 40.19
C THR H 20 -37.26 -15.92 41.21
N ILE H 21 -35.99 -15.75 40.85
CA ILE H 21 -34.91 -16.10 41.76
C ILE H 21 -33.96 -14.91 41.85
N ASN H 22 -33.58 -14.53 43.07
CA ASN H 22 -32.71 -13.39 43.29
C ASN H 22 -31.34 -13.87 43.76
N CYS H 23 -30.29 -13.29 43.17
CA CYS H 23 -28.91 -13.61 43.50
C CYS H 23 -28.19 -12.33 43.88
N LYS H 24 -27.57 -12.32 45.07
CA LYS H 24 -26.87 -11.14 45.56
C LYS H 24 -25.44 -11.51 45.91
N SER H 25 -24.50 -10.62 45.57
CA SER H 25 -23.09 -10.84 45.79
C SER H 25 -22.55 -9.84 46.81
N SER H 26 -21.56 -10.29 47.59
CA SER H 26 -20.93 -9.41 48.56
C SER H 26 -20.12 -8.30 47.91
N GLN H 27 -19.69 -8.50 46.67
CA GLN H 27 -18.91 -7.51 45.94
C GLN H 27 -19.45 -7.40 44.52
N SER H 28 -19.20 -6.27 43.89
CA SER H 28 -19.63 -6.05 42.52
C SER H 28 -18.88 -6.98 41.57
N VAL H 29 -19.62 -7.54 40.60
CA VAL H 29 -19.06 -8.47 39.63
C VAL H 29 -18.90 -7.81 38.26
N LEU H 30 -19.01 -6.50 38.18
CA LEU H 30 -18.88 -5.80 36.91
C LEU H 30 -17.42 -5.85 36.43
N TYR H 31 -17.23 -6.23 35.18
CA TYR H 31 -15.91 -6.26 34.55
C TYR H 31 -15.69 -4.92 33.88
N ARG H 32 -14.89 -4.06 34.51
CA ARG H 32 -14.72 -2.69 34.05
C ARG H 32 -14.17 -2.54 32.64
N PRO H 33 -13.17 -3.32 32.18
CA PRO H 33 -12.65 -3.09 30.83
C PRO H 33 -13.69 -3.20 29.73
N ASN H 34 -14.69 -4.08 29.88
CA ASN H 34 -15.73 -4.24 28.87
C ASN H 34 -17.12 -3.88 29.39
N ASN H 35 -17.24 -3.44 30.65
CA ASN H 35 -18.52 -3.03 31.23
C ASN H 35 -19.55 -4.16 31.17
N LYS H 36 -19.14 -5.33 31.66
CA LYS H 36 -19.99 -6.51 31.67
C LYS H 36 -20.07 -7.06 33.09
N ASN H 37 -21.26 -7.51 33.48
CA ASN H 37 -21.48 -8.12 34.79
C ASN H 37 -21.23 -9.62 34.65
N PHE H 38 -20.11 -10.09 35.21
CA PHE H 38 -19.70 -11.49 35.06
C PHE H 38 -20.46 -12.35 36.05
N LEU H 39 -21.72 -12.63 35.71
CA LEU H 39 -22.57 -13.53 36.48
C LEU H 39 -23.27 -14.48 35.53
N ALA H 40 -23.42 -15.73 35.96
CA ALA H 40 -24.00 -16.78 35.12
C ALA H 40 -25.03 -17.56 35.91
N TRP H 41 -26.07 -17.98 35.19
CA TRP H 41 -27.15 -18.80 35.74
C TRP H 41 -27.16 -20.15 35.05
N TYR H 42 -27.09 -21.22 35.85
CA TYR H 42 -27.12 -22.60 35.40
C TYR H 42 -28.32 -23.33 35.98
N GLN H 43 -28.74 -24.38 35.30
CA GLN H 43 -29.77 -25.29 35.81
C GLN H 43 -29.23 -26.72 35.81
N GLN H 44 -29.62 -27.45 36.85
CA GLN H 44 -29.17 -28.83 36.99
C GLN H 44 -30.31 -29.77 37.33
N LYS H 45 -30.33 -30.92 36.70
CA LYS H 45 -31.34 -31.94 36.89
C LYS H 45 -30.72 -33.19 37.50
N PRO H 46 -31.51 -34.03 38.17
CA PRO H 46 -30.94 -35.23 38.79
C PRO H 46 -30.24 -36.11 37.77
N GLY H 47 -28.98 -36.45 38.07
CA GLY H 47 -28.18 -37.27 37.19
C GLY H 47 -27.61 -36.56 35.99
N GLN H 48 -27.62 -35.23 35.98
CA GLN H 48 -27.12 -34.45 34.85
C GLN H 48 -26.23 -33.33 35.34
N PRO H 49 -25.25 -32.92 34.54
CA PRO H 49 -24.41 -31.78 34.92
C PRO H 49 -25.15 -30.48 34.74
N PRO H 50 -24.68 -29.39 35.36
CA PRO H 50 -25.30 -28.10 35.13
C PRO H 50 -25.18 -27.67 33.68
N LYS H 51 -26.20 -26.95 33.20
CA LYS H 51 -26.22 -26.41 31.86
C LYS H 51 -26.29 -24.90 31.92
N LEU H 52 -25.54 -24.23 31.06
CA LEU H 52 -25.46 -22.77 31.08
C LEU H 52 -26.73 -22.19 30.46
N LEU H 53 -27.48 -21.44 31.26
CA LEU H 53 -28.66 -20.74 30.79
C LEU H 53 -28.38 -19.27 30.48
N ILE H 54 -27.80 -18.54 31.43
CA ILE H 54 -27.55 -17.12 31.27
C ILE H 54 -26.08 -16.84 31.52
N TYR H 55 -25.48 -16.01 30.67
CA TYR H 55 -24.14 -15.51 30.90
C TYR H 55 -24.13 -13.99 30.73
N TRP H 56 -23.07 -13.36 31.24
CA TRP H 56 -22.97 -11.91 31.33
C TRP H 56 -24.15 -11.37 32.16
N ALA H 57 -24.47 -10.09 31.98
CA ALA H 57 -25.58 -9.50 32.72
C ALA H 57 -26.88 -10.20 32.37
N SER H 58 -27.34 -10.04 31.12
CA SER H 58 -28.55 -10.71 30.67
C SER H 58 -28.39 -11.18 29.22
N THR H 59 -27.75 -12.32 29.02
CA THR H 59 -27.62 -12.88 27.68
C THR H 59 -27.98 -14.35 27.72
N ARG H 60 -28.73 -14.80 26.72
CA ARG H 60 -29.21 -16.18 26.68
C ARG H 60 -28.26 -17.01 25.82
N GLN H 61 -27.86 -18.16 26.35
CA GLN H 61 -27.07 -19.10 25.59
C GLN H 61 -27.88 -19.63 24.41
N SER H 62 -27.19 -19.89 23.30
CA SER H 62 -27.86 -20.40 22.10
C SER H 62 -28.52 -21.73 22.40
N GLY H 63 -29.79 -21.85 21.98
CA GLY H 63 -30.57 -23.04 22.25
C GLY H 63 -31.38 -23.01 23.53
N VAL H 64 -31.16 -22.01 24.39
CA VAL H 64 -31.94 -21.88 25.62
C VAL H 64 -33.33 -21.36 25.28
N PRO H 65 -34.40 -21.90 25.86
CA PRO H 65 -35.74 -21.39 25.57
C PRO H 65 -35.88 -19.93 25.94
N ASP H 66 -36.71 -19.22 25.17
CA ASP H 66 -36.86 -17.78 25.34
C ASP H 66 -37.55 -17.39 26.65
N ARG H 67 -38.15 -18.35 27.36
CA ARG H 67 -38.84 -18.01 28.60
C ARG H 67 -37.87 -17.59 29.69
N PHE H 68 -36.69 -18.18 29.73
CA PHE H 68 -35.67 -17.80 30.70
C PHE H 68 -35.12 -16.43 30.37
N SER H 69 -34.95 -15.59 31.39
CA SER H 69 -34.41 -14.26 31.19
C SER H 69 -33.62 -13.84 32.42
N GLY H 70 -32.67 -12.93 32.21
CA GLY H 70 -31.89 -12.38 33.29
C GLY H 70 -32.05 -10.87 33.37
N SER H 71 -31.80 -10.33 34.56
CA SER H 71 -31.91 -8.89 34.76
C SER H 71 -31.09 -8.52 36.00
N GLY H 72 -31.01 -7.22 36.26
CA GLY H 72 -30.28 -6.71 37.40
C GLY H 72 -28.86 -6.33 37.05
N SER H 73 -28.20 -5.69 38.03
CA SER H 73 -26.86 -5.16 37.81
C SER H 73 -26.31 -4.64 39.13
N GLY H 74 -24.99 -4.49 39.17
CA GLY H 74 -24.32 -3.91 40.32
C GLY H 74 -24.11 -4.88 41.46
N THR H 75 -25.17 -5.16 42.19
CA THR H 75 -25.12 -6.08 43.33
C THR H 75 -26.26 -7.09 43.37
N ASP H 76 -27.39 -6.80 42.75
CA ASP H 76 -28.54 -7.71 42.73
C ASP H 76 -28.83 -8.13 41.30
N PHE H 77 -29.05 -9.44 41.10
CA PHE H 77 -29.40 -9.99 39.81
C PHE H 77 -30.62 -10.89 39.97
N THR H 78 -31.34 -11.09 38.88
CA THR H 78 -32.62 -11.77 38.92
C THR H 78 -32.73 -12.71 37.72
N LEU H 79 -33.15 -13.95 37.98
CA LEU H 79 -33.49 -14.91 36.94
C LEU H 79 -35.01 -15.09 36.94
N THR H 80 -35.60 -14.94 35.76
CA THR H 80 -37.05 -14.96 35.60
C THR H 80 -37.46 -16.00 34.59
N ILE H 81 -38.44 -16.82 34.96
CA ILE H 81 -39.06 -17.79 34.06
C ILE H 81 -40.46 -17.30 33.75
N SER H 82 -40.72 -17.02 32.47
CA SER H 82 -41.99 -16.43 32.08
C SER H 82 -43.17 -17.37 32.33
N SER H 83 -43.00 -18.65 32.02
CA SER H 83 -44.08 -19.63 32.20
C SER H 83 -43.43 -20.96 32.56
N LEU H 84 -43.47 -21.32 33.84
CA LEU H 84 -42.88 -22.56 34.30
C LEU H 84 -43.59 -23.75 33.67
N GLN H 85 -42.80 -24.71 33.20
CA GLN H 85 -43.30 -25.92 32.57
C GLN H 85 -42.79 -27.15 33.33
N ALA H 86 -43.24 -28.32 32.89
CA ALA H 86 -42.85 -29.56 33.56
C ALA H 86 -41.36 -29.82 33.45
N GLU H 87 -40.78 -29.55 32.27
CA GLU H 87 -39.36 -29.81 32.05
C GLU H 87 -38.45 -28.81 32.77
N ASP H 88 -39.01 -27.74 33.33
CA ASP H 88 -38.22 -26.72 34.01
C ASP H 88 -38.01 -27.01 35.49
N VAL H 89 -38.43 -28.17 35.97
CA VAL H 89 -38.22 -28.55 37.36
C VAL H 89 -36.76 -28.93 37.54
N ALA H 90 -35.97 -28.01 38.09
CA ALA H 90 -34.54 -28.22 38.22
C ALA H 90 -34.01 -27.29 39.32
N VAL H 91 -32.76 -27.53 39.72
CA VAL H 91 -32.08 -26.72 40.71
C VAL H 91 -31.29 -25.64 39.97
N TYR H 92 -31.49 -24.39 40.35
CA TYR H 92 -30.89 -23.25 39.65
C TYR H 92 -29.79 -22.64 40.49
N TYR H 93 -28.64 -22.39 39.87
CA TYR H 93 -27.48 -21.83 40.54
C TYR H 93 -27.05 -20.53 39.86
N CYS H 94 -26.58 -19.57 40.66
CA CYS H 94 -26.06 -18.34 40.10
C CYS H 94 -24.58 -18.33 40.41
N GLN H 95 -23.76 -18.22 39.39
CA GLN H 95 -22.35 -18.27 39.61
C GLN H 95 -21.70 -17.05 39.14
N GLN H 96 -20.53 -16.81 39.69
CA GLN H 96 -19.77 -15.66 39.23
C GLN H 96 -18.40 -16.04 38.70
N TYR H 97 -17.87 -15.24 37.78
CA TYR H 97 -16.54 -15.49 37.25
C TYR H 97 -15.76 -14.20 37.06
N HIS H 98 -16.13 -13.14 37.80
CA HIS H 98 -15.39 -11.89 37.73
C HIS H 98 -13.98 -12.06 38.26
N THR H 99 -13.82 -12.81 39.35
CA THR H 99 -12.51 -13.05 39.93
C THR H 99 -12.51 -14.40 40.63
N THR H 100 -11.38 -15.10 40.56
CA THR H 100 -11.25 -16.38 41.23
C THR H 100 -11.22 -16.17 42.74
N PRO H 101 -11.74 -17.14 43.51
CA PRO H 101 -12.37 -18.41 43.09
C PRO H 101 -13.78 -18.22 42.53
N LEU H 102 -14.24 -19.15 41.70
CA LEU H 102 -15.58 -19.08 41.12
C LEU H 102 -16.56 -19.63 42.15
N THR H 103 -17.27 -18.72 42.83
CA THR H 103 -18.18 -19.11 43.91
C THR H 103 -19.59 -19.28 43.35
N PHE H 104 -20.11 -20.50 43.41
CA PHE H 104 -21.48 -20.77 42.99
C PHE H 104 -22.45 -20.36 44.10
N GLY H 105 -23.71 -20.21 43.71
CA GLY H 105 -24.74 -19.87 44.68
C GLY H 105 -25.18 -21.06 45.51
N GLY H 106 -26.04 -20.76 46.49
CA GLY H 106 -26.54 -21.82 47.36
C GLY H 106 -27.41 -22.83 46.63
N GLY H 107 -28.17 -22.37 45.64
CA GLY H 107 -29.01 -23.27 44.87
C GLY H 107 -30.48 -23.14 45.22
N THR H 108 -31.33 -22.96 44.22
CA THR H 108 -32.77 -22.83 44.40
C THR H 108 -33.47 -23.95 43.64
N LYS H 109 -34.33 -24.67 44.34
CA LYS H 109 -35.09 -25.77 43.76
C LYS H 109 -36.49 -25.29 43.40
N VAL H 110 -36.92 -25.58 42.18
CA VAL H 110 -38.21 -25.16 41.65
C VAL H 110 -39.11 -26.38 41.55
N ASP H 111 -40.30 -26.29 42.15
CA ASP H 111 -41.26 -27.38 42.15
C ASP H 111 -42.61 -26.87 41.67
N ILE H 112 -43.43 -27.79 41.18
CA ILE H 112 -44.76 -27.49 40.67
C ILE H 112 -45.78 -27.78 41.76
N LYS H 113 -46.68 -26.82 42.00
CA LYS H 113 -47.72 -26.97 43.01
C LYS H 113 -48.68 -28.09 42.66
N GLN I 1 -23.34 33.81 1.63
CA GLN I 1 -23.26 34.55 2.89
C GLN I 1 -24.00 33.81 4.01
N VAL I 2 -23.30 33.54 5.09
CA VAL I 2 -23.87 32.81 6.22
C VAL I 2 -24.79 33.74 6.99
N GLN I 3 -26.06 33.38 7.10
CA GLN I 3 -27.02 34.28 7.73
C GLN I 3 -28.22 33.49 8.23
N LEU I 4 -28.93 34.10 9.18
CA LEU I 4 -30.18 33.58 9.72
C LEU I 4 -31.24 34.66 9.58
N VAL I 5 -32.42 34.27 9.10
CA VAL I 5 -33.52 35.20 8.88
C VAL I 5 -34.72 34.73 9.70
N GLN I 6 -35.27 35.61 10.51
CA GLN I 6 -36.36 35.29 11.40
C GLN I 6 -37.66 35.92 10.92
N SER I 7 -38.77 35.37 11.41
CA SER I 7 -40.08 35.88 11.05
C SER I 7 -40.34 37.22 11.74
N GLY I 8 -41.39 37.89 11.28
CA GLY I 8 -41.73 39.20 11.81
C GLY I 8 -42.28 39.15 13.23
N GLY I 9 -42.37 40.32 13.83
CA GLY I 9 -42.87 40.41 15.19
C GLY I 9 -44.34 40.05 15.28
N GLU I 10 -44.74 39.61 16.48
CA GLU I 10 -46.10 39.16 16.72
C GLU I 10 -46.65 39.81 17.99
N VAL I 11 -47.97 39.96 18.01
CA VAL I 11 -48.70 40.44 19.18
C VAL I 11 -49.65 39.33 19.62
N LYS I 12 -49.57 38.95 20.89
CA LYS I 12 -50.34 37.83 21.40
C LYS I 12 -51.00 38.23 22.72
N LYS I 13 -52.08 37.53 23.04
CA LYS I 13 -52.78 37.68 24.30
C LYS I 13 -52.29 36.66 25.31
N PRO I 14 -52.41 36.94 26.60
CA PRO I 14 -51.96 35.97 27.62
C PRO I 14 -52.69 34.65 27.49
N GLY I 15 -51.95 33.56 27.70
CA GLY I 15 -52.49 32.22 27.57
C GLY I 15 -52.40 31.63 26.18
N ALA I 16 -51.90 32.39 25.19
CA ALA I 16 -51.79 31.91 23.83
C ALA I 16 -50.41 31.28 23.60
N SER I 17 -50.12 30.94 22.36
CA SER I 17 -48.84 30.33 21.97
C SER I 17 -48.29 31.09 20.77
N VAL I 18 -46.96 31.13 20.69
CA VAL I 18 -46.27 31.87 19.64
C VAL I 18 -45.26 30.95 18.97
N LYS I 19 -45.19 31.02 17.63
CA LYS I 19 -44.27 30.25 16.81
C LYS I 19 -43.30 31.20 16.12
N VAL I 20 -42.01 30.99 16.30
CA VAL I 20 -40.96 31.83 15.72
C VAL I 20 -40.12 30.96 14.79
N SER I 21 -39.93 31.44 13.56
CA SER I 21 -39.17 30.73 12.54
C SER I 21 -37.79 31.34 12.36
N CYS I 22 -36.84 30.51 11.94
CA CYS I 22 -35.47 30.97 11.71
C CYS I 22 -34.90 30.13 10.57
N LYS I 23 -34.78 30.73 9.40
CA LYS I 23 -34.23 30.05 8.23
C LYS I 23 -32.75 30.35 8.08
N ALA I 24 -31.98 29.31 7.77
CA ALA I 24 -30.54 29.42 7.64
C ALA I 24 -30.13 29.46 6.17
N SER I 25 -29.12 30.27 5.86
CA SER I 25 -28.61 30.37 4.50
C SER I 25 -27.09 30.52 4.54
N GLY I 26 -26.45 30.09 3.46
CA GLY I 26 -25.02 30.24 3.31
C GLY I 26 -24.18 29.16 3.96
N TYR I 27 -24.79 28.17 4.58
CA TYR I 27 -24.04 27.09 5.21
C TYR I 27 -24.94 25.86 5.31
N THR I 28 -24.29 24.71 5.53
CA THR I 28 -25.03 23.45 5.66
C THR I 28 -25.80 23.46 6.98
N PHE I 29 -27.12 23.44 6.88
CA PHE I 29 -27.97 23.61 8.07
C PHE I 29 -27.83 22.46 9.05
N THR I 30 -27.66 21.24 8.55
CA THR I 30 -27.67 20.05 9.39
C THR I 30 -26.35 19.80 10.12
N TYR I 31 -25.30 20.59 9.85
CA TYR I 31 -24.01 20.39 10.49
C TYR I 31 -23.90 21.09 11.83
N TYR I 32 -24.83 21.98 12.17
CA TYR I 32 -24.74 22.78 13.37
C TYR I 32 -26.05 22.74 14.14
N GLY I 33 -25.98 23.06 15.43
CA GLY I 33 -27.17 23.26 16.23
C GLY I 33 -27.66 24.70 16.16
N ILE I 34 -28.81 24.92 16.80
CA ILE I 34 -29.42 26.24 16.86
C ILE I 34 -29.83 26.52 18.30
N SER I 35 -29.37 27.62 18.85
CA SER I 35 -29.76 28.07 20.18
C SER I 35 -30.73 29.23 20.07
N TRP I 36 -31.63 29.32 21.04
CA TRP I 36 -32.63 30.39 21.09
C TRP I 36 -32.37 31.23 22.33
N VAL I 37 -32.23 32.54 22.14
CA VAL I 37 -31.89 33.47 23.21
C VAL I 37 -32.98 34.54 23.29
N ARG I 38 -33.47 34.80 24.50
CA ARG I 38 -34.50 35.79 24.74
C ARG I 38 -33.90 36.99 25.45
N GLN I 39 -34.32 38.19 25.02
CA GLN I 39 -33.86 39.43 25.62
C GLN I 39 -35.06 40.31 25.92
N ALA I 40 -35.32 40.54 27.21
CA ALA I 40 -36.36 41.43 27.65
C ALA I 40 -35.94 42.88 27.46
N PRO I 41 -36.89 43.81 27.35
CA PRO I 41 -36.53 45.22 27.21
C PRO I 41 -35.75 45.72 28.41
N GLY I 42 -34.58 46.29 28.14
CA GLY I 42 -33.72 46.77 29.21
C GLY I 42 -33.15 45.67 30.09
N GLN I 43 -32.85 44.51 29.52
CA GLN I 43 -32.33 43.38 30.28
C GLN I 43 -31.35 42.60 29.41
N GLY I 44 -30.54 41.77 30.07
CA GLY I 44 -29.53 41.00 29.37
C GLY I 44 -30.10 39.80 28.64
N LEU I 45 -29.22 39.12 27.91
CA LEU I 45 -29.62 37.94 27.15
C LEU I 45 -29.96 36.79 28.09
N GLU I 46 -31.00 36.03 27.72
CA GLU I 46 -31.41 34.86 28.48
C GLU I 46 -31.45 33.67 27.52
N TRP I 47 -30.74 32.60 27.87
CA TRP I 47 -30.70 31.40 27.05
C TRP I 47 -31.93 30.53 27.31
N MET I 48 -32.59 30.08 26.24
CA MET I 48 -33.81 29.29 26.37
C MET I 48 -33.62 27.82 26.03
N GLY I 49 -32.89 27.50 24.97
CA GLY I 49 -32.68 26.11 24.62
C GLY I 49 -31.82 25.98 23.38
N TRP I 50 -31.49 24.73 23.07
CA TRP I 50 -30.64 24.39 21.93
C TRP I 50 -31.15 23.12 21.29
N ILE I 51 -31.33 23.14 19.97
CA ILE I 51 -31.80 21.99 19.21
C ILE I 51 -30.76 21.64 18.16
N SER I 52 -30.41 20.36 18.08
CA SER I 52 -29.46 19.89 17.07
C SER I 52 -30.20 19.69 15.75
N ALA I 53 -29.67 20.28 14.68
CA ALA I 53 -30.27 20.11 13.36
C ALA I 53 -29.84 18.83 12.67
N TYR I 54 -28.97 18.04 13.30
CA TYR I 54 -28.53 16.78 12.71
C TYR I 54 -29.46 15.64 13.04
N ASN I 55 -29.81 15.47 14.31
CA ASN I 55 -30.68 14.38 14.74
C ASN I 55 -31.89 14.83 15.55
N GLY I 56 -32.06 16.13 15.76
CA GLY I 56 -33.21 16.63 16.49
C GLY I 56 -33.08 16.61 18.00
N ASN I 57 -31.89 16.34 18.53
CA ASN I 57 -31.71 16.36 19.98
C ASN I 57 -31.96 17.76 20.52
N THR I 58 -32.67 17.83 21.65
CA THR I 58 -33.05 19.10 22.25
C THR I 58 -32.59 19.16 23.70
N ASN I 59 -32.17 20.35 24.11
CA ASN I 59 -31.76 20.64 25.48
C ASN I 59 -32.39 21.97 25.86
N TYR I 60 -33.34 21.93 26.79
CA TYR I 60 -34.09 23.10 27.19
C TYR I 60 -33.59 23.65 28.52
N GLU I 61 -33.86 24.93 28.74
CA GLU I 61 -33.59 25.55 30.03
C GLU I 61 -34.51 24.97 31.10
N GLN I 62 -33.98 24.88 32.32
CA GLN I 62 -34.77 24.32 33.42
C GLN I 62 -36.04 25.14 33.66
N LYS I 63 -35.95 26.46 33.54
CA LYS I 63 -37.12 27.31 33.75
C LYS I 63 -38.17 27.09 32.67
N PHE I 64 -37.76 26.74 31.45
CA PHE I 64 -38.66 26.58 30.33
C PHE I 64 -39.00 25.12 30.05
N GLN I 65 -38.62 24.20 30.94
CA GLN I 65 -38.89 22.79 30.71
C GLN I 65 -40.39 22.52 30.66
N GLY I 66 -40.82 21.82 29.62
CA GLY I 66 -42.22 21.47 29.45
C GLY I 66 -43.07 22.58 28.86
N ARG I 67 -42.48 23.73 28.58
CA ARG I 67 -43.24 24.88 28.12
C ARG I 67 -42.85 25.33 26.71
N VAL I 68 -41.63 25.01 26.27
CA VAL I 68 -41.12 25.44 24.97
C VAL I 68 -40.78 24.20 24.15
N THR I 69 -41.07 24.25 22.85
CA THR I 69 -40.80 23.13 21.94
C THR I 69 -40.04 23.65 20.73
N MET I 70 -38.92 23.01 20.41
CA MET I 70 -38.10 23.36 19.25
C MET I 70 -38.11 22.22 18.25
N THR I 71 -38.30 22.56 16.98
CA THR I 71 -38.35 21.60 15.89
C THR I 71 -37.43 22.05 14.76
N THR I 72 -36.98 21.09 13.96
CA THR I 72 -36.08 21.33 12.85
C THR I 72 -36.68 20.76 11.59
N ASP I 73 -36.71 21.56 10.51
CA ASP I 73 -37.18 21.12 9.20
C ASP I 73 -35.97 21.16 8.26
N THR I 74 -35.40 19.99 8.00
CA THR I 74 -34.21 19.91 7.15
C THR I 74 -34.53 20.14 5.67
N SER I 75 -35.77 19.93 5.26
CA SER I 75 -36.14 20.17 3.87
C SER I 75 -36.01 21.65 3.52
N THR I 76 -36.57 22.52 4.36
CA THR I 76 -36.44 23.96 4.19
C THR I 76 -35.30 24.55 5.00
N GLY I 77 -34.63 23.74 5.82
CA GLY I 77 -33.53 24.22 6.63
C GLY I 77 -33.96 25.30 7.62
N THR I 78 -35.05 25.06 8.33
CA THR I 78 -35.66 26.07 9.19
C THR I 78 -35.83 25.53 10.59
N ALA I 79 -35.43 26.32 11.59
CA ALA I 79 -35.68 25.98 12.99
C ALA I 79 -36.92 26.73 13.47
N TYR I 80 -37.78 26.03 14.20
CA TYR I 80 -39.00 26.61 14.74
C TYR I 80 -38.98 26.48 16.26
N MET I 81 -39.36 27.57 16.93
CA MET I 81 -39.40 27.55 18.39
C MET I 81 -40.78 27.99 18.82
N GLU I 82 -41.47 27.14 19.57
CA GLU I 82 -42.82 27.47 20.00
C GLU I 82 -42.91 27.63 21.49
N LEU I 83 -43.71 28.61 21.93
CA LEU I 83 -43.86 28.85 23.35
C LEU I 83 -45.34 28.91 23.71
N ARG I 84 -45.70 28.32 24.84
CA ARG I 84 -47.08 28.20 25.27
C ARG I 84 -47.27 28.92 26.61
N SER I 85 -48.53 29.23 26.91
CA SER I 85 -48.91 29.90 28.16
C SER I 85 -48.16 31.23 28.33
N LEU I 86 -48.29 32.08 27.32
CA LEU I 86 -47.61 33.37 27.34
C LEU I 86 -48.19 34.26 28.43
N THR I 87 -47.32 35.04 29.06
CA THR I 87 -47.72 36.00 30.09
C THR I 87 -47.10 37.36 29.78
N SER I 88 -47.31 38.32 30.67
CA SER I 88 -46.76 39.65 30.50
C SER I 88 -45.24 39.67 30.63
N ASP I 89 -44.65 38.56 31.03
CA ASP I 89 -43.20 38.49 31.11
C ASP I 89 -42.59 37.92 29.85
N ASP I 90 -43.41 37.57 28.86
CA ASP I 90 -42.81 36.92 27.70
C ASP I 90 -42.41 37.94 26.68
N THR I 91 -43.11 39.07 26.64
CA THR I 91 -42.79 40.14 25.70
C THR I 91 -41.30 40.39 25.66
N ALA I 92 -40.66 40.05 24.54
CA ALA I 92 -39.21 40.23 24.44
C ALA I 92 -38.80 40.00 22.99
N VAL I 93 -37.50 40.13 22.73
CA VAL I 93 -36.92 39.89 21.42
C VAL I 93 -36.23 38.53 21.44
N TYR I 94 -36.56 37.68 20.49
CA TYR I 94 -36.01 36.32 20.40
C TYR I 94 -35.03 36.26 19.24
N TYR I 95 -33.84 35.73 19.50
CA TYR I 95 -32.79 35.55 18.52
C TYR I 95 -32.48 34.08 18.36
N CYS I 96 -32.21 33.66 17.12
CA CYS I 96 -31.68 32.34 16.84
C CYS I 96 -30.20 32.47 16.51
N ALA I 97 -29.38 31.63 17.12
CA ALA I 97 -27.94 31.69 16.95
C ALA I 97 -27.41 30.33 16.54
N ARG I 98 -26.48 30.32 15.58
CA ARG I 98 -25.82 29.08 15.22
C ARG I 98 -24.92 28.62 16.36
N ASP I 99 -24.98 27.33 16.65
CA ASP I 99 -24.27 26.76 17.79
C ASP I 99 -23.25 25.73 17.31
N ARG I 100 -22.70 24.97 18.26
CA ARG I 100 -21.57 24.09 18.02
C ARG I 100 -21.81 23.11 16.88
N ILE I 101 -20.73 22.62 16.29
CA ILE I 101 -20.81 21.63 15.23
C ILE I 101 -21.13 20.27 15.84
N VAL I 102 -22.18 19.62 15.33
CA VAL I 102 -22.66 18.38 15.92
C VAL I 102 -22.26 17.15 15.11
N VAL I 103 -21.71 17.33 13.91
CA VAL I 103 -21.30 16.19 13.10
C VAL I 103 -19.91 15.69 13.42
N VAL I 104 -19.10 16.49 14.12
CA VAL I 104 -17.75 16.11 14.51
C VAL I 104 -17.66 16.19 16.03
N THR I 105 -17.19 15.11 16.65
CA THR I 105 -17.04 15.09 18.09
C THR I 105 -15.85 15.95 18.52
N ALA I 106 -16.05 16.73 19.58
CA ALA I 106 -15.03 17.65 20.09
C ALA I 106 -14.53 18.59 19.00
N ALA I 107 -15.46 19.10 18.20
CA ALA I 107 -15.13 20.04 17.14
C ALA I 107 -14.87 21.42 17.73
N ASN I 108 -14.29 22.30 16.91
CA ASN I 108 -13.93 23.65 17.37
C ASN I 108 -15.12 24.50 17.78
N TYR I 109 -15.18 24.86 19.06
CA TYR I 109 -16.29 25.65 19.56
C TYR I 109 -15.93 27.12 19.65
N TYR I 110 -16.46 27.92 18.73
CA TYR I 110 -16.19 29.35 18.74
C TYR I 110 -17.34 30.14 19.30
N GLY I 111 -18.32 29.45 19.89
CA GLY I 111 -19.47 30.12 20.46
C GLY I 111 -20.59 30.32 19.45
N LEU I 112 -21.46 31.28 19.75
CA LEU I 112 -22.58 31.65 18.88
C LEU I 112 -22.09 32.70 17.88
N ASP I 113 -21.53 32.22 16.78
CA ASP I 113 -20.88 33.11 15.82
C ASP I 113 -21.84 33.74 14.83
N VAL I 114 -23.00 33.13 14.58
CA VAL I 114 -23.99 33.65 13.65
C VAL I 114 -25.29 33.86 14.39
N TRP I 115 -25.89 35.03 14.24
CA TRP I 115 -27.10 35.40 14.95
C TRP I 115 -28.18 35.84 13.97
N GLY I 116 -29.44 35.61 14.36
CA GLY I 116 -30.55 36.08 13.58
C GLY I 116 -30.88 37.54 13.85
N GLN I 117 -31.66 38.13 12.95
CA GLN I 117 -31.98 39.55 13.07
C GLN I 117 -32.87 39.84 14.28
N GLY I 118 -33.64 38.86 14.74
CA GLY I 118 -34.47 39.04 15.92
C GLY I 118 -35.94 39.23 15.62
N THR I 119 -36.79 38.57 16.41
CA THR I 119 -38.23 38.68 16.29
C THR I 119 -38.81 39.19 17.60
N THR I 120 -39.57 40.28 17.52
CA THR I 120 -40.16 40.88 18.72
C THR I 120 -41.55 40.30 18.96
N VAL I 121 -41.80 39.85 20.18
CA VAL I 121 -43.08 39.29 20.58
C VAL I 121 -43.61 40.12 21.73
N THR I 122 -44.80 40.69 21.55
CA THR I 122 -45.43 41.54 22.55
C THR I 122 -46.68 40.86 23.07
N VAL I 123 -46.76 40.67 24.38
CA VAL I 123 -47.91 40.04 25.02
C VAL I 123 -48.64 41.12 25.81
N SER I 124 -49.81 41.53 25.30
CA SER I 124 -50.60 42.57 25.93
C SER I 124 -52.04 42.45 25.47
N SER I 125 -52.94 43.10 26.20
CA SER I 125 -54.35 43.09 25.84
C SER I 125 -54.69 44.27 24.92
N ASP J 1 -25.02 25.56 37.93
CA ASP J 1 -24.84 26.52 36.85
C ASP J 1 -23.64 27.44 37.13
N ILE J 2 -23.15 28.09 36.08
CA ILE J 2 -22.01 28.99 36.18
C ILE J 2 -22.52 30.40 35.93
N GLN J 3 -22.63 31.18 37.00
CA GLN J 3 -23.07 32.56 36.90
C GLN J 3 -21.88 33.46 36.56
N LEU J 4 -22.12 34.43 35.68
CA LEU J 4 -21.08 35.36 35.25
C LEU J 4 -21.43 36.76 35.71
N THR J 5 -20.43 37.48 36.23
CA THR J 5 -20.60 38.84 36.71
C THR J 5 -19.64 39.75 35.97
N GLN J 6 -20.12 40.93 35.60
CA GLN J 6 -19.33 41.90 34.86
C GLN J 6 -19.08 43.14 35.70
N SER J 7 -17.96 43.80 35.43
CA SER J 7 -17.59 45.01 36.13
C SER J 7 -16.83 45.95 35.20
N PRO J 8 -17.19 47.24 35.16
CA PRO J 8 -18.31 47.87 35.88
C PRO J 8 -19.63 47.68 35.14
N ASP J 9 -20.76 47.96 35.78
CA ASP J 9 -22.05 47.87 35.09
C ASP J 9 -22.14 48.91 33.97
N SER J 10 -21.64 50.12 34.22
CA SER J 10 -21.59 51.17 33.23
C SER J 10 -20.17 51.71 33.13
N LEU J 11 -19.75 52.03 31.91
CA LEU J 11 -18.39 52.50 31.64
C LEU J 11 -18.45 53.77 30.80
N ALA J 12 -17.65 54.76 31.20
CA ALA J 12 -17.53 56.02 30.46
C ALA J 12 -16.06 56.24 30.14
N VAL J 13 -15.72 56.23 28.86
CA VAL J 13 -14.35 56.36 28.40
C VAL J 13 -14.30 57.41 27.30
N SER J 14 -13.30 58.28 27.37
CA SER J 14 -13.10 59.29 26.34
C SER J 14 -12.59 58.66 25.04
N LEU J 15 -12.70 59.41 23.96
CA LEU J 15 -12.28 58.91 22.65
C LEU J 15 -10.78 58.63 22.64
N GLY J 16 -10.41 57.52 22.01
CA GLY J 16 -9.00 57.16 21.91
C GLY J 16 -8.36 56.69 23.18
N GLU J 17 -9.14 56.30 24.18
CA GLU J 17 -8.63 55.86 25.47
C GLU J 17 -8.98 54.40 25.71
N ARG J 18 -8.11 53.73 26.46
CA ARG J 18 -8.29 52.31 26.74
C ARG J 18 -9.52 52.08 27.61
N ALA J 19 -10.28 51.03 27.28
CA ALA J 19 -11.46 50.63 28.05
C ALA J 19 -11.29 49.18 28.50
N THR J 20 -11.68 48.91 29.74
CA THR J 20 -11.49 47.59 30.34
C THR J 20 -12.78 47.10 30.96
N ILE J 21 -13.15 45.85 30.65
CA ILE J 21 -14.30 45.19 31.24
C ILE J 21 -13.85 43.87 31.82
N ASN J 22 -14.25 43.58 33.07
CA ASN J 22 -13.86 42.36 33.76
C ASN J 22 -15.06 41.43 33.88
N CYS J 23 -14.84 40.15 33.57
CA CYS J 23 -15.87 39.13 33.67
C CYS J 23 -15.36 38.00 34.56
N LYS J 24 -16.14 37.65 35.58
CA LYS J 24 -15.76 36.63 36.53
C LYS J 24 -16.86 35.57 36.61
N SER J 25 -16.45 34.30 36.67
CA SER J 25 -17.37 33.17 36.70
C SER J 25 -17.27 32.45 38.03
N SER J 26 -18.40 31.91 38.49
CA SER J 26 -18.43 31.15 39.73
C SER J 26 -17.66 29.83 39.61
N GLN J 27 -17.49 29.31 38.39
CA GLN J 27 -16.76 28.07 38.17
C GLN J 27 -15.82 28.26 36.98
N SER J 28 -14.78 27.44 36.94
CA SER J 28 -13.83 27.49 35.84
C SER J 28 -14.50 27.07 34.54
N VAL J 29 -14.17 27.78 33.46
CA VAL J 29 -14.74 27.51 32.15
C VAL J 29 -13.72 26.85 31.21
N LEU J 30 -12.61 26.37 31.76
CA LEU J 30 -11.59 25.73 30.95
C LEU J 30 -12.08 24.38 30.44
N TYR J 31 -11.94 24.15 29.13
CA TYR J 31 -12.30 22.88 28.52
C TYR J 31 -11.07 21.99 28.52
N ARG J 32 -11.04 21.04 29.44
CA ARG J 32 -9.85 20.21 29.66
C ARG J 32 -9.39 19.42 28.44
N PRO J 33 -10.26 18.78 27.64
CA PRO J 33 -9.75 17.98 26.52
C PRO J 33 -8.88 18.76 25.54
N ASN J 34 -9.17 20.04 25.31
CA ASN J 34 -8.38 20.86 24.39
C ASN J 34 -7.69 22.02 25.08
N ASN J 35 -7.83 22.16 26.40
CA ASN J 35 -7.17 23.23 27.17
C ASN J 35 -7.55 24.61 26.64
N LYS J 36 -8.86 24.84 26.52
CA LYS J 36 -9.39 26.10 26.03
C LYS J 36 -10.39 26.66 27.03
N ASN J 37 -10.36 27.97 27.23
CA ASN J 37 -11.29 28.66 28.11
C ASN J 37 -12.52 29.05 27.30
N PHE J 38 -13.64 28.36 27.52
CA PHE J 38 -14.84 28.56 26.72
C PHE J 38 -15.59 29.78 27.25
N LEU J 39 -15.08 30.95 26.87
CA LEU J 39 -15.72 32.22 27.18
C LEU J 39 -15.74 33.09 25.93
N ALA J 40 -16.82 33.83 25.74
CA ALA J 40 -17.00 34.65 24.55
C ALA J 40 -17.48 36.04 24.93
N TRP J 41 -17.04 37.02 24.15
CA TRP J 41 -17.40 38.42 24.32
C TRP J 41 -18.17 38.88 23.07
N TYR J 42 -19.36 39.42 23.30
CA TYR J 42 -20.23 39.94 22.26
C TYR J 42 -20.50 41.42 22.50
N GLN J 43 -20.83 42.14 21.43
CA GLN J 43 -21.28 43.52 21.51
C GLN J 43 -22.64 43.66 20.83
N GLN J 44 -23.48 44.50 21.44
CA GLN J 44 -24.82 44.70 20.91
C GLN J 44 -25.18 46.18 20.83
N LYS J 45 -25.79 46.58 19.73
CA LYS J 45 -26.20 47.95 19.49
C LYS J 45 -27.72 48.04 19.43
N PRO J 46 -28.30 49.21 19.68
CA PRO J 46 -29.77 49.34 19.64
C PRO J 46 -30.33 48.90 18.30
N GLY J 47 -31.30 47.99 18.35
CA GLY J 47 -31.93 47.48 17.15
C GLY J 47 -31.14 46.45 16.40
N GLN J 48 -30.08 45.90 16.99
CA GLN J 48 -29.23 44.92 16.33
C GLN J 48 -28.98 43.74 17.24
N PRO J 49 -28.76 42.56 16.67
CA PRO J 49 -28.43 41.38 17.49
C PRO J 49 -26.99 41.45 17.96
N PRO J 50 -26.63 40.68 19.00
CA PRO J 50 -25.23 40.64 19.42
C PRO J 50 -24.34 40.09 18.32
N LYS J 51 -23.11 40.61 18.27
CA LYS J 51 -22.10 40.16 17.33
C LYS J 51 -20.91 39.58 18.09
N LEU J 52 -20.37 38.48 17.59
CA LEU J 52 -19.29 37.80 18.27
C LEU J 52 -17.98 38.57 18.06
N LEU J 53 -17.40 39.04 19.15
CA LEU J 53 -16.10 39.72 19.10
C LEU J 53 -14.96 38.78 19.49
N ILE J 54 -15.06 38.12 20.64
CA ILE J 54 -14.00 37.26 21.14
C ILE J 54 -14.56 35.89 21.42
N TYR J 55 -13.83 34.86 21.02
CA TYR J 55 -14.17 33.49 21.40
C TYR J 55 -12.91 32.80 21.94
N TRP J 56 -13.13 31.69 22.64
CA TRP J 56 -12.08 30.99 23.37
C TRP J 56 -11.48 31.94 24.41
N ALA J 57 -10.26 31.66 24.86
CA ALA J 57 -9.61 32.51 25.83
C ALA J 57 -9.39 33.92 25.27
N SER J 58 -8.53 34.03 24.25
CA SER J 58 -8.30 35.31 23.60
C SER J 58 -8.11 35.11 22.09
N THR J 59 -9.21 35.00 21.35
CA THR J 59 -9.13 34.88 19.90
C THR J 59 -10.14 35.83 19.29
N ARG J 60 -9.71 36.52 18.23
CA ARG J 60 -10.54 37.52 17.57
C ARG J 60 -11.27 36.90 16.38
N GLN J 61 -12.58 37.13 16.32
CA GLN J 61 -13.35 36.69 15.15
C GLN J 61 -12.88 37.42 13.91
N SER J 62 -12.92 36.73 12.78
CA SER J 62 -12.50 37.33 11.51
C SER J 62 -13.36 38.54 11.19
N GLY J 63 -12.70 39.64 10.83
CA GLY J 63 -13.38 40.89 10.55
C GLY J 63 -13.52 41.81 11.74
N VAL J 64 -13.21 41.35 12.95
CA VAL J 64 -13.28 42.20 14.13
C VAL J 64 -12.09 43.16 14.13
N PRO J 65 -12.27 44.43 14.46
CA PRO J 65 -11.13 45.36 14.49
C PRO J 65 -10.09 44.91 15.50
N ASP J 66 -8.83 45.21 15.19
CA ASP J 66 -7.71 44.77 16.00
C ASP J 66 -7.65 45.43 17.36
N ARG J 67 -8.41 46.50 17.58
CA ARG J 67 -8.36 47.20 18.88
C ARG J 67 -8.95 46.35 19.99
N PHE J 68 -9.98 45.55 19.70
CA PHE J 68 -10.55 44.66 20.69
C PHE J 68 -9.59 43.53 21.01
N SER J 69 -9.47 43.20 22.29
CA SER J 69 -8.59 42.11 22.70
C SER J 69 -9.15 41.44 23.94
N GLY J 70 -8.79 40.18 24.13
CA GLY J 70 -9.19 39.45 25.31
C GLY J 70 -7.97 38.95 26.08
N SER J 71 -8.16 38.72 27.37
CA SER J 71 -7.09 38.23 28.22
C SER J 71 -7.69 37.57 29.45
N GLY J 72 -6.83 36.99 30.27
CA GLY J 72 -7.26 36.32 31.48
C GLY J 72 -7.47 34.83 31.29
N SER J 73 -7.70 34.14 32.41
CA SER J 73 -7.80 32.69 32.41
C SER J 73 -8.22 32.21 33.79
N GLY J 74 -8.72 30.98 33.83
CA GLY J 74 -9.07 30.35 35.08
C GLY J 74 -10.41 30.78 35.64
N THR J 75 -10.45 31.97 36.22
CA THR J 75 -11.67 32.51 36.81
C THR J 75 -11.96 33.96 36.42
N ASP J 76 -10.95 34.74 36.05
CA ASP J 76 -11.12 36.14 35.68
C ASP J 76 -10.70 36.33 34.23
N PHE J 77 -11.53 37.04 33.46
CA PHE J 77 -11.25 37.36 32.08
C PHE J 77 -11.46 38.86 31.86
N THR J 78 -10.81 39.38 30.84
CA THR J 78 -10.78 40.83 30.61
C THR J 78 -10.95 41.12 29.13
N LEU J 79 -11.83 42.06 28.80
CA LEU J 79 -11.98 42.59 27.46
C LEU J 79 -11.41 44.01 27.44
N THR J 80 -10.52 44.27 26.48
CA THR J 80 -9.80 45.53 26.41
C THR J 80 -9.99 46.16 25.05
N ILE J 81 -10.35 47.45 25.04
CA ILE J 81 -10.44 48.25 23.83
C ILE J 81 -9.26 49.23 23.85
N SER J 82 -8.39 49.11 22.85
CA SER J 82 -7.17 49.92 22.83
C SER J 82 -7.47 51.41 22.68
N SER J 83 -8.41 51.75 21.80
CA SER J 83 -8.75 53.15 21.57
C SER J 83 -10.25 53.21 21.24
N LEU J 84 -11.04 53.64 22.22
CA LEU J 84 -12.48 53.72 22.02
C LEU J 84 -12.82 54.74 20.95
N GLN J 85 -13.74 54.37 20.06
CA GLN J 85 -14.17 55.23 18.97
C GLN J 85 -15.69 55.43 19.06
N ALA J 86 -16.21 56.26 18.15
CA ALA J 86 -17.64 56.56 18.16
C ALA J 86 -18.47 55.31 17.86
N GLU J 87 -18.02 54.48 16.93
CA GLU J 87 -18.78 53.30 16.54
C GLU J 87 -18.73 52.19 17.59
N ASP J 88 -17.89 52.33 18.62
CA ASP J 88 -17.75 51.31 19.64
C ASP J 88 -18.70 51.50 20.81
N VAL J 89 -19.61 52.46 20.73
CA VAL J 89 -20.61 52.69 21.77
C VAL J 89 -21.64 51.58 21.69
N ALA J 90 -21.53 50.58 22.56
CA ALA J 90 -22.40 49.42 22.53
C ALA J 90 -22.39 48.76 23.89
N VAL J 91 -23.33 47.82 24.08
CA VAL J 91 -23.42 47.04 25.30
C VAL J 91 -22.64 45.75 25.11
N TYR J 92 -21.72 45.46 26.03
CA TYR J 92 -20.83 44.32 25.90
C TYR J 92 -21.21 43.23 26.89
N TYR J 93 -21.27 42.00 26.41
CA TYR J 93 -21.66 40.85 27.20
C TYR J 93 -20.57 39.79 27.17
N CYS J 94 -20.40 39.10 28.29
CA CYS J 94 -19.54 37.92 28.38
C CYS J 94 -20.42 36.72 28.68
N GLN J 95 -20.18 35.63 27.96
CA GLN J 95 -20.96 34.42 28.16
C GLN J 95 -20.10 33.18 28.07
N GLN J 96 -20.46 32.15 28.82
CA GLN J 96 -19.69 30.91 28.87
C GLN J 96 -20.47 29.80 28.17
N TYR J 97 -19.77 29.03 27.34
CA TYR J 97 -20.35 27.86 26.69
C TYR J 97 -19.62 26.59 27.08
N HIS J 98 -18.94 26.60 28.24
CA HIS J 98 -18.29 25.39 28.72
C HIS J 98 -19.29 24.30 29.05
N THR J 99 -20.41 24.67 29.67
CA THR J 99 -21.45 23.71 30.00
C THR J 99 -22.80 24.41 30.01
N THR J 100 -23.82 23.69 29.56
CA THR J 100 -25.18 24.24 29.56
C THR J 100 -25.68 24.40 31.00
N PRO J 101 -26.52 25.40 31.26
CA PRO J 101 -27.04 26.44 30.34
C PRO J 101 -26.00 27.50 29.99
N LEU J 102 -26.16 28.15 28.85
CA LEU J 102 -25.24 29.22 28.43
C LEU J 102 -25.65 30.51 29.14
N THR J 103 -24.92 30.87 30.19
CA THR J 103 -25.26 32.03 31.01
C THR J 103 -24.50 33.25 30.49
N PHE J 104 -25.23 34.24 30.02
CA PHE J 104 -24.64 35.50 29.59
C PHE J 104 -24.36 36.39 30.79
N GLY J 105 -23.49 37.38 30.58
CA GLY J 105 -23.16 38.30 31.64
C GLY J 105 -24.24 39.35 31.86
N GLY J 106 -24.03 40.16 32.90
CA GLY J 106 -24.99 41.21 33.20
C GLY J 106 -25.08 42.27 32.13
N GLY J 107 -23.95 42.58 31.50
CA GLY J 107 -23.92 43.58 30.44
C GLY J 107 -23.31 44.89 30.88
N THR J 108 -22.35 45.38 30.11
CA THR J 108 -21.66 46.63 30.39
C THR J 108 -21.89 47.61 29.24
N LYS J 109 -22.36 48.80 29.57
CA LYS J 109 -22.61 49.84 28.58
C LYS J 109 -21.44 50.82 28.55
N VAL J 110 -20.95 51.11 27.34
CA VAL J 110 -19.80 51.98 27.14
C VAL J 110 -20.29 53.29 26.53
N ASP J 111 -19.93 54.40 27.15
CA ASP J 111 -20.34 55.72 26.70
C ASP J 111 -19.12 56.62 26.57
N ILE J 112 -19.25 57.65 25.74
CA ILE J 112 -18.18 58.61 25.50
C ILE J 112 -18.40 59.83 26.38
N LYS J 113 -17.34 60.26 27.07
CA LYS J 113 -17.41 61.42 27.95
C LYS J 113 -17.70 62.70 27.16
N GLN K 1 36.38 6.52 17.99
CA GLN K 1 36.38 6.36 19.44
C GLN K 1 35.67 7.53 20.12
N VAL K 2 34.67 7.22 20.93
CA VAL K 2 33.89 8.24 21.62
C VAL K 2 34.71 8.79 22.78
N GLN K 3 34.97 10.10 22.76
CA GLN K 3 35.85 10.67 23.77
C GLN K 3 35.58 12.17 23.91
N LEU K 4 35.97 12.70 25.06
CA LEU K 4 35.91 14.13 25.35
C LEU K 4 37.30 14.59 25.78
N VAL K 5 37.75 15.70 25.22
CA VAL K 5 39.08 16.25 25.49
C VAL K 5 38.91 17.66 26.06
N GLN K 6 39.51 17.90 27.22
CA GLN K 6 39.38 19.17 27.90
C GLN K 6 40.67 19.97 27.82
N SER K 7 40.54 21.27 28.05
CA SER K 7 41.70 22.16 28.03
C SER K 7 42.58 21.94 29.25
N GLY K 8 43.77 22.50 29.21
CA GLY K 8 44.72 22.33 30.29
C GLY K 8 44.33 23.09 31.54
N GLY K 9 45.03 22.79 32.63
CA GLY K 9 44.76 23.43 33.89
C GLY K 9 45.11 24.90 33.87
N GLU K 10 44.45 25.65 34.75
CA GLU K 10 44.61 27.10 34.82
C GLU K 10 44.84 27.54 36.26
N VAL K 11 45.56 28.64 36.42
CA VAL K 11 45.77 29.29 37.70
C VAL K 11 45.16 30.68 37.62
N LYS K 12 44.28 31.00 38.56
CA LYS K 12 43.55 32.25 38.56
C LYS K 12 43.61 32.91 39.93
N LYS K 13 43.42 34.21 39.94
CA LYS K 13 43.33 35.00 41.16
C LYS K 13 41.86 35.18 41.57
N PRO K 14 41.59 35.39 42.85
CA PRO K 14 40.21 35.59 43.28
C PRO K 14 39.57 36.77 42.59
N GLY K 15 38.29 36.63 42.26
CA GLY K 15 37.55 37.65 41.54
C GLY K 15 37.64 37.57 40.03
N ALA K 16 38.41 36.63 39.49
CA ALA K 16 38.57 36.50 38.05
C ALA K 16 37.54 35.51 37.50
N SER K 17 37.67 35.17 36.22
CA SER K 17 36.78 34.24 35.55
C SER K 17 37.61 33.20 34.81
N VAL K 18 37.07 31.99 34.70
CA VAL K 18 37.77 30.87 34.08
C VAL K 18 36.87 30.25 33.01
N LYS K 19 37.47 29.93 31.85
CA LYS K 19 36.79 29.29 30.73
C LYS K 19 37.39 27.91 30.52
N VAL K 20 36.54 26.89 30.53
CA VAL K 20 36.96 25.50 30.34
C VAL K 20 36.30 24.96 29.09
N SER K 21 37.10 24.36 28.21
CA SER K 21 36.64 23.82 26.95
C SER K 21 36.56 22.30 27.01
N CYS K 22 35.64 21.74 26.21
CA CYS K 22 35.47 20.28 26.15
C CYS K 22 35.03 19.93 24.73
N LYS K 23 35.95 19.36 23.96
CA LYS K 23 35.66 18.97 22.59
C LYS K 23 35.28 17.50 22.53
N ALA K 24 34.25 17.20 21.74
CA ALA K 24 33.72 15.85 21.62
C ALA K 24 34.19 15.22 20.32
N SER K 25 34.49 13.92 20.36
CA SER K 25 34.90 13.18 19.19
C SER K 25 34.31 11.78 19.22
N GLY K 26 34.14 11.20 18.04
CA GLY K 26 33.66 9.84 17.91
C GLY K 26 32.15 9.67 17.95
N TYR K 27 31.40 10.76 18.09
CA TYR K 27 29.94 10.66 18.11
C TYR K 27 29.35 12.00 17.67
N THR K 28 28.06 11.96 17.32
CA THR K 28 27.37 13.16 16.90
C THR K 28 27.16 14.08 18.10
N PHE K 29 27.80 15.25 18.06
CA PHE K 29 27.83 16.13 19.23
C PHE K 29 26.45 16.68 19.57
N THR K 30 25.63 16.96 18.55
CA THR K 30 24.36 17.62 18.77
C THR K 30 23.24 16.69 19.24
N TYR K 31 23.49 15.38 19.30
CA TYR K 31 22.47 14.43 19.73
C TYR K 31 22.39 14.27 21.24
N TYR K 32 23.37 14.77 21.98
CA TYR K 32 23.43 14.56 23.42
C TYR K 32 23.68 15.89 24.12
N GLY K 33 23.36 15.91 25.42
CA GLY K 33 23.72 17.02 26.27
C GLY K 33 25.09 16.83 26.89
N ILE K 34 25.52 17.86 27.62
CA ILE K 34 26.81 17.86 28.30
C ILE K 34 26.60 18.36 29.72
N SER K 35 27.02 17.57 30.71
CA SER K 35 26.98 17.96 32.10
C SER K 35 28.38 18.31 32.58
N TRP K 36 28.45 19.25 33.52
CA TRP K 36 29.72 19.67 34.09
C TRP K 36 29.73 19.31 35.57
N VAL K 37 30.78 18.60 36.00
CA VAL K 37 30.89 18.08 37.36
C VAL K 37 32.18 18.61 37.97
N ARG K 38 32.10 19.14 39.18
CA ARG K 38 33.24 19.68 39.90
C ARG K 38 33.60 18.75 41.04
N GLN K 39 34.91 18.53 41.23
CA GLN K 39 35.42 17.71 42.31
C GLN K 39 36.53 18.45 43.03
N ALA K 40 36.27 18.81 44.29
CA ALA K 40 37.27 19.43 45.14
C ALA K 40 38.28 18.40 45.62
N PRO K 41 39.49 18.83 45.99
CA PRO K 41 40.48 17.88 46.50
C PRO K 41 40.00 17.20 47.76
N GLY K 42 40.02 15.86 47.73
CA GLY K 42 39.53 15.08 48.85
C GLY K 42 38.05 15.20 49.11
N GLN K 43 37.24 15.34 48.06
CA GLN K 43 35.81 15.48 48.20
C GLN K 43 35.12 14.80 47.02
N GLY K 44 33.82 14.56 47.19
CA GLY K 44 33.05 13.87 46.18
C GLY K 44 32.68 14.75 45.00
N LEU K 45 32.06 14.14 44.00
CA LEU K 45 31.65 14.85 42.81
C LEU K 45 30.51 15.82 43.13
N GLU K 46 30.55 17.00 42.50
CA GLU K 46 29.51 18.00 42.64
C GLU K 46 29.01 18.38 41.26
N TRP K 47 27.70 18.26 41.04
CA TRP K 47 27.09 18.60 39.76
C TRP K 47 26.88 20.10 39.65
N MET K 48 27.27 20.68 38.52
CA MET K 48 27.17 22.13 38.32
C MET K 48 26.07 22.53 37.34
N GLY K 49 25.94 21.83 36.22
CA GLY K 49 24.91 22.18 35.26
C GLY K 49 24.94 21.26 34.07
N TRP K 50 23.94 21.43 33.21
CA TRP K 50 23.77 20.62 32.01
C TRP K 50 23.28 21.51 30.87
N ILE K 51 23.95 21.43 29.72
CA ILE K 51 23.59 22.20 28.55
C ILE K 51 23.29 21.24 27.40
N SER K 52 22.16 21.45 26.74
CA SER K 52 21.79 20.65 25.58
C SER K 52 22.53 21.15 24.34
N ALA K 53 23.20 20.25 23.65
CA ALA K 53 23.92 20.60 22.43
C ALA K 53 23.01 20.66 21.21
N TYR K 54 21.73 20.33 21.36
CA TYR K 54 20.79 20.36 20.24
C TYR K 54 20.19 21.75 20.05
N ASN K 55 19.67 22.36 21.12
CA ASN K 55 19.05 23.66 21.03
C ASN K 55 19.61 24.69 22.01
N GLY K 56 20.62 24.32 22.81
CA GLY K 56 21.22 25.26 23.73
C GLY K 56 20.50 25.42 25.05
N ASN K 57 19.52 24.57 25.35
CA ASN K 57 18.84 24.66 26.64
C ASN K 57 19.81 24.38 27.77
N THR K 58 19.72 25.18 28.83
CA THR K 58 20.63 25.08 29.96
C THR K 58 19.85 24.90 31.26
N ASN K 59 20.41 24.10 32.16
CA ASN K 59 19.86 23.86 33.48
C ASN K 59 21.02 23.91 34.47
N TYR K 60 21.03 24.93 35.31
CA TYR K 60 22.13 25.16 36.23
C TYR K 60 21.76 24.73 37.65
N GLU K 61 22.78 24.46 38.44
CA GLU K 61 22.61 24.18 39.85
C GLU K 61 22.12 25.43 40.58
N GLN K 62 21.29 25.23 41.59
CA GLN K 62 20.74 26.36 42.36
C GLN K 62 21.85 27.18 42.99
N LYS K 63 22.90 26.51 43.49
CA LYS K 63 24.00 27.22 44.11
C LYS K 63 24.79 28.05 43.10
N PHE K 64 24.84 27.62 41.85
CA PHE K 64 25.60 28.29 40.81
C PHE K 64 24.74 29.17 39.91
N GLN K 65 23.48 29.38 40.27
CA GLN K 65 22.60 30.18 39.42
C GLN K 65 23.10 31.62 39.32
N GLY K 66 23.18 32.12 38.09
CA GLY K 66 23.64 33.48 37.85
C GLY K 66 25.14 33.65 37.87
N ARG K 67 25.89 32.58 38.13
CA ARG K 67 27.34 32.68 38.27
C ARG K 67 28.09 31.89 37.21
N VAL K 68 27.47 30.87 36.62
CA VAL K 68 28.12 30.01 35.64
C VAL K 68 27.35 30.10 34.32
N THR K 69 28.08 30.10 33.21
CA THR K 69 27.47 30.17 31.87
C THR K 69 28.03 29.06 31.01
N MET K 70 27.15 28.29 30.37
CA MET K 70 27.54 27.21 29.48
C MET K 70 27.09 27.53 28.07
N THR K 71 27.98 27.31 27.10
CA THR K 71 27.72 27.58 25.70
C THR K 71 28.13 26.37 24.87
N THR K 72 27.52 26.24 23.69
CA THR K 72 27.76 25.14 22.78
C THR K 72 28.12 25.70 21.41
N ASP K 73 29.21 25.19 20.84
CA ASP K 73 29.64 25.56 19.49
C ASP K 73 29.52 24.31 18.62
N THR K 74 28.46 24.26 17.82
CA THR K 74 28.20 23.08 16.98
C THR K 74 29.16 23.00 15.80
N SER K 75 29.75 24.13 15.38
CA SER K 75 30.70 24.09 14.27
C SER K 75 31.94 23.29 14.65
N THR K 76 32.51 23.57 15.80
CA THR K 76 33.65 22.81 16.31
C THR K 76 33.24 21.68 17.25
N GLY K 77 31.96 21.58 17.58
CA GLY K 77 31.47 20.55 18.48
C GLY K 77 32.09 20.64 19.85
N THR K 78 32.11 21.84 20.43
CA THR K 78 32.81 22.09 21.68
C THR K 78 31.86 22.73 22.69
N ALA K 79 31.87 22.23 23.91
CA ALA K 79 31.14 22.83 25.01
C ALA K 79 32.09 23.69 25.84
N TYR K 80 31.60 24.85 26.28
CA TYR K 80 32.44 25.75 27.07
C TYR K 80 31.85 26.07 28.43
N MET K 81 32.64 25.89 29.48
CA MET K 81 32.18 26.20 30.82
C MET K 81 32.84 27.48 31.29
N GLU K 82 32.04 28.42 31.79
CA GLU K 82 32.58 29.70 32.23
C GLU K 82 32.14 30.02 33.65
N LEU K 83 33.08 30.41 34.50
CA LEU K 83 32.74 30.70 35.89
C LEU K 83 33.32 32.04 36.29
N ARG K 84 32.53 32.82 37.03
CA ARG K 84 32.90 34.17 37.44
C ARG K 84 32.97 34.26 38.96
N SER K 85 33.67 35.30 39.42
CA SER K 85 33.84 35.58 40.85
C SER K 85 34.45 34.38 41.57
N LEU K 86 35.61 33.94 41.08
CA LEU K 86 36.29 32.80 41.66
C LEU K 86 36.79 33.13 43.06
N THR K 87 36.73 32.13 43.94
CA THR K 87 37.22 32.25 45.31
C THR K 87 38.12 31.07 45.63
N SER K 88 38.60 31.01 46.87
CA SER K 88 39.45 29.91 47.30
C SER K 88 38.71 28.58 47.37
N ASP K 89 37.38 28.59 47.28
CA ASP K 89 36.58 27.37 47.29
C ASP K 89 36.33 26.83 45.89
N ASP K 90 36.77 27.53 44.84
CA ASP K 90 36.52 27.13 43.47
C ASP K 90 37.69 26.41 42.82
N THR K 91 38.78 26.18 43.55
CA THR K 91 39.90 25.41 43.01
C THR K 91 39.57 23.93 43.09
N ALA K 92 39.48 23.28 41.93
CA ALA K 92 39.00 21.91 41.86
C ALA K 92 39.24 21.37 40.46
N VAL K 93 38.85 20.12 40.23
CA VAL K 93 38.96 19.49 38.93
C VAL K 93 37.57 19.44 38.30
N TYR K 94 37.46 19.94 37.07
CA TYR K 94 36.20 20.02 36.35
C TYR K 94 36.19 18.96 35.25
N TYR K 95 35.11 18.20 35.19
CA TYR K 95 34.92 17.16 34.18
C TYR K 95 33.69 17.49 33.35
N CYS K 96 33.77 17.21 32.06
CA CYS K 96 32.61 17.25 31.18
C CYS K 96 32.18 15.82 30.88
N ALA K 97 30.88 15.55 31.00
CA ALA K 97 30.34 14.22 30.81
C ALA K 97 29.21 14.26 29.80
N ARG K 98 29.18 13.28 28.92
CA ARG K 98 28.06 13.15 27.98
C ARG K 98 26.80 12.77 28.74
N ASP K 99 25.69 13.41 28.42
CA ASP K 99 24.44 13.23 29.14
C ASP K 99 23.38 12.68 28.19
N ARG K 100 22.12 12.70 28.66
CA ARG K 100 21.01 12.02 28.01
C ARG K 100 20.86 12.46 26.55
N ILE K 101 20.23 11.59 25.76
CA ILE K 101 19.94 11.90 24.36
C ILE K 101 18.77 12.87 24.29
N VAL K 102 18.96 13.99 23.60
CA VAL K 102 17.97 15.05 23.56
C VAL K 102 17.17 15.08 22.28
N VAL K 103 17.55 14.30 21.26
CA VAL K 103 16.83 14.29 20.00
C VAL K 103 15.66 13.32 20.00
N VAL K 104 15.62 12.38 20.95
CA VAL K 104 14.53 11.41 21.07
C VAL K 104 13.90 11.57 22.44
N THR K 105 12.59 11.72 22.48
CA THR K 105 11.89 11.86 23.75
C THR K 105 11.83 10.52 24.47
N ALA K 106 12.09 10.54 25.77
CA ALA K 106 12.12 9.34 26.60
C ALA K 106 13.09 8.30 26.05
N ALA K 107 14.24 8.77 25.61
CA ALA K 107 15.27 7.88 25.09
C ALA K 107 15.99 7.17 26.23
N ASN K 108 16.71 6.11 25.86
CA ASN K 108 17.45 5.34 26.85
C ASN K 108 18.65 6.17 27.25
N TYR K 109 18.88 6.26 28.55
CA TYR K 109 19.93 7.14 29.04
C TYR K 109 20.63 6.51 30.20
N TYR K 110 21.83 6.04 29.92
CA TYR K 110 22.49 5.11 30.79
C TYR K 110 23.29 5.91 31.78
N GLY K 111 22.91 7.19 31.98
CA GLY K 111 23.72 8.01 32.85
C GLY K 111 24.82 8.74 32.08
N LEU K 112 25.85 9.16 32.84
CA LEU K 112 27.00 9.84 32.28
C LEU K 112 28.02 8.78 31.85
N ASP K 113 27.86 8.29 30.62
CA ASP K 113 28.66 7.17 30.15
C ASP K 113 30.02 7.58 29.60
N VAL K 114 30.19 8.81 29.16
CA VAL K 114 31.45 9.30 28.61
C VAL K 114 31.88 10.51 29.43
N TRP K 115 33.15 10.50 29.85
CA TRP K 115 33.68 11.55 30.71
C TRP K 115 34.95 12.15 30.09
N GLY K 116 35.18 13.42 30.37
CA GLY K 116 36.40 14.07 29.94
C GLY K 116 37.56 13.78 30.87
N GLN K 117 38.77 14.07 30.38
CA GLN K 117 39.97 13.76 31.15
C GLN K 117 40.10 14.64 32.39
N GLY K 118 39.48 15.83 32.38
CA GLY K 118 39.51 16.69 33.55
C GLY K 118 40.46 17.87 33.44
N THR K 119 40.00 19.04 33.87
CA THR K 119 40.81 20.25 33.88
C THR K 119 40.91 20.77 35.29
N THR K 120 42.14 20.98 35.76
CA THR K 120 42.37 21.45 37.12
C THR K 120 42.46 22.98 37.13
N VAL K 121 41.69 23.60 38.02
CA VAL K 121 41.69 25.06 38.17
C VAL K 121 42.10 25.37 39.61
N THR K 122 43.17 26.15 39.76
CA THR K 122 43.69 26.52 41.06
C THR K 122 43.52 28.02 41.26
N VAL K 123 42.84 28.40 42.34
CA VAL K 123 42.62 29.80 42.67
C VAL K 123 43.46 30.13 43.89
N SER K 124 44.54 30.89 43.68
CA SER K 124 45.44 31.27 44.76
C SER K 124 46.21 32.51 44.35
N SER K 125 46.82 33.16 45.33
CA SER K 125 47.61 34.35 45.08
C SER K 125 49.07 33.99 44.82
N ASP L 1 15.24 17.88 46.55
CA ASP L 1 16.37 17.12 46.02
C ASP L 1 16.41 15.73 46.62
N ILE L 2 17.14 14.82 45.97
CA ILE L 2 17.27 13.44 46.41
C ILE L 2 18.72 13.26 46.86
N GLN L 3 18.93 13.20 48.18
CA GLN L 3 20.25 12.98 48.73
C GLN L 3 20.54 11.48 48.78
N LEU L 4 21.78 11.12 48.46
CA LEU L 4 22.22 9.74 48.46
C LEU L 4 23.27 9.53 49.53
N THR L 5 23.14 8.43 50.27
CA THR L 5 24.08 8.08 51.33
C THR L 5 24.66 6.70 51.04
N GLN L 6 25.96 6.56 51.28
CA GLN L 6 26.68 5.32 51.01
C GLN L 6 27.18 4.72 52.32
N SER L 7 27.28 3.39 52.33
CA SER L 7 27.76 2.66 53.50
C SER L 7 28.54 1.43 53.06
N PRO L 8 29.73 1.20 53.64
CA PRO L 8 30.43 2.04 54.60
C PRO L 8 31.21 3.17 53.93
N ASP L 9 31.66 4.16 54.68
CA ASP L 9 32.48 5.22 54.09
C ASP L 9 33.80 4.66 53.58
N SER L 10 34.41 3.74 54.33
CA SER L 10 35.64 3.08 53.92
C SER L 10 35.45 1.57 54.01
N LEU L 11 36.03 0.85 53.06
CA LEU L 11 35.88 -0.60 52.98
C LEU L 11 37.25 -1.23 52.82
N ALA L 12 37.49 -2.30 53.58
CA ALA L 12 38.73 -3.07 53.50
C ALA L 12 38.37 -4.53 53.24
N VAL L 13 38.75 -5.04 52.08
CA VAL L 13 38.42 -6.40 51.66
C VAL L 13 39.68 -7.09 51.17
N SER L 14 39.88 -8.34 51.58
CA SER L 14 41.02 -9.11 51.12
C SER L 14 40.84 -9.52 49.67
N LEU L 15 41.94 -9.94 49.05
CA LEU L 15 41.91 -10.31 47.64
C LEU L 15 41.02 -11.53 47.42
N GLY L 16 40.24 -11.49 46.35
CA GLY L 16 39.37 -12.60 46.02
C GLY L 16 38.15 -12.76 46.91
N GLU L 17 37.82 -11.69 47.63
CA GLU L 17 36.67 -11.71 48.52
C GLU L 17 35.60 -10.76 48.00
N ARG L 18 34.38 -10.94 48.48
CA ARG L 18 33.28 -10.09 48.03
C ARG L 18 33.37 -8.68 48.61
N ALA L 19 32.82 -7.70 47.89
CA ALA L 19 32.83 -6.32 48.37
C ALA L 19 31.44 -5.74 48.22
N THR L 20 30.82 -5.34 49.32
CA THR L 20 29.45 -4.86 49.25
C THR L 20 29.40 -3.38 49.63
N ILE L 21 28.71 -2.59 48.80
CA ILE L 21 28.48 -1.17 49.08
C ILE L 21 26.99 -0.91 48.97
N ASN L 22 26.43 -0.22 49.96
CA ASN L 22 25.00 0.08 49.99
C ASN L 22 24.77 1.56 49.73
N CYS L 23 23.80 1.87 48.86
CA CYS L 23 23.44 3.23 48.53
C CYS L 23 21.95 3.41 48.79
N LYS L 24 21.60 4.42 49.57
CA LYS L 24 20.21 4.70 49.93
C LYS L 24 19.86 6.14 49.56
N SER L 25 18.66 6.32 49.01
CA SER L 25 18.19 7.63 48.57
C SER L 25 17.01 8.07 49.42
N SER L 26 16.91 9.39 49.62
CA SER L 26 15.80 9.95 50.38
C SER L 26 14.48 9.81 49.64
N GLN L 27 14.51 9.68 48.31
CA GLN L 27 13.32 9.51 47.51
C GLN L 27 13.53 8.40 46.49
N SER L 28 12.43 7.82 46.03
CA SER L 28 12.51 6.76 45.03
C SER L 28 13.03 7.31 43.71
N VAL L 29 13.90 6.54 43.07
CA VAL L 29 14.52 6.92 41.81
C VAL L 29 13.93 6.14 40.63
N LEU L 30 12.81 5.46 40.84
CA LEU L 30 12.20 4.68 39.78
C LEU L 30 11.59 5.61 38.73
N TYR L 31 11.90 5.35 37.46
CA TYR L 31 11.34 6.12 36.35
C TYR L 31 10.08 5.41 35.88
N ARG L 32 8.92 5.95 36.26
CA ARG L 32 7.65 5.28 36.02
C ARG L 32 7.33 5.00 34.55
N PRO L 33 7.59 5.90 33.59
CA PRO L 33 7.20 5.60 32.20
C PRO L 33 7.83 4.33 31.64
N ASN L 34 9.06 4.00 32.05
CA ASN L 34 9.72 2.79 31.57
C ASN L 34 10.03 1.79 32.69
N ASN L 35 9.63 2.09 33.92
CA ASN L 35 9.83 1.18 35.06
C ASN L 35 11.31 0.84 35.24
N LYS L 36 12.14 1.87 35.30
CA LYS L 36 13.57 1.73 35.47
C LYS L 36 14.03 2.55 36.67
N ASN L 37 14.97 1.99 37.44
CA ASN L 37 15.55 2.69 38.59
C ASN L 37 16.77 3.46 38.09
N PHE L 38 16.64 4.79 38.04
CA PHE L 38 17.69 5.63 37.48
C PHE L 38 18.77 5.87 38.54
N LEU L 39 19.62 4.85 38.72
CA LEU L 39 20.76 4.93 39.61
C LEU L 39 21.98 4.35 38.90
N ALA L 40 23.13 4.97 39.12
CA ALA L 40 24.36 4.58 38.44
C ALA L 40 25.50 4.47 39.44
N TRP L 41 26.39 3.52 39.17
CA TRP L 41 27.59 3.27 39.97
C TRP L 41 28.82 3.54 39.12
N TYR L 42 29.70 4.42 39.62
CA TYR L 42 30.95 4.78 38.99
C TYR L 42 32.12 4.42 39.89
N GLN L 43 33.28 4.23 39.28
CA GLN L 43 34.53 4.06 40.01
C GLN L 43 35.55 5.08 39.53
N GLN L 44 36.36 5.58 40.47
CA GLN L 44 37.35 6.62 40.21
C GLN L 44 38.68 6.21 40.80
N LYS L 45 39.75 6.44 40.05
CA LYS L 45 41.10 6.17 40.48
C LYS L 45 41.89 7.47 40.53
N PRO L 46 42.97 7.53 41.32
CA PRO L 46 43.75 8.77 41.42
C PRO L 46 44.25 9.24 40.06
N GLY L 47 43.96 10.49 39.73
CA GLY L 47 44.36 11.07 38.46
C GLY L 47 43.51 10.66 37.28
N GLN L 48 42.35 10.07 37.51
CA GLN L 48 41.48 9.61 36.42
C GLN L 48 40.06 10.05 36.69
N PRO L 49 39.27 10.26 35.63
CA PRO L 49 37.86 10.62 35.81
C PRO L 49 37.05 9.39 36.19
N PRO L 50 35.85 9.58 36.74
CA PRO L 50 34.98 8.43 37.02
C PRO L 50 34.62 7.67 35.76
N LYS L 51 34.48 6.37 35.89
CA LYS L 51 34.08 5.50 34.79
C LYS L 51 32.76 4.82 35.16
N LEU L 52 31.87 4.72 34.18
CA LEU L 52 30.54 4.16 34.41
C LEU L 52 30.63 2.64 34.52
N LEU L 53 30.27 2.11 35.67
CA LEU L 53 30.22 0.66 35.88
C LEU L 53 28.80 0.11 35.74
N ILE L 54 27.85 0.68 36.46
CA ILE L 54 26.47 0.20 36.47
C ILE L 54 25.54 1.35 36.11
N TYR L 55 24.57 1.07 35.26
CA TYR L 55 23.50 2.00 34.97
C TYR L 55 22.16 1.29 35.09
N TRP L 56 21.09 2.07 35.21
CA TRP L 56 19.75 1.56 35.49
C TRP L 56 19.78 0.80 36.81
N ALA L 57 18.80 -0.08 37.02
CA ALA L 57 18.76 -0.86 38.26
C ALA L 57 19.99 -1.75 38.38
N SER L 58 20.12 -2.73 37.49
CA SER L 58 21.29 -3.59 37.48
C SER L 58 21.70 -3.94 36.05
N THR L 59 22.43 -3.04 35.39
CA THR L 59 22.92 -3.32 34.04
C THR L 59 24.39 -2.94 33.98
N ARG L 60 25.18 -3.79 33.34
CA ARG L 60 26.62 -3.58 33.26
C ARG L 60 26.97 -2.89 31.95
N GLN L 61 27.77 -1.83 32.05
CA GLN L 61 28.28 -1.17 30.86
C GLN L 61 29.17 -2.11 30.07
N SER L 62 29.13 -1.97 28.75
CA SER L 62 29.94 -2.82 27.88
C SER L 62 31.42 -2.63 28.19
N GLY L 63 32.14 -3.74 28.34
CA GLY L 63 33.54 -3.73 28.70
C GLY L 63 33.81 -3.79 30.19
N VAL L 64 32.80 -3.66 31.02
CA VAL L 64 32.98 -3.76 32.47
C VAL L 64 33.18 -5.23 32.85
N PRO L 65 34.13 -5.55 33.73
CA PRO L 65 34.30 -6.95 34.13
C PRO L 65 33.05 -7.51 34.78
N ASP L 66 32.83 -8.81 34.57
CA ASP L 66 31.63 -9.48 35.04
C ASP L 66 31.55 -9.58 36.55
N ARG L 67 32.64 -9.32 37.27
CA ARG L 67 32.59 -9.44 38.73
C ARG L 67 31.73 -8.36 39.36
N PHE L 68 31.71 -7.16 38.78
CA PHE L 68 30.86 -6.10 39.29
C PHE L 68 29.39 -6.41 39.00
N SER L 69 28.54 -6.16 39.98
CA SER L 69 27.11 -6.41 39.81
C SER L 69 26.32 -5.40 40.64
N GLY L 70 25.08 -5.15 40.21
CA GLY L 70 24.18 -4.29 40.94
C GLY L 70 22.92 -5.02 41.34
N SER L 71 22.27 -4.53 42.38
CA SER L 71 21.04 -5.12 42.86
C SER L 71 20.28 -4.09 43.67
N GLY L 72 19.08 -4.46 44.10
CA GLY L 72 18.24 -3.59 44.90
C GLY L 72 17.25 -2.80 44.05
N SER L 73 16.35 -2.11 44.74
CA SER L 73 15.27 -1.40 44.08
C SER L 73 14.49 -0.59 45.10
N GLY L 74 13.75 0.39 44.61
CA GLY L 74 12.87 1.19 45.44
C GLY L 74 13.59 2.29 46.19
N THR L 75 14.28 1.91 47.26
CA THR L 75 15.02 2.87 48.08
C THR L 75 16.44 2.44 48.41
N ASP L 76 16.74 1.14 48.39
CA ASP L 76 18.07 0.63 48.72
C ASP L 76 18.65 -0.07 47.49
N PHE L 77 19.91 0.23 47.19
CA PHE L 77 20.63 -0.40 46.09
C PHE L 77 21.97 -0.88 46.59
N THR L 78 22.53 -1.86 45.89
CA THR L 78 23.74 -2.54 46.35
C THR L 78 24.68 -2.78 45.17
N LEU L 79 25.94 -2.44 45.36
CA LEU L 79 27.00 -2.78 44.42
C LEU L 79 27.86 -3.88 45.01
N THR L 80 28.06 -4.95 44.25
CA THR L 80 28.74 -6.14 44.73
C THR L 80 29.92 -6.48 43.81
N ILE L 81 31.07 -6.72 44.42
CA ILE L 81 32.26 -7.19 43.72
C ILE L 81 32.47 -8.65 44.12
N SER L 82 32.41 -9.55 43.14
CA SER L 82 32.49 -10.98 43.44
C SER L 82 33.85 -11.36 44.00
N SER L 83 34.93 -10.84 43.42
CA SER L 83 36.28 -11.17 43.86
C SER L 83 37.15 -9.93 43.68
N LEU L 84 37.42 -9.23 44.78
CA LEU L 84 38.23 -8.02 44.71
C LEU L 84 39.64 -8.35 44.25
N GLN L 85 40.15 -7.54 43.33
CA GLN L 85 41.48 -7.70 42.77
C GLN L 85 42.31 -6.43 43.01
N ALA L 86 43.57 -6.48 42.60
CA ALA L 86 44.45 -5.33 42.82
C ALA L 86 44.00 -4.11 42.04
N GLU L 87 43.55 -4.31 40.80
CA GLU L 87 43.13 -3.20 39.96
C GLU L 87 41.79 -2.60 40.37
N ASP L 88 41.08 -3.22 41.31
CA ASP L 88 39.78 -2.74 41.75
C ASP L 88 39.87 -1.77 42.92
N VAL L 89 41.08 -1.38 43.32
CA VAL L 89 41.26 -0.42 44.41
C VAL L 89 40.90 0.96 43.87
N ALA L 90 39.70 1.44 44.19
CA ALA L 90 39.22 2.70 43.66
C ALA L 90 38.10 3.22 44.57
N VAL L 91 37.73 4.47 44.36
CA VAL L 91 36.64 5.10 45.09
C VAL L 91 35.35 4.93 44.29
N TYR L 92 34.32 4.39 44.93
CA TYR L 92 33.07 4.06 44.25
C TYR L 92 31.98 5.04 44.65
N TYR L 93 31.26 5.54 43.65
CA TYR L 93 30.19 6.52 43.85
C TYR L 93 28.89 5.99 43.28
N CYS L 94 27.79 6.32 43.97
CA CYS L 94 26.45 6.09 43.46
C CYS L 94 25.78 7.44 43.22
N GLN L 95 25.15 7.53 42.04
CA GLN L 95 24.43 8.71 41.65
C GLN L 95 23.04 8.45 41.18
N GLN L 96 22.17 9.45 41.25
CA GLN L 96 20.83 9.31 40.69
C GLN L 96 20.63 10.35 39.60
N TYR L 97 20.05 9.91 38.47
CA TYR L 97 19.68 10.81 37.40
C TYR L 97 18.19 10.78 37.12
N HIS L 98 17.39 10.38 38.12
CA HIS L 98 15.94 10.38 37.96
C HIS L 98 15.42 11.80 37.80
N THR L 99 15.95 12.75 38.57
CA THR L 99 15.55 14.14 38.48
C THR L 99 16.71 15.03 38.87
N THR L 100 16.81 16.17 38.20
CA THR L 100 17.85 17.14 38.52
C THR L 100 17.60 17.76 39.89
N PRO L 101 18.65 18.13 40.62
CA PRO L 101 20.09 17.99 40.30
C PRO L 101 20.59 16.55 40.43
N LEU L 102 21.66 16.21 39.72
CA LEU L 102 22.25 14.87 39.79
C LEU L 102 23.14 14.81 41.03
N THR L 103 22.64 14.19 42.09
CA THR L 103 23.35 14.13 43.36
C THR L 103 24.16 12.85 43.44
N PHE L 104 25.49 13.00 43.50
CA PHE L 104 26.37 11.86 43.66
C PHE L 104 26.42 11.43 45.13
N GLY L 105 26.88 10.20 45.36
CA GLY L 105 27.01 9.70 46.70
C GLY L 105 28.22 10.25 47.42
N GLY L 106 28.32 9.90 48.71
CA GLY L 106 29.43 10.36 49.51
C GLY L 106 30.77 9.78 49.04
N GLY L 107 30.76 8.55 48.57
CA GLY L 107 31.98 7.92 48.10
C GLY L 107 32.53 6.89 49.05
N THR L 108 32.80 5.68 48.55
CA THR L 108 33.34 4.60 49.35
C THR L 108 34.69 4.18 48.78
N LYS L 109 35.71 4.14 49.63
CA LYS L 109 37.06 3.75 49.24
C LYS L 109 37.29 2.29 49.60
N VAL L 110 37.81 1.53 48.64
CA VAL L 110 38.05 0.10 48.81
C VAL L 110 39.55 -0.14 48.88
N ASP L 111 39.98 -0.82 49.93
CA ASP L 111 41.40 -1.11 50.16
C ASP L 111 41.59 -2.60 50.39
N ILE L 112 42.81 -3.06 50.15
CA ILE L 112 43.18 -4.46 50.31
C ILE L 112 43.85 -4.64 51.66
N LYS L 113 43.40 -5.63 52.41
CA LYS L 113 43.97 -5.92 53.73
C LYS L 113 45.43 -6.35 53.63
C1 NAG M . -0.60 -7.99 30.27
C2 NAG M . -0.58 -9.51 30.43
C3 NAG M . -0.26 -9.90 31.88
C4 NAG M . 1.02 -9.20 32.34
C5 NAG M . 0.92 -7.70 32.11
C6 NAG M . 2.18 -6.95 32.44
C7 NAG M . -3.02 -9.87 30.56
C8 NAG M . -4.18 -10.61 29.97
N2 NAG M . -1.84 -10.12 30.00
O3 NAG M . -0.11 -11.30 31.97
O4 NAG M . 1.23 -9.45 33.73
O5 NAG M . 0.64 -7.44 30.72
O6 NAG M . 1.92 -5.60 32.80
O7 NAG M . -3.17 -9.09 31.50
C1 NAG N . -18.86 9.29 23.24
C2 NAG N . -20.12 9.94 22.68
C3 NAG N . -21.18 10.08 23.78
C4 NAG N . -21.43 8.73 24.45
C5 NAG N . -20.10 8.14 24.93
C6 NAG N . -20.26 6.75 25.52
C7 NAG N . -19.33 12.29 22.74
C8 NAG N . -19.11 13.53 21.92
N2 NAG N . -19.83 11.24 22.08
O3 NAG N . -22.39 10.56 23.20
O4 NAG N . -22.30 8.89 25.55
O5 NAG N . -19.19 8.02 23.84
O6 NAG N . -19.23 6.47 26.46
O7 NAG N . -19.06 12.25 23.94
C1 NAG O . 6.02 16.84 25.72
C2 NAG O . 7.35 17.59 25.58
C3 NAG O . 7.48 18.66 26.67
C4 NAG O . 6.25 19.58 26.66
C5 NAG O . 4.98 18.75 26.76
C6 NAG O . 3.72 19.57 26.64
C7 NAG O . 8.79 15.90 26.68
C8 NAG O . 10.00 15.03 26.51
N2 NAG O . 8.49 16.67 25.63
O3 NAG O . 8.65 19.43 26.43
O4 NAG O . 6.32 20.48 27.75
O5 NAG O . 4.93 17.78 25.69
O6 NAG O . 2.63 18.95 27.31
O7 NAG O . 8.12 15.89 27.70
#